data_5GM4
#
_entry.id   5GM4
#
_cell.length_a   87.907
_cell.length_b   85.278
_cell.length_c   106.025
_cell.angle_alpha   90.000
_cell.angle_beta   92.470
_cell.angle_gamma   90.000
#
_symmetry.space_group_name_H-M   'P 1 21 1'
#
loop_
_entity.id
_entity.type
_entity.pdbx_description
1 polymer Endoglucanase-1
2 branched beta-D-glucopyranose-(1-4)-beta-D-glucopyranose-(1-4)-beta-D-glucopyranose-(1-4)-beta-D-glucopyranose
3 non-polymer 'SULFATE ION'
4 water water
#
_entity_poly.entity_id   1
_entity_poly.type   'polypeptide(L)'
_entity_poly.pdbx_seq_one_letter_code
;AQLCDQYATYTGGVYTINNNLWGKDAGSGSQCTTVNSASSAGTSWSTKWNWSGGENSVKSYANSGLTFNKKLVSQISQIP
TTARWSYDNTGIRADVAYDLFTAADINHVTWSGDYELMIWLARYGGVQPIGSQIATATVDGQTWELWYGANGSQKTYSFV
APTPITSFQGDVNDFFKYLTQNHGFPASSQYLITLQFGTAPFTGGPATLSVSNWSASVQ
;
_entity_poly.pdbx_strand_id   A,B,C,D,E,F,G
#
# COMPACT_ATOMS: atom_id res chain seq x y z
N ALA A 1 -29.15 -11.52 2.52
CA ALA A 1 -27.90 -12.25 2.91
C ALA A 1 -26.56 -11.76 2.31
N GLN A 2 -25.50 -11.97 3.08
CA GLN A 2 -24.11 -11.63 2.70
C GLN A 2 -23.23 -12.88 2.83
N LEU A 3 -22.74 -13.38 1.70
CA LEU A 3 -22.21 -14.73 1.61
C LEU A 3 -20.73 -14.65 1.32
N CYS A 4 -19.92 -14.89 2.34
CA CYS A 4 -18.46 -14.69 2.20
C CYS A 4 -17.67 -15.97 2.26
N ASP A 5 -18.13 -16.95 3.02
CA ASP A 5 -17.46 -18.25 3.04
C ASP A 5 -17.47 -18.93 1.67
N GLN A 6 -16.62 -19.95 1.57
CA GLN A 6 -16.41 -20.67 0.34
C GLN A 6 -17.71 -21.17 -0.28
N TYR A 7 -18.61 -21.79 0.47
CA TYR A 7 -19.83 -22.34 -0.11
C TYR A 7 -21.04 -21.75 0.60
N ALA A 8 -20.92 -20.47 0.98
CA ALA A 8 -22.03 -19.78 1.58
C ALA A 8 -23.12 -19.66 0.53
N THR A 9 -24.37 -19.80 0.97
CA THR A 9 -25.49 -19.95 0.05
C THR A 9 -26.77 -19.36 0.63
N TYR A 10 -27.73 -19.00 -0.22
CA TYR A 10 -29.02 -18.54 0.25
C TYR A 10 -30.01 -18.92 -0.83
N THR A 11 -31.14 -19.48 -0.44
CA THR A 11 -32.22 -19.80 -1.34
C THR A 11 -33.45 -18.94 -1.04
N GLY A 12 -34.09 -18.46 -2.09
CA GLY A 12 -35.41 -17.89 -1.98
C GLY A 12 -36.16 -18.29 -3.23
N GLY A 13 -37.40 -18.73 -3.06
CA GLY A 13 -38.16 -19.26 -4.19
C GLY A 13 -37.41 -20.36 -4.91
N VAL A 14 -37.23 -20.16 -6.22
CA VAL A 14 -36.60 -21.16 -7.06
C VAL A 14 -35.19 -20.78 -7.41
N TYR A 15 -34.62 -19.84 -6.66
CA TYR A 15 -33.26 -19.37 -6.89
C TYR A 15 -32.38 -19.66 -5.71
N THR A 16 -31.21 -20.22 -5.99
CA THR A 16 -30.20 -20.46 -4.98
C THR A 16 -28.96 -19.69 -5.41
N ILE A 17 -28.45 -18.82 -4.54
CA ILE A 17 -27.22 -18.07 -4.78
C ILE A 17 -26.11 -18.69 -3.96
N ASN A 18 -24.98 -19.01 -4.60
CA ASN A 18 -23.82 -19.69 -3.95
C ASN A 18 -22.61 -18.82 -4.22
N ASN A 19 -21.85 -18.45 -3.19
CA ASN A 19 -20.60 -17.76 -3.39
C ASN A 19 -19.63 -18.63 -4.20
N ASN A 20 -19.60 -19.92 -3.87
CA ASN A 20 -18.92 -20.91 -4.69
C ASN A 20 -17.48 -20.63 -5.03
N LEU A 21 -16.66 -20.30 -4.03
CA LEU A 21 -15.23 -20.06 -4.23
C LEU A 21 -14.46 -21.38 -4.37
N TRP A 22 -14.81 -22.16 -5.38
CA TRP A 22 -14.32 -23.54 -5.48
C TRP A 22 -12.85 -23.59 -5.78
N GLY A 23 -12.30 -22.50 -6.32
CA GLY A 23 -10.92 -22.41 -6.63
C GLY A 23 -10.05 -21.56 -5.72
N LYS A 24 -10.57 -21.22 -4.53
CA LYS A 24 -9.91 -20.20 -3.70
C LYS A 24 -8.47 -20.53 -3.30
N ASP A 25 -8.16 -21.82 -3.17
CA ASP A 25 -6.77 -22.25 -2.86
C ASP A 25 -5.76 -22.02 -3.99
N ALA A 26 -6.24 -21.72 -5.20
CA ALA A 26 -5.33 -21.44 -6.31
C ALA A 26 -4.76 -20.04 -6.25
N GLY A 27 -5.25 -19.20 -5.37
CA GLY A 27 -4.71 -17.85 -5.32
C GLY A 27 -4.89 -17.19 -3.98
N SER A 28 -4.84 -15.86 -3.96
CA SER A 28 -4.92 -15.07 -2.75
C SER A 28 -6.03 -14.01 -2.93
N GLY A 29 -6.94 -13.90 -1.98
CA GLY A 29 -7.99 -12.88 -2.06
C GLY A 29 -9.27 -13.29 -1.36
N SER A 30 -10.37 -12.68 -1.76
CA SER A 30 -11.62 -12.87 -1.11
C SER A 30 -12.74 -12.47 -2.04
N GLN A 31 -13.93 -12.91 -1.65
CA GLN A 31 -15.11 -12.66 -2.44
C GLN A 31 -16.33 -12.83 -1.58
N CYS A 32 -17.24 -11.89 -1.73
CA CYS A 32 -18.48 -11.89 -1.02
C CYS A 32 -19.60 -11.61 -1.98
N THR A 33 -20.69 -12.33 -1.76
CA THR A 33 -21.86 -12.27 -2.62
C THR A 33 -23.05 -11.81 -1.81
N THR A 34 -23.75 -10.80 -2.32
CA THR A 34 -24.92 -10.23 -1.67
C THR A 34 -26.19 -10.53 -2.43
N VAL A 35 -27.19 -11.02 -1.74
CA VAL A 35 -28.46 -11.26 -2.39
C VAL A 35 -29.40 -10.12 -2.11
N ASN A 36 -29.95 -9.55 -3.17
CA ASN A 36 -30.84 -8.40 -3.07
C ASN A 36 -32.29 -8.90 -3.07
N SER A 37 -32.60 -9.87 -3.94
CA SER A 37 -33.89 -10.55 -3.91
C SER A 37 -33.76 -11.91 -4.60
N ALA A 38 -34.74 -12.75 -4.34
CA ALA A 38 -34.81 -14.12 -4.86
C ALA A 38 -36.22 -14.60 -4.57
N SER A 39 -37.02 -14.66 -5.63
CA SER A 39 -38.46 -14.86 -5.56
C SER A 39 -38.85 -15.92 -6.59
N SER A 40 -40.15 -16.07 -6.86
CA SER A 40 -40.61 -17.00 -7.89
C SER A 40 -40.36 -16.44 -9.28
N ALA A 41 -40.18 -15.13 -9.39
CA ALA A 41 -40.05 -14.51 -10.71
C ALA A 41 -38.59 -14.27 -11.13
N GLY A 42 -37.68 -14.14 -10.19
CA GLY A 42 -36.36 -13.68 -10.58
C GLY A 42 -35.49 -13.49 -9.39
N THR A 43 -34.22 -13.17 -9.65
CA THR A 43 -33.31 -12.86 -8.56
C THR A 43 -32.42 -11.70 -8.89
N SER A 44 -32.06 -10.92 -7.89
CA SER A 44 -31.05 -9.91 -8.05
C SER A 44 -29.96 -10.09 -6.97
N TRP A 45 -28.70 -9.94 -7.36
CA TRP A 45 -27.56 -10.14 -6.50
C TRP A 45 -26.28 -9.49 -7.03
N SER A 46 -25.25 -9.45 -6.18
CA SER A 46 -23.98 -8.94 -6.61
C SER A 46 -22.88 -9.74 -5.96
N THR A 47 -21.71 -9.67 -6.57
CA THR A 47 -20.53 -10.26 -5.96
C THR A 47 -19.31 -9.40 -6.15
N LYS A 48 -18.56 -9.25 -5.07
CA LYS A 48 -17.40 -8.39 -5.07
C LYS A 48 -16.18 -9.19 -4.69
N TRP A 49 -15.12 -9.06 -5.48
CA TRP A 49 -13.99 -9.95 -5.38
C TRP A 49 -12.71 -9.25 -5.68
N ASN A 50 -11.65 -9.88 -5.20
CA ASN A 50 -10.29 -9.48 -5.51
C ASN A 50 -9.43 -10.74 -5.44
N TRP A 51 -8.77 -11.08 -6.55
CA TRP A 51 -8.01 -12.31 -6.65
C TRP A 51 -6.66 -12.01 -7.27
N SER A 52 -5.62 -12.65 -6.73
CA SER A 52 -4.32 -12.64 -7.33
C SER A 52 -3.71 -14.05 -7.27
N GLY A 53 -2.70 -14.28 -8.10
CA GLY A 53 -2.03 -15.58 -8.23
C GLY A 53 -2.79 -16.61 -9.05
N GLY A 54 -2.17 -17.76 -9.37
CA GLY A 54 -2.86 -18.82 -10.08
C GLY A 54 -3.53 -18.27 -11.32
N GLU A 55 -2.77 -17.50 -12.10
CA GLU A 55 -3.37 -16.59 -13.08
C GLU A 55 -4.14 -17.30 -14.19
N ASN A 56 -3.91 -18.61 -14.33
CA ASN A 56 -4.66 -19.40 -15.31
C ASN A 56 -5.63 -20.37 -14.68
N SER A 57 -5.97 -20.14 -13.40
CA SER A 57 -6.92 -20.97 -12.68
C SER A 57 -8.10 -20.13 -12.20
N VAL A 58 -9.31 -20.62 -12.42
CA VAL A 58 -10.48 -19.90 -11.97
C VAL A 58 -10.61 -20.01 -10.45
N LYS A 59 -10.96 -18.93 -9.77
CA LYS A 59 -11.01 -18.87 -8.32
C LYS A 59 -12.35 -19.25 -7.79
N SER A 60 -13.40 -19.01 -8.60
CA SER A 60 -14.74 -19.09 -8.12
C SER A 60 -15.73 -19.07 -9.31
N TYR A 61 -16.96 -19.46 -9.02
CA TYR A 61 -18.07 -19.22 -9.90
C TYR A 61 -19.29 -18.94 -9.04
N ALA A 62 -19.28 -17.75 -8.43
CA ALA A 62 -20.45 -17.25 -7.72
C ALA A 62 -21.59 -17.10 -8.71
N ASN A 63 -22.77 -17.52 -8.31
CA ASN A 63 -23.84 -17.73 -9.26
C ASN A 63 -25.19 -17.77 -8.62
N SER A 64 -26.24 -17.51 -9.39
CA SER A 64 -27.57 -17.94 -9.06
C SER A 64 -27.97 -19.11 -9.95
N GLY A 65 -28.57 -20.12 -9.33
CA GLY A 65 -28.98 -21.36 -9.99
C GLY A 65 -30.48 -21.54 -9.81
N LEU A 66 -31.08 -22.20 -10.80
CA LEU A 66 -32.51 -22.41 -10.84
C LEU A 66 -32.89 -23.79 -10.28
N THR A 67 -33.94 -23.85 -9.46
CA THR A 67 -34.57 -25.12 -9.14
C THR A 67 -35.58 -25.42 -10.24
N PHE A 68 -35.47 -26.60 -10.84
CA PHE A 68 -36.39 -26.99 -11.92
C PHE A 68 -36.60 -28.49 -11.96
N ASN A 69 -37.62 -28.90 -12.70
CA ASN A 69 -37.88 -30.32 -12.88
C ASN A 69 -36.90 -30.83 -13.92
N LYS A 70 -36.04 -31.75 -13.50
CA LYS A 70 -35.00 -32.27 -14.37
C LYS A 70 -35.62 -33.14 -15.45
N LYS A 71 -35.17 -32.97 -16.69
CA LYS A 71 -35.61 -33.83 -17.77
C LYS A 71 -34.59 -33.99 -18.85
N LEU A 72 -34.84 -34.99 -19.70
CA LEU A 72 -34.00 -35.22 -20.85
C LEU A 72 -34.04 -33.96 -21.70
N VAL A 73 -32.89 -33.64 -22.25
CA VAL A 73 -32.79 -32.49 -23.12
C VAL A 73 -33.73 -32.58 -24.31
N SER A 74 -33.94 -33.79 -24.83
CA SER A 74 -34.79 -33.97 -26.00
C SER A 74 -36.25 -33.73 -25.65
N GLN A 75 -36.57 -33.77 -24.35
CA GLN A 75 -37.95 -33.49 -23.91
C GLN A 75 -38.20 -32.03 -23.51
N ILE A 76 -37.16 -31.22 -23.52
CA ILE A 76 -37.32 -29.78 -23.26
C ILE A 76 -37.86 -29.02 -24.47
N SER A 77 -38.85 -28.15 -24.25
CA SER A 77 -39.40 -27.27 -25.29
C SER A 77 -38.74 -25.91 -25.27
N GLN A 78 -38.64 -25.29 -24.09
CA GLN A 78 -38.01 -23.98 -23.97
C GLN A 78 -37.25 -23.89 -22.66
N ILE A 79 -36.23 -23.04 -22.66
CA ILE A 79 -35.56 -22.56 -21.45
C ILE A 79 -35.47 -21.05 -21.53
N PRO A 80 -36.62 -20.37 -21.34
CA PRO A 80 -36.53 -18.92 -21.43
C PRO A 80 -35.69 -18.31 -20.30
N THR A 81 -34.93 -17.28 -20.61
CA THR A 81 -34.09 -16.65 -19.62
C THR A 81 -33.87 -15.19 -19.96
N THR A 82 -33.67 -14.40 -18.91
CA THR A 82 -33.20 -13.02 -19.03
C THR A 82 -32.07 -12.80 -18.01
N ALA A 83 -31.08 -12.02 -18.41
CA ALA A 83 -29.97 -11.64 -17.57
C ALA A 83 -29.63 -10.20 -17.86
N ARG A 84 -29.58 -9.41 -16.80
CA ARG A 84 -29.13 -8.03 -16.90
C ARG A 84 -28.09 -7.82 -15.84
N TRP A 85 -26.92 -7.33 -16.25
CA TRP A 85 -25.80 -7.24 -15.31
C TRP A 85 -24.86 -6.13 -15.73
N SER A 86 -23.94 -5.74 -14.84
CA SER A 86 -22.81 -4.92 -15.23
C SER A 86 -21.67 -5.12 -14.24
N TYR A 87 -20.48 -4.79 -14.68
CA TYR A 87 -19.29 -4.77 -13.84
C TYR A 87 -18.89 -3.30 -13.70
N ASP A 88 -18.47 -2.94 -12.50
CA ASP A 88 -17.93 -1.63 -12.22
C ASP A 88 -16.50 -1.45 -12.69
N ASN A 89 -15.81 -2.55 -12.93
CA ASN A 89 -14.37 -2.51 -13.20
C ASN A 89 -14.10 -3.66 -14.17
N THR A 90 -13.66 -3.31 -15.37
CA THR A 90 -13.48 -4.30 -16.42
C THR A 90 -12.00 -4.50 -16.69
N GLY A 91 -11.17 -3.87 -15.87
CA GLY A 91 -9.73 -4.06 -15.93
C GLY A 91 -9.41 -5.34 -15.17
N ILE A 92 -9.91 -6.46 -15.66
CA ILE A 92 -9.91 -7.71 -14.92
C ILE A 92 -9.68 -8.84 -15.91
N ARG A 93 -9.48 -10.05 -15.40
CA ARG A 93 -9.38 -11.27 -16.18
C ARG A 93 -10.45 -12.18 -15.67
N ALA A 94 -11.56 -12.26 -16.42
CA ALA A 94 -12.73 -12.92 -15.91
C ALA A 94 -13.75 -13.04 -17.05
N ASP A 95 -14.77 -13.85 -16.82
CA ASP A 95 -15.90 -13.96 -17.74
C ASP A 95 -17.23 -13.99 -17.00
N VAL A 96 -18.31 -13.70 -17.72
CA VAL A 96 -19.65 -13.73 -17.20
C VAL A 96 -20.43 -14.72 -18.05
N ALA A 97 -21.04 -15.73 -17.42
CA ALA A 97 -21.55 -16.88 -18.18
C ALA A 97 -22.70 -17.63 -17.52
N TYR A 98 -23.55 -18.14 -18.39
CA TYR A 98 -24.47 -19.18 -18.05
C TYR A 98 -23.61 -20.46 -17.95
N ASP A 99 -23.96 -21.32 -17.01
CA ASP A 99 -23.36 -22.64 -16.91
C ASP A 99 -24.44 -23.69 -16.73
N LEU A 100 -24.50 -24.65 -17.65
CA LEU A 100 -25.45 -25.75 -17.52
C LEU A 100 -24.71 -27.07 -17.55
N PHE A 101 -25.20 -28.04 -16.80
CA PHE A 101 -24.65 -29.39 -16.82
C PHE A 101 -25.72 -30.38 -17.24
N THR A 102 -25.30 -31.40 -17.99
CA THR A 102 -26.13 -32.56 -18.30
C THR A 102 -25.41 -33.86 -17.91
N ALA A 103 -26.20 -34.86 -17.56
CA ALA A 103 -25.64 -36.19 -17.30
C ALA A 103 -26.66 -37.26 -17.70
N ALA A 104 -26.12 -38.42 -18.06
CA ALA A 104 -26.93 -39.62 -18.30
C ALA A 104 -27.62 -40.08 -17.03
N ASP A 105 -26.95 -39.87 -15.91
CA ASP A 105 -27.52 -40.20 -14.60
C ASP A 105 -28.21 -38.97 -14.05
N ILE A 106 -29.51 -39.05 -13.83
CA ILE A 106 -30.31 -37.89 -13.37
C ILE A 106 -29.94 -37.44 -11.95
N ASN A 107 -29.24 -38.30 -11.23
CA ASN A 107 -28.73 -37.99 -9.90
C ASN A 107 -27.26 -37.66 -9.90
N HIS A 108 -26.70 -37.26 -11.04
CA HIS A 108 -25.30 -36.91 -11.07
C HIS A 108 -25.05 -35.71 -10.12
N VAL A 109 -23.83 -35.58 -9.61
CA VAL A 109 -23.52 -34.38 -8.83
C VAL A 109 -23.78 -33.15 -9.72
N THR A 110 -24.23 -32.04 -9.13
CA THR A 110 -24.77 -30.93 -9.92
C THR A 110 -23.76 -29.83 -10.15
N TRP A 111 -22.52 -30.09 -9.74
CA TRP A 111 -21.44 -29.17 -10.01
C TRP A 111 -20.55 -29.63 -11.15
N SER A 112 -20.92 -30.73 -11.79
CA SER A 112 -20.25 -31.15 -13.01
C SER A 112 -21.22 -32.02 -13.86
N GLY A 113 -20.81 -32.35 -15.08
CA GLY A 113 -21.70 -33.10 -15.99
C GLY A 113 -20.92 -34.07 -16.84
N ASP A 114 -21.63 -34.93 -17.56
CA ASP A 114 -21.06 -35.62 -18.74
C ASP A 114 -20.77 -34.55 -19.78
N TYR A 115 -21.72 -33.61 -19.90
CA TYR A 115 -21.53 -32.45 -20.73
C TYR A 115 -21.79 -31.14 -19.95
N GLU A 116 -21.21 -30.08 -20.46
CA GLU A 116 -21.48 -28.74 -19.94
C GLU A 116 -21.78 -27.83 -21.13
N LEU A 117 -22.79 -26.98 -20.97
CA LEU A 117 -23.05 -25.93 -21.95
C LEU A 117 -22.92 -24.59 -21.22
N MET A 118 -22.01 -23.76 -21.72
CA MET A 118 -21.80 -22.40 -21.23
C MET A 118 -22.20 -21.39 -22.32
N ILE A 119 -22.71 -20.24 -21.88
CA ILE A 119 -22.96 -19.14 -22.77
C ILE A 119 -22.34 -17.91 -22.11
N TRP A 120 -21.24 -17.46 -22.70
CA TRP A 120 -20.44 -16.38 -22.20
C TRP A 120 -20.97 -15.06 -22.76
N LEU A 121 -21.55 -14.29 -21.86
CA LEU A 121 -22.08 -12.97 -22.19
C LEU A 121 -20.97 -11.95 -22.19
N ALA A 122 -19.82 -12.25 -21.59
CA ALA A 122 -18.71 -11.33 -21.68
C ALA A 122 -17.44 -12.03 -21.25
N ARG A 123 -16.35 -11.58 -21.83
CA ARG A 123 -15.04 -11.90 -21.30
C ARG A 123 -14.12 -10.72 -21.32
N TYR A 124 -13.23 -10.69 -20.34
CA TYR A 124 -12.32 -9.60 -20.14
C TYR A 124 -10.91 -10.14 -20.05
N GLY A 125 -9.95 -9.41 -20.61
CA GLY A 125 -8.55 -9.75 -20.48
C GLY A 125 -8.15 -10.96 -21.29
N GLY A 126 -8.99 -11.37 -22.23
CA GLY A 126 -8.59 -12.41 -23.18
C GLY A 126 -8.75 -13.83 -22.67
N VAL A 127 -9.37 -14.02 -21.52
CA VAL A 127 -9.56 -15.35 -21.00
C VAL A 127 -10.52 -16.12 -21.90
N GLN A 128 -10.30 -17.42 -22.00
CA GLN A 128 -10.95 -18.22 -23.02
C GLN A 128 -11.52 -19.47 -22.37
N PRO A 129 -12.51 -20.05 -23.03
CA PRO A 129 -13.13 -21.27 -22.57
C PRO A 129 -12.10 -22.42 -22.61
N ILE A 130 -12.49 -23.55 -22.06
CA ILE A 130 -11.76 -24.79 -22.29
C ILE A 130 -11.80 -25.25 -23.75
N GLY A 131 -10.65 -25.69 -24.26
CA GLY A 131 -10.61 -26.34 -25.58
C GLY A 131 -10.23 -25.37 -26.67
N SER A 132 -10.88 -25.50 -27.83
CA SER A 132 -10.52 -24.66 -28.97
C SER A 132 -11.81 -24.17 -29.59
N GLN A 133 -11.71 -23.07 -30.31
CA GLN A 133 -12.83 -22.64 -31.11
C GLN A 133 -13.05 -23.56 -32.31
N ILE A 134 -14.25 -24.11 -32.41
CA ILE A 134 -14.51 -25.09 -33.46
C ILE A 134 -15.44 -24.60 -34.55
N ALA A 135 -16.14 -23.49 -34.34
CA ALA A 135 -17.15 -23.04 -35.30
C ALA A 135 -17.57 -21.64 -34.90
N THR A 136 -18.11 -20.92 -35.87
CA THR A 136 -19.02 -19.82 -35.59
C THR A 136 -20.46 -20.28 -35.72
N ALA A 137 -21.22 -20.15 -34.64
CA ALA A 137 -22.61 -20.59 -34.62
C ALA A 137 -23.57 -19.40 -34.66
N THR A 138 -24.63 -19.55 -35.43
CA THR A 138 -25.67 -18.55 -35.47
C THR A 138 -26.84 -19.15 -34.73
N VAL A 139 -27.21 -18.54 -33.60
CA VAL A 139 -28.27 -19.08 -32.74
C VAL A 139 -29.28 -17.99 -32.51
N ASP A 140 -30.52 -18.25 -32.90
CA ASP A 140 -31.57 -17.22 -32.87
C ASP A 140 -31.07 -15.90 -33.47
N GLY A 141 -30.45 -16.01 -34.65
CA GLY A 141 -30.11 -14.81 -35.44
C GLY A 141 -28.85 -14.06 -35.00
N GLN A 142 -28.16 -14.58 -33.99
CA GLN A 142 -26.99 -13.93 -33.43
C GLN A 142 -25.80 -14.89 -33.49
N THR A 143 -24.61 -14.35 -33.74
CA THR A 143 -23.43 -15.16 -33.92
C THR A 143 -22.63 -15.28 -32.62
N TRP A 144 -22.23 -16.53 -32.35
CA TRP A 144 -21.44 -16.94 -31.19
C TRP A 144 -20.20 -17.68 -31.68
N GLU A 145 -19.06 -17.42 -31.05
CA GLU A 145 -17.93 -18.32 -31.26
C GLU A 145 -18.30 -19.58 -30.51
N LEU A 146 -18.15 -20.75 -31.12
CA LEU A 146 -18.42 -22.01 -30.42
C LEU A 146 -17.14 -22.76 -30.09
N TRP A 147 -16.90 -22.97 -28.80
CA TRP A 147 -15.69 -23.65 -28.29
C TRP A 147 -16.09 -25.02 -27.85
N TYR A 148 -15.18 -25.96 -28.02
CA TYR A 148 -15.35 -27.26 -27.46
C TYR A 148 -14.04 -27.72 -26.84
N GLY A 149 -14.19 -28.27 -25.64
CA GLY A 149 -13.05 -28.67 -24.84
C GLY A 149 -13.44 -29.83 -23.95
N ALA A 150 -12.44 -30.55 -23.45
CA ALA A 150 -12.74 -31.66 -22.58
C ALA A 150 -11.57 -31.88 -21.65
N ASN A 151 -11.89 -32.32 -20.45
CA ASN A 151 -10.83 -32.70 -19.51
C ASN A 151 -10.83 -34.22 -19.25
N GLY A 152 -11.44 -35.00 -20.14
CA GLY A 152 -11.43 -36.46 -19.99
C GLY A 152 -12.62 -37.08 -19.26
N SER A 153 -13.40 -36.29 -18.53
CA SER A 153 -14.72 -36.75 -18.06
C SER A 153 -15.90 -35.83 -18.47
N GLN A 154 -15.63 -34.54 -18.44
CA GLN A 154 -16.64 -33.55 -18.79
C GLN A 154 -16.27 -32.93 -20.13
N LYS A 155 -17.26 -32.94 -21.02
CA LYS A 155 -17.15 -32.31 -22.33
C LYS A 155 -17.97 -31.01 -22.37
N THR A 156 -17.32 -29.93 -22.76
CA THR A 156 -17.85 -28.60 -22.53
C THR A 156 -17.90 -27.85 -23.85
N TYR A 157 -19.11 -27.44 -24.21
CA TYR A 157 -19.33 -26.50 -25.26
C TYR A 157 -19.58 -25.10 -24.68
N SER A 158 -18.82 -24.15 -25.16
CA SER A 158 -18.96 -22.77 -24.71
C SER A 158 -19.32 -21.94 -25.92
N PHE A 159 -20.47 -21.28 -25.86
CA PHE A 159 -20.80 -20.23 -26.79
C PHE A 159 -20.35 -18.86 -26.31
N VAL A 160 -19.54 -18.14 -27.08
CA VAL A 160 -18.94 -16.91 -26.60
C VAL A 160 -19.37 -15.72 -27.43
N ALA A 161 -19.98 -14.76 -26.75
CA ALA A 161 -20.38 -13.51 -27.43
C ALA A 161 -19.18 -12.72 -27.92
N PRO A 162 -19.15 -12.42 -29.24
CA PRO A 162 -18.05 -11.62 -29.75
C PRO A 162 -17.89 -10.28 -29.03
N THR A 163 -18.97 -9.62 -28.66
CA THR A 163 -18.86 -8.43 -27.80
C THR A 163 -19.79 -8.60 -26.63
N PRO A 164 -19.50 -7.92 -25.51
CA PRO A 164 -20.28 -8.17 -24.32
C PRO A 164 -21.74 -7.89 -24.50
N ILE A 165 -22.55 -8.72 -23.88
CA ILE A 165 -24.00 -8.56 -23.85
C ILE A 165 -24.44 -8.37 -22.41
N THR A 166 -24.78 -7.14 -22.02
CA THR A 166 -25.15 -6.82 -20.65
C THR A 166 -26.64 -6.92 -20.42
N SER A 167 -27.40 -7.08 -21.50
CA SER A 167 -28.82 -7.34 -21.36
C SER A 167 -29.27 -8.47 -22.30
N PHE A 168 -29.43 -9.68 -21.78
CA PHE A 168 -29.65 -10.86 -22.60
C PHE A 168 -31.05 -11.34 -22.33
N GLN A 169 -31.69 -11.80 -23.41
CA GLN A 169 -32.97 -12.43 -23.32
C GLN A 169 -33.01 -13.45 -24.44
N GLY A 170 -33.26 -14.70 -24.09
CA GLY A 170 -33.25 -15.75 -25.10
C GLY A 170 -33.75 -17.06 -24.56
N ASP A 171 -33.55 -18.10 -25.36
CA ASP A 171 -34.09 -19.40 -25.00
C ASP A 171 -32.91 -20.35 -25.10
N VAL A 172 -32.48 -20.89 -23.95
CA VAL A 172 -31.23 -21.64 -23.88
C VAL A 172 -31.37 -22.95 -24.62
N ASN A 173 -32.61 -23.41 -24.74
CA ASN A 173 -32.88 -24.60 -25.55
C ASN A 173 -32.50 -24.42 -27.03
N ASP A 174 -32.45 -23.18 -27.55
CA ASP A 174 -31.95 -22.96 -28.92
C ASP A 174 -30.49 -23.39 -29.06
N PHE A 175 -29.72 -23.25 -27.99
CA PHE A 175 -28.34 -23.67 -28.01
C PHE A 175 -28.22 -25.21 -27.92
N PHE A 176 -29.01 -25.87 -27.08
CA PHE A 176 -29.04 -27.35 -27.08
C PHE A 176 -29.48 -27.91 -28.44
N LYS A 177 -30.52 -27.31 -29.00
CA LYS A 177 -30.98 -27.69 -30.35
C LYS A 177 -29.88 -27.60 -31.37
N TYR A 178 -29.12 -26.52 -31.32
CA TYR A 178 -28.04 -26.28 -32.22
C TYR A 178 -26.99 -27.41 -32.02
N LEU A 179 -26.66 -27.70 -30.78
CA LEU A 179 -25.69 -28.79 -30.50
C LEU A 179 -26.20 -30.16 -30.93
N THR A 180 -27.48 -30.42 -30.67
CA THR A 180 -28.08 -31.68 -31.04
C THR A 180 -28.03 -31.84 -32.57
N GLN A 181 -28.33 -30.77 -33.29
CA GLN A 181 -28.55 -30.83 -34.74
C GLN A 181 -27.26 -30.73 -35.54
N ASN A 182 -26.21 -30.16 -34.94
CA ASN A 182 -25.00 -29.82 -35.66
C ASN A 182 -23.77 -30.51 -35.10
N HIS A 183 -23.80 -30.98 -33.86
CA HIS A 183 -22.61 -31.54 -33.19
C HIS A 183 -22.90 -32.87 -32.51
N GLY A 184 -24.00 -33.51 -32.87
CA GLY A 184 -24.34 -34.82 -32.38
C GLY A 184 -24.50 -34.91 -30.88
N PHE A 185 -24.93 -33.84 -30.22
CA PHE A 185 -25.15 -33.89 -28.79
C PHE A 185 -26.25 -34.91 -28.51
N PRO A 186 -26.04 -35.81 -27.52
CA PRO A 186 -26.98 -36.88 -27.26
C PRO A 186 -28.17 -36.47 -26.43
N ALA A 187 -29.00 -35.59 -26.99
CA ALA A 187 -30.10 -34.99 -26.25
C ALA A 187 -31.05 -36.02 -25.69
N SER A 188 -31.17 -37.18 -26.34
CA SER A 188 -32.21 -38.13 -25.94
C SER A 188 -31.75 -39.03 -24.81
N SER A 189 -30.47 -38.94 -24.43
CA SER A 189 -30.01 -39.67 -23.26
C SER A 189 -29.32 -38.78 -22.17
N GLN A 190 -29.52 -37.47 -22.25
CA GLN A 190 -28.86 -36.56 -21.31
C GLN A 190 -29.92 -35.76 -20.59
N TYR A 191 -29.87 -35.86 -19.26
CA TYR A 191 -30.70 -35.03 -18.37
C TYR A 191 -30.03 -33.69 -18.08
N LEU A 192 -30.82 -32.64 -18.22
CA LEU A 192 -30.37 -31.32 -17.77
C LEU A 192 -30.47 -31.35 -16.25
N ILE A 193 -29.35 -31.11 -15.59
CA ILE A 193 -29.35 -31.14 -14.13
C ILE A 193 -29.06 -29.84 -13.41
N THR A 194 -28.46 -28.88 -14.11
CA THR A 194 -28.02 -27.63 -13.49
C THR A 194 -28.16 -26.51 -14.48
N LEU A 195 -28.68 -25.37 -14.02
CA LEU A 195 -28.78 -24.16 -14.82
C LEU A 195 -28.44 -22.96 -13.91
N GLN A 196 -27.30 -22.36 -14.18
CA GLN A 196 -26.71 -21.27 -13.40
C GLN A 196 -26.27 -20.08 -14.26
N PHE A 197 -26.15 -18.92 -13.61
CA PHE A 197 -25.60 -17.74 -14.23
C PHE A 197 -24.72 -17.01 -13.21
N GLY A 198 -23.52 -16.60 -13.62
CA GLY A 198 -22.59 -15.93 -12.71
C GLY A 198 -21.31 -15.54 -13.39
N THR A 199 -20.24 -15.42 -12.62
CA THR A 199 -19.00 -14.89 -13.14
C THR A 199 -17.85 -15.77 -12.64
N ALA A 200 -16.89 -15.99 -13.52
CA ALA A 200 -15.69 -16.80 -13.20
C ALA A 200 -14.48 -15.93 -13.32
N PRO A 201 -13.94 -15.48 -12.18
CA PRO A 201 -12.74 -14.71 -12.19
C PRO A 201 -11.44 -15.50 -12.09
N PHE A 202 -10.43 -14.99 -12.78
CA PHE A 202 -9.05 -15.44 -12.70
C PHE A 202 -8.24 -14.50 -11.81
N THR A 203 -8.09 -13.25 -12.22
CA THR A 203 -7.30 -12.28 -11.51
C THR A 203 -7.88 -10.88 -11.70
N GLY A 204 -7.57 -10.01 -10.74
CA GLY A 204 -8.04 -8.63 -10.72
C GLY A 204 -8.77 -8.19 -9.47
N GLY A 205 -9.25 -6.95 -9.51
CA GLY A 205 -10.16 -6.45 -8.52
C GLY A 205 -9.48 -5.42 -7.67
N PRO A 206 -10.24 -4.79 -6.77
CA PRO A 206 -11.60 -5.19 -6.47
C PRO A 206 -12.52 -4.92 -7.63
N ALA A 207 -13.50 -5.77 -7.81
CA ALA A 207 -14.45 -5.66 -8.91
C ALA A 207 -15.75 -6.25 -8.44
N THR A 208 -16.85 -5.67 -8.89
CA THR A 208 -18.15 -6.07 -8.45
C THR A 208 -19.04 -6.31 -9.68
N LEU A 209 -19.57 -7.53 -9.79
CA LEU A 209 -20.62 -7.84 -10.73
C LEU A 209 -21.96 -7.54 -10.06
N SER A 210 -22.77 -6.68 -10.70
CA SER A 210 -24.13 -6.43 -10.26
C SER A 210 -25.13 -7.07 -11.21
N VAL A 211 -25.88 -8.06 -10.73
CA VAL A 211 -26.89 -8.71 -11.51
C VAL A 211 -28.21 -8.07 -11.07
N SER A 212 -28.73 -7.17 -11.90
CA SER A 212 -29.97 -6.48 -11.56
C SER A 212 -31.15 -7.43 -11.73
N ASN A 213 -31.07 -8.37 -12.65
CA ASN A 213 -32.11 -9.40 -12.72
C ASN A 213 -31.58 -10.65 -13.42
N TRP A 214 -31.91 -11.82 -12.88
CA TRP A 214 -31.72 -13.09 -13.59
C TRP A 214 -32.98 -13.87 -13.37
N SER A 215 -33.49 -14.42 -14.46
CA SER A 215 -34.73 -15.20 -14.48
C SER A 215 -34.49 -16.37 -15.41
N ALA A 216 -35.07 -17.51 -15.07
CA ALA A 216 -35.03 -18.65 -15.98
C ALA A 216 -36.14 -19.60 -15.64
N SER A 217 -36.53 -20.42 -16.62
CA SER A 217 -37.39 -21.56 -16.35
C SER A 217 -37.11 -22.65 -17.36
N VAL A 218 -37.52 -23.87 -17.02
CA VAL A 218 -37.36 -25.01 -17.92
C VAL A 218 -38.71 -25.69 -18.13
N GLN A 219 -39.15 -25.76 -19.39
CA GLN A 219 -40.44 -26.32 -19.78
C GLN A 219 -40.24 -27.47 -20.77
N GLN B 2 -20.77 -14.79 21.96
CA GLN B 2 -19.83 -13.85 21.27
C GLN B 2 -18.83 -13.19 22.20
N LEU B 3 -17.55 -13.36 21.91
CA LEU B 3 -16.48 -12.82 22.75
C LEU B 3 -15.85 -11.64 22.02
N CYS B 4 -16.18 -10.41 22.40
CA CYS B 4 -15.74 -9.22 21.67
C CYS B 4 -14.75 -8.38 22.43
N ASP B 5 -14.88 -8.36 23.75
CA ASP B 5 -13.95 -7.63 24.59
C ASP B 5 -12.53 -8.16 24.44
N GLN B 6 -11.59 -7.35 24.91
CA GLN B 6 -10.19 -7.66 24.75
C GLN B 6 -9.84 -9.05 25.23
N TYR B 7 -10.19 -9.38 26.47
CA TYR B 7 -9.88 -10.71 27.00
C TYR B 7 -11.11 -11.52 27.35
N ALA B 8 -12.17 -11.42 26.53
CA ALA B 8 -13.37 -12.21 26.77
C ALA B 8 -13.10 -13.69 26.45
N THR B 9 -13.49 -14.57 27.37
CA THR B 9 -13.17 -16.01 27.30
C THR B 9 -14.42 -16.84 27.55
N TYR B 10 -14.37 -18.05 27.03
CA TYR B 10 -15.35 -19.07 27.27
C TYR B 10 -14.56 -20.32 27.63
N THR B 11 -15.01 -21.04 28.66
CA THR B 11 -14.39 -22.28 29.08
C THR B 11 -15.37 -23.42 28.85
N GLY B 12 -14.95 -24.44 28.14
CA GLY B 12 -15.70 -25.67 27.95
C GLY B 12 -14.78 -26.86 28.15
N GLY B 13 -14.95 -27.55 29.27
CA GLY B 13 -14.07 -28.68 29.62
C GLY B 13 -12.64 -28.22 29.78
N VAL B 14 -11.74 -28.83 29.00
CA VAL B 14 -10.31 -28.50 29.10
C VAL B 14 -9.90 -27.40 28.11
N TYR B 15 -10.88 -26.79 27.44
CA TYR B 15 -10.63 -25.77 26.43
C TYR B 15 -11.08 -24.42 26.93
N THR B 16 -10.21 -23.44 26.73
CA THR B 16 -10.55 -22.07 27.02
C THR B 16 -10.33 -21.29 25.74
N ILE B 17 -11.37 -20.61 25.28
CA ILE B 17 -11.28 -19.78 24.11
C ILE B 17 -11.22 -18.30 24.52
N ASN B 18 -10.24 -17.57 23.98
CA ASN B 18 -9.96 -16.22 24.41
C ASN B 18 -9.86 -15.34 23.18
N ASN B 19 -10.55 -14.21 23.17
CA ASN B 19 -10.47 -13.24 22.07
C ASN B 19 -9.04 -12.68 22.01
N ASN B 20 -8.44 -12.46 23.18
CA ASN B 20 -7.05 -12.05 23.32
C ASN B 20 -6.60 -10.99 22.34
N LEU B 21 -7.20 -9.80 22.42
CA LEU B 21 -6.83 -8.67 21.57
C LEU B 21 -5.72 -7.89 22.24
N TRP B 22 -4.64 -8.59 22.52
CA TRP B 22 -3.60 -8.05 23.34
C TRP B 22 -2.93 -6.86 22.66
N GLY B 23 -2.95 -6.78 21.33
CA GLY B 23 -2.26 -5.74 20.60
C GLY B 23 -3.18 -4.70 19.98
N LYS B 24 -4.35 -4.55 20.55
CA LYS B 24 -5.42 -3.76 19.91
C LYS B 24 -5.04 -2.29 19.84
N ASP B 25 -4.18 -1.83 20.75
CA ASP B 25 -3.86 -0.39 20.80
C ASP B 25 -2.84 -0.04 19.72
N ALA B 26 -2.25 -1.02 19.05
CA ALA B 26 -1.32 -0.71 17.95
C ALA B 26 -2.04 -0.37 16.66
N GLY B 27 -3.36 -0.59 16.62
CA GLY B 27 -4.10 -0.41 15.39
C GLY B 27 -5.54 -0.02 15.57
N SER B 28 -6.24 0.04 14.46
CA SER B 28 -7.62 0.39 14.49
C SER B 28 -8.44 -0.75 13.88
N GLY B 29 -9.55 -1.11 14.53
CA GLY B 29 -10.50 -2.10 13.97
C GLY B 29 -11.13 -2.86 15.13
N SER B 30 -11.53 -4.09 14.91
CA SER B 30 -12.31 -4.82 15.88
C SER B 30 -12.30 -6.32 15.57
N GLN B 31 -12.63 -7.13 16.57
CA GLN B 31 -12.54 -8.58 16.40
C GLN B 31 -13.45 -9.26 17.41
N CYS B 32 -14.18 -10.25 16.95
CA CYS B 32 -15.06 -11.00 17.84
C CYS B 32 -14.85 -12.48 17.59
N THR B 33 -14.87 -13.25 18.65
CA THR B 33 -14.65 -14.67 18.61
C THR B 33 -15.94 -15.39 19.07
N THR B 34 -16.36 -16.38 18.32
CA THR B 34 -17.56 -17.14 18.61
C THR B 34 -17.20 -18.61 18.85
N VAL B 35 -17.73 -19.20 19.90
CA VAL B 35 -17.53 -20.62 20.20
C VAL B 35 -18.70 -21.45 19.73
N ASN B 36 -18.42 -22.49 18.97
CA ASN B 36 -19.44 -23.39 18.53
C ASN B 36 -19.64 -24.59 19.47
N SER B 37 -18.53 -25.16 19.91
CA SER B 37 -18.57 -26.38 20.72
C SER B 37 -17.24 -26.56 21.45
N ALA B 38 -17.25 -27.40 22.48
CA ALA B 38 -16.04 -27.71 23.22
C ALA B 38 -16.30 -28.94 24.09
N SER B 39 -15.73 -30.07 23.69
CA SER B 39 -15.91 -31.32 24.40
C SER B 39 -14.61 -32.13 24.35
N SER B 40 -14.70 -33.42 24.62
CA SER B 40 -13.49 -34.24 24.58
C SER B 40 -13.08 -34.53 23.13
N ALA B 41 -13.99 -34.32 22.18
CA ALA B 41 -13.65 -34.43 20.76
C ALA B 41 -12.83 -33.23 20.26
N GLY B 42 -12.78 -32.18 21.06
CA GLY B 42 -12.11 -30.93 20.66
C GLY B 42 -13.09 -29.79 20.59
N THR B 43 -12.57 -28.63 20.22
CA THR B 43 -13.35 -27.40 20.16
C THR B 43 -13.46 -26.83 18.75
N SER B 44 -14.63 -26.24 18.45
CA SER B 44 -14.84 -25.52 17.20
C SER B 44 -15.22 -24.09 17.56
N TRP B 45 -14.54 -23.15 16.92
CA TRP B 45 -14.80 -21.75 17.14
C TRP B 45 -14.40 -20.96 15.90
N SER B 46 -14.71 -19.67 15.90
CA SER B 46 -14.39 -18.84 14.76
C SER B 46 -14.05 -17.44 15.25
N THR B 47 -13.21 -16.72 14.53
CA THR B 47 -12.96 -15.35 14.89
C THR B 47 -12.98 -14.50 13.65
N LYS B 48 -13.58 -13.34 13.78
CA LYS B 48 -13.83 -12.44 12.67
C LYS B 48 -13.23 -11.10 13.00
N TRP B 49 -12.38 -10.57 12.12
CA TRP B 49 -11.60 -9.39 12.44
C TRP B 49 -11.38 -8.48 11.26
N ASN B 50 -11.10 -7.23 11.58
CA ASN B 50 -10.61 -6.27 10.62
C ASN B 50 -9.67 -5.35 11.34
N TRP B 51 -8.45 -5.22 10.80
CA TRP B 51 -7.41 -4.47 11.47
C TRP B 51 -6.69 -3.64 10.43
N SER B 52 -6.41 -2.39 10.80
CA SER B 52 -5.51 -1.55 10.02
C SER B 52 -4.51 -0.77 10.92
N GLY B 53 -3.47 -0.19 10.31
CA GLY B 53 -2.43 0.51 11.03
C GLY B 53 -1.50 -0.42 11.78
N GLY B 54 -0.46 0.16 12.35
CA GLY B 54 0.60 -0.61 13.01
C GLY B 54 0.92 -1.85 12.25
N GLU B 55 1.31 -1.69 10.99
CA GLU B 55 1.29 -2.82 10.05
C GLU B 55 2.34 -3.89 10.38
N ASN B 56 3.32 -3.57 11.22
CA ASN B 56 4.28 -4.58 11.65
C ASN B 56 4.10 -5.08 13.06
N SER B 57 2.94 -4.77 13.63
CA SER B 57 2.57 -5.19 14.97
C SER B 57 1.35 -6.10 14.91
N VAL B 58 1.44 -7.21 15.65
CA VAL B 58 0.32 -8.11 15.86
C VAL B 58 -0.77 -7.44 16.69
N LYS B 59 -2.00 -7.59 16.24
CA LYS B 59 -3.13 -6.99 16.95
C LYS B 59 -3.74 -7.89 18.02
N SER B 60 -3.66 -9.21 17.81
CA SER B 60 -4.41 -10.16 18.64
C SER B 60 -3.85 -11.56 18.40
N TYR B 61 -4.23 -12.48 19.28
CA TYR B 61 -3.99 -13.89 19.08
C TYR B 61 -5.21 -14.58 19.71
N ALA B 62 -6.39 -14.41 19.09
CA ALA B 62 -7.55 -15.19 19.47
C ALA B 62 -7.16 -16.67 19.34
N ASN B 63 -7.55 -17.47 20.31
CA ASN B 63 -7.05 -18.80 20.37
C ASN B 63 -7.91 -19.70 21.25
N SER B 64 -7.76 -21.00 21.05
CA SER B 64 -8.20 -22.00 22.03
C SER B 64 -6.96 -22.59 22.69
N GLY B 65 -6.99 -22.69 24.02
CA GLY B 65 -5.89 -23.13 24.84
C GLY B 65 -6.32 -24.27 25.71
N LEU B 66 -5.36 -25.14 26.01
CA LEU B 66 -5.61 -26.42 26.69
C LEU B 66 -5.25 -26.31 28.19
N THR B 67 -6.14 -26.79 29.06
CA THR B 67 -5.84 -27.00 30.47
C THR B 67 -5.20 -28.37 30.61
N PHE B 68 -3.97 -28.38 31.15
CA PHE B 68 -3.19 -29.62 31.28
C PHE B 68 -2.29 -29.55 32.52
N ASN B 69 -1.77 -30.71 32.89
CA ASN B 69 -0.79 -30.84 33.97
C ASN B 69 0.61 -30.46 33.48
N LYS B 70 1.13 -29.35 33.99
CA LYS B 70 2.34 -28.76 33.44
C LYS B 70 3.49 -29.63 33.93
N LYS B 71 4.49 -29.87 33.08
CA LYS B 71 5.63 -30.65 33.55
C LYS B 71 6.82 -30.27 32.72
N LEU B 72 7.97 -30.77 33.12
CA LEU B 72 9.19 -30.56 32.36
C LEU B 72 9.03 -31.15 30.97
N VAL B 73 9.59 -30.46 29.99
CA VAL B 73 9.52 -30.92 28.61
C VAL B 73 10.19 -32.28 28.45
N SER B 74 11.22 -32.57 29.26
CA SER B 74 11.86 -33.88 29.25
C SER B 74 10.93 -35.02 29.71
N GLN B 75 9.94 -34.67 30.50
CA GLN B 75 9.01 -35.65 31.06
C GLN B 75 7.76 -35.88 30.21
N ILE B 76 7.63 -35.17 29.09
CA ILE B 76 6.47 -35.34 28.21
C ILE B 76 6.77 -36.46 27.24
N SER B 77 5.83 -37.39 27.06
CA SER B 77 5.94 -38.43 26.06
C SER B 77 5.18 -38.11 24.76
N GLN B 78 4.06 -37.39 24.85
CA GLN B 78 3.32 -37.04 23.64
C GLN B 78 2.41 -35.86 23.85
N ILE B 79 2.26 -35.05 22.80
CA ILE B 79 1.31 -33.95 22.75
C ILE B 79 0.54 -34.18 21.46
N PRO B 80 -0.38 -35.16 21.47
CA PRO B 80 -1.17 -35.40 20.25
C PRO B 80 -2.12 -34.23 20.03
N THR B 81 -2.29 -33.83 18.78
CA THR B 81 -3.14 -32.69 18.47
C THR B 81 -3.63 -32.82 17.03
N THR B 82 -4.80 -32.23 16.81
CA THR B 82 -5.35 -32.05 15.47
C THR B 82 -5.85 -30.61 15.37
N ALA B 83 -5.75 -30.05 14.16
CA ALA B 83 -6.24 -28.72 13.88
C ALA B 83 -6.80 -28.73 12.45
N ARG B 84 -8.08 -28.39 12.31
CA ARG B 84 -8.74 -28.27 11.03
C ARG B 84 -9.42 -26.93 10.94
N TRP B 85 -9.02 -26.14 9.95
CA TRP B 85 -9.41 -24.75 9.93
C TRP B 85 -9.46 -24.27 8.49
N SER B 86 -10.04 -23.09 8.28
CA SER B 86 -10.03 -22.40 6.98
C SER B 86 -10.18 -20.91 7.21
N TYR B 87 -9.63 -20.12 6.30
CA TYR B 87 -9.92 -18.70 6.20
C TYR B 87 -10.79 -18.41 4.98
N ASP B 88 -11.75 -17.49 5.14
CA ASP B 88 -12.56 -17.07 4.01
C ASP B 88 -11.85 -16.15 3.04
N ASN B 89 -10.95 -15.35 3.62
CA ASN B 89 -10.28 -14.26 2.96
C ASN B 89 -8.78 -14.46 3.26
N THR B 90 -8.00 -14.73 2.22
CA THR B 90 -6.58 -14.95 2.33
C THR B 90 -5.75 -13.78 1.87
N GLY B 91 -6.44 -12.71 1.46
CA GLY B 91 -5.83 -11.41 1.14
C GLY B 91 -5.62 -10.57 2.38
N ILE B 92 -4.77 -11.10 3.24
CA ILE B 92 -4.57 -10.59 4.58
C ILE B 92 -3.09 -10.69 4.89
N ARG B 93 -2.67 -10.04 5.96
CA ARG B 93 -1.36 -10.21 6.54
C ARG B 93 -1.52 -10.79 7.91
N ALA B 94 -1.28 -12.08 8.04
CA ALA B 94 -1.63 -12.80 9.28
C ALA B 94 -1.02 -14.19 9.23
N ASP B 95 -1.02 -14.86 10.38
CA ASP B 95 -0.63 -16.25 10.42
C ASP B 95 -1.60 -17.10 11.24
N VAL B 96 -1.54 -18.40 11.04
CA VAL B 96 -2.34 -19.37 11.82
C VAL B 96 -1.34 -20.30 12.47
N ALA B 97 -1.39 -20.39 13.81
CA ALA B 97 -0.29 -21.02 14.55
C ALA B 97 -0.68 -21.63 15.87
N TYR B 98 0.04 -22.72 16.20
CA TYR B 98 0.20 -23.17 17.56
C TYR B 98 1.14 -22.20 18.25
N ASP B 99 0.89 -22.01 19.54
CA ASP B 99 1.75 -21.20 20.41
C ASP B 99 1.87 -21.89 21.76
N LEU B 100 3.10 -22.25 22.09
CA LEU B 100 3.41 -22.88 23.36
C LEU B 100 4.53 -22.09 24.05
N PHE B 101 4.38 -21.94 25.35
CA PHE B 101 5.42 -21.35 26.18
C PHE B 101 5.99 -22.35 27.16
N THR B 102 7.28 -22.16 27.47
CA THR B 102 7.94 -22.91 28.53
C THR B 102 8.72 -21.93 29.38
N ALA B 103 8.88 -22.30 30.65
CA ALA B 103 9.62 -21.46 31.59
C ALA B 103 10.26 -22.35 32.64
N ALA B 104 11.36 -21.85 33.20
CA ALA B 104 12.07 -22.57 34.28
C ALA B 104 11.26 -22.61 35.58
N ASP B 105 10.36 -21.66 35.75
CA ASP B 105 9.45 -21.62 36.87
C ASP B 105 8.08 -22.17 36.42
N ILE B 106 7.60 -23.24 37.04
CA ILE B 106 6.33 -23.85 36.66
C ILE B 106 5.15 -22.89 36.85
N ASN B 107 5.32 -21.92 37.72
CA ASN B 107 4.27 -20.94 38.01
C ASN B 107 4.44 -19.63 37.22
N HIS B 108 5.21 -19.65 36.15
CA HIS B 108 5.40 -18.45 35.31
C HIS B 108 4.09 -18.01 34.69
N VAL B 109 3.90 -16.70 34.47
CA VAL B 109 2.70 -16.23 33.77
C VAL B 109 2.56 -16.99 32.43
N THR B 110 1.33 -17.27 32.02
CA THR B 110 1.14 -18.21 30.93
C THR B 110 1.09 -17.51 29.58
N TRP B 111 1.32 -16.21 29.57
CA TRP B 111 1.29 -15.44 28.32
C TRP B 111 2.67 -15.08 27.76
N SER B 112 3.72 -15.65 28.34
CA SER B 112 5.05 -15.55 27.79
C SER B 112 5.88 -16.65 28.42
N GLY B 113 7.13 -16.76 28.03
CA GLY B 113 7.97 -17.83 28.52
C GLY B 113 9.42 -17.46 28.43
N ASP B 114 10.28 -18.26 29.04
CA ASP B 114 11.69 -18.24 28.70
C ASP B 114 11.88 -18.62 27.25
N TYR B 115 11.10 -19.62 26.81
CA TYR B 115 11.07 -20.09 25.44
C TYR B 115 9.63 -20.10 24.97
N GLU B 116 9.53 -20.00 23.66
CA GLU B 116 8.27 -20.17 22.93
C GLU B 116 8.51 -21.12 21.79
N LEU B 117 7.55 -22.00 21.54
CA LEU B 117 7.57 -22.81 20.36
C LEU B 117 6.31 -22.52 19.59
N MET B 118 6.46 -22.15 18.32
CA MET B 118 5.30 -21.91 17.47
C MET B 118 5.31 -22.85 16.31
N ILE B 119 4.12 -23.27 15.88
CA ILE B 119 4.00 -24.09 14.68
C ILE B 119 3.00 -23.44 13.77
N TRP B 120 3.50 -22.87 12.67
CA TRP B 120 2.69 -22.02 11.80
C TRP B 120 2.14 -22.87 10.71
N LEU B 121 0.82 -23.10 10.75
CA LEU B 121 0.20 -23.88 9.74
C LEU B 121 -0.05 -23.07 8.48
N ALA B 122 -0.05 -21.74 8.60
CA ALA B 122 -0.25 -20.90 7.45
C ALA B 122 0.32 -19.53 7.71
N ARG B 123 0.79 -18.92 6.65
CA ARG B 123 1.15 -17.51 6.67
C ARG B 123 0.66 -16.83 5.41
N TYR B 124 0.15 -15.61 5.57
CA TYR B 124 -0.35 -14.86 4.45
C TYR B 124 0.33 -13.51 4.39
N GLY B 125 0.60 -13.03 3.19
CA GLY B 125 1.12 -11.69 2.98
C GLY B 125 2.61 -11.53 3.36
N GLY B 126 3.31 -12.65 3.52
CA GLY B 126 4.75 -12.60 3.77
C GLY B 126 5.14 -12.22 5.18
N VAL B 127 4.20 -12.29 6.13
CA VAL B 127 4.55 -11.99 7.52
C VAL B 127 5.49 -13.08 8.03
N GLN B 128 6.44 -12.74 8.89
CA GLN B 128 7.45 -13.73 9.24
C GLN B 128 7.46 -13.87 10.74
N PRO B 129 7.89 -15.03 11.22
CA PRO B 129 8.22 -15.21 12.63
C PRO B 129 9.27 -14.24 13.14
N ILE B 130 9.36 -14.09 14.46
CA ILE B 130 10.47 -13.34 15.04
C ILE B 130 11.83 -13.98 14.67
N GLY B 131 12.83 -13.16 14.34
CA GLY B 131 14.17 -13.70 14.14
C GLY B 131 14.48 -13.89 12.69
N SER B 132 15.11 -15.02 12.37
CA SER B 132 15.50 -15.36 11.03
C SER B 132 15.41 -16.86 10.92
N GLN B 133 15.34 -17.34 9.68
CA GLN B 133 15.26 -18.74 9.39
C GLN B 133 16.66 -19.30 9.59
N ILE B 134 16.76 -20.40 10.31
CA ILE B 134 18.06 -20.94 10.70
C ILE B 134 18.30 -22.34 10.19
N ALA B 135 17.27 -22.95 9.62
CA ALA B 135 17.34 -24.34 9.24
C ALA B 135 16.07 -24.71 8.51
N THR B 136 16.12 -25.82 7.80
CA THR B 136 14.93 -26.50 7.33
C THR B 136 14.89 -27.80 8.08
N ALA B 137 13.84 -28.02 8.86
CA ALA B 137 13.74 -29.19 9.70
C ALA B 137 12.73 -30.15 9.11
N THR B 138 13.03 -31.44 9.20
CA THR B 138 12.10 -32.47 8.89
C THR B 138 11.61 -33.05 10.19
N VAL B 139 10.28 -33.06 10.37
CA VAL B 139 9.63 -33.48 11.62
C VAL B 139 8.50 -34.36 11.17
N ASP B 140 8.51 -35.59 11.67
CA ASP B 140 7.56 -36.62 11.28
C ASP B 140 7.34 -36.72 9.77
N GLY B 141 8.43 -36.69 9.03
CA GLY B 141 8.37 -36.87 7.59
C GLY B 141 7.79 -35.68 6.86
N GLN B 142 7.94 -34.51 7.43
CA GLN B 142 7.48 -33.30 6.75
C GLN B 142 8.48 -32.18 6.99
N THR B 143 8.62 -31.26 6.04
CA THR B 143 9.63 -30.23 6.12
C THR B 143 8.96 -28.96 6.58
N TRP B 144 9.68 -28.26 7.45
CA TRP B 144 9.28 -27.00 8.03
C TRP B 144 10.44 -26.05 7.84
N GLU B 145 10.18 -24.77 7.60
CA GLU B 145 11.19 -23.75 7.88
C GLU B 145 11.35 -23.52 9.39
N LEU B 146 12.56 -23.56 9.93
CA LEU B 146 12.75 -23.37 11.37
C LEU B 146 13.32 -22.00 11.61
N TRP B 147 12.56 -21.14 12.28
CA TRP B 147 13.06 -19.83 12.67
C TRP B 147 13.42 -19.74 14.13
N TYR B 148 14.33 -18.82 14.41
CA TYR B 148 14.72 -18.54 15.76
C TYR B 148 14.89 -17.04 15.94
N GLY B 149 14.26 -16.51 16.97
CA GLY B 149 14.36 -15.11 17.34
C GLY B 149 14.30 -14.92 18.83
N ALA B 150 14.70 -13.74 19.31
CA ALA B 150 14.75 -13.43 20.72
C ALA B 150 14.40 -11.99 20.88
N ASN B 151 13.68 -11.71 21.95
CA ASN B 151 13.07 -10.41 22.19
C ASN B 151 13.00 -10.31 23.68
N GLY B 152 13.87 -9.43 24.20
CA GLY B 152 14.14 -9.39 25.64
C GLY B 152 14.50 -10.78 26.16
N SER B 153 13.61 -11.35 26.97
CA SER B 153 13.88 -12.58 27.71
C SER B 153 13.26 -13.83 27.06
N GLN B 154 12.43 -13.62 26.04
CA GLN B 154 11.73 -14.74 25.42
C GLN B 154 12.41 -15.16 24.13
N LYS B 155 12.79 -16.44 24.07
CA LYS B 155 13.45 -17.01 22.92
C LYS B 155 12.50 -17.90 22.13
N THR B 156 12.28 -17.57 20.87
CA THR B 156 11.18 -18.21 20.12
C THR B 156 11.69 -19.01 18.98
N TYR B 157 11.31 -20.29 18.95
CA TYR B 157 11.48 -21.13 17.77
C TYR B 157 10.14 -21.23 17.05
N SER B 158 10.11 -20.90 15.76
CA SER B 158 8.88 -21.02 14.96
C SER B 158 9.13 -21.99 13.81
N PHE B 159 8.40 -23.09 13.77
CA PHE B 159 8.36 -24.01 12.62
C PHE B 159 7.25 -23.54 11.68
N VAL B 160 7.59 -23.25 10.42
CA VAL B 160 6.61 -22.67 9.48
C VAL B 160 6.37 -23.60 8.31
N ALA B 161 5.11 -23.87 8.05
CA ALA B 161 4.76 -24.69 6.91
C ALA B 161 5.05 -23.92 5.62
N PRO B 162 5.62 -24.59 4.61
CA PRO B 162 5.92 -23.80 3.41
C PRO B 162 4.66 -23.33 2.68
N THR B 163 3.59 -24.12 2.73
CA THR B 163 2.28 -23.74 2.21
C THR B 163 1.22 -24.13 3.24
N PRO B 164 0.00 -23.55 3.19
CA PRO B 164 -0.88 -23.72 4.35
C PRO B 164 -1.32 -25.15 4.56
N ILE B 165 -1.42 -25.57 5.81
CA ILE B 165 -1.91 -26.91 6.16
C ILE B 165 -3.21 -26.68 6.88
N THR B 166 -4.32 -26.89 6.19
CA THR B 166 -5.63 -26.64 6.74
C THR B 166 -6.19 -27.83 7.50
N SER B 167 -5.52 -28.98 7.39
CA SER B 167 -5.87 -30.16 8.17
C SER B 167 -4.61 -30.84 8.72
N PHE B 168 -4.31 -30.55 9.97
CA PHE B 168 -3.08 -31.00 10.59
C PHE B 168 -3.38 -32.03 11.66
N GLN B 169 -2.52 -33.04 11.74
CA GLN B 169 -2.60 -33.96 12.83
C GLN B 169 -1.16 -34.37 13.13
N GLY B 170 -0.76 -34.27 14.38
CA GLY B 170 0.64 -34.54 14.72
C GLY B 170 0.88 -34.57 16.20
N ASP B 171 2.15 -34.74 16.57
CA ASP B 171 2.51 -34.80 17.98
C ASP B 171 3.46 -33.63 18.18
N VAL B 172 3.02 -32.61 18.91
CA VAL B 172 3.83 -31.42 19.11
C VAL B 172 5.10 -31.77 19.81
N ASN B 173 5.13 -32.90 20.52
CA ASN B 173 6.38 -33.28 21.20
C ASN B 173 7.49 -33.67 20.24
N ASP B 174 7.15 -34.04 19.01
CA ASP B 174 8.16 -34.24 17.97
C ASP B 174 8.98 -33.01 17.68
N PHE B 175 8.36 -31.85 17.86
CA PHE B 175 9.02 -30.60 17.60
C PHE B 175 9.91 -30.29 18.78
N PHE B 176 9.41 -30.49 20.01
CA PHE B 176 10.30 -30.30 21.17
C PHE B 176 11.55 -31.21 21.09
N LYS B 177 11.36 -32.47 20.73
CA LYS B 177 12.46 -33.41 20.64
C LYS B 177 13.46 -32.95 19.59
N TYR B 178 12.96 -32.45 18.46
CA TYR B 178 13.84 -31.92 17.42
C TYR B 178 14.69 -30.77 17.99
N LEU B 179 14.07 -29.82 18.68
CA LEU B 179 14.84 -28.74 19.28
C LEU B 179 15.83 -29.24 20.32
N THR B 180 15.41 -30.23 21.09
CA THR B 180 16.24 -30.72 22.17
C THR B 180 17.49 -31.40 21.59
N GLN B 181 17.33 -32.21 20.54
CA GLN B 181 18.40 -32.99 19.93
C GLN B 181 19.31 -32.13 19.05
N ASN B 182 18.73 -31.13 18.38
CA ASN B 182 19.43 -30.42 17.34
C ASN B 182 19.80 -29.00 17.68
N HIS B 183 19.20 -28.40 18.70
CA HIS B 183 19.34 -26.98 18.93
C HIS B 183 19.57 -26.65 20.38
N GLY B 184 19.99 -27.65 21.15
CA GLY B 184 20.31 -27.40 22.55
C GLY B 184 19.15 -26.90 23.39
N PHE B 185 17.91 -27.14 22.99
CA PHE B 185 16.77 -26.73 23.85
C PHE B 185 16.84 -27.38 25.25
N PRO B 186 16.78 -26.57 26.33
CA PRO B 186 17.01 -27.11 27.69
C PRO B 186 15.75 -27.81 28.24
N ALA B 187 15.38 -28.92 27.62
CA ALA B 187 14.17 -29.64 27.98
C ALA B 187 14.17 -30.09 29.43
N SER B 188 15.35 -30.26 30.04
CA SER B 188 15.45 -30.84 31.38
C SER B 188 15.16 -29.84 32.46
N SER B 189 15.10 -28.57 32.09
CA SER B 189 14.80 -27.54 33.07
C SER B 189 13.75 -26.56 32.60
N GLN B 190 13.01 -26.90 31.54
CA GLN B 190 11.93 -26.02 31.07
C GLN B 190 10.59 -26.74 31.24
N TYR B 191 9.66 -26.11 31.94
CA TYR B 191 8.28 -26.56 32.09
C TYR B 191 7.42 -26.08 30.92
N LEU B 192 6.67 -26.99 30.34
CA LEU B 192 5.62 -26.60 29.41
C LEU B 192 4.47 -25.99 30.21
N ILE B 193 4.13 -24.73 29.91
CA ILE B 193 3.16 -24.00 30.69
C ILE B 193 1.94 -23.56 29.89
N THR B 194 2.04 -23.51 28.56
CA THR B 194 0.92 -23.06 27.72
C THR B 194 0.90 -23.83 26.42
N LEU B 195 -0.32 -24.12 25.95
CA LEU B 195 -0.53 -24.78 24.67
C LEU B 195 -1.82 -24.25 24.03
N GLN B 196 -1.66 -23.46 22.97
CA GLN B 196 -2.76 -22.74 22.33
C GLN B 196 -2.71 -22.90 20.81
N PHE B 197 -3.83 -22.63 20.17
CA PHE B 197 -3.93 -22.63 18.73
C PHE B 197 -4.81 -21.48 18.31
N GLY B 198 -4.35 -20.69 17.34
CA GLY B 198 -5.18 -19.62 16.79
C GLY B 198 -4.50 -18.83 15.69
N THR B 199 -4.84 -17.54 15.62
CA THR B 199 -4.41 -16.74 14.50
C THR B 199 -3.91 -15.41 15.05
N ALA B 200 -2.81 -14.96 14.46
CA ALA B 200 -2.28 -13.62 14.71
C ALA B 200 -2.38 -12.70 13.47
N PRO B 201 -3.31 -11.74 13.49
CA PRO B 201 -3.42 -10.77 12.40
C PRO B 201 -2.57 -9.55 12.62
N PHE B 202 -2.08 -9.04 11.51
CA PHE B 202 -1.38 -7.78 11.46
C PHE B 202 -2.36 -6.76 10.82
N THR B 203 -2.74 -7.01 9.57
CA THR B 203 -3.64 -6.13 8.81
C THR B 203 -4.50 -6.88 7.82
N GLY B 204 -5.64 -6.28 7.49
CA GLY B 204 -6.55 -6.81 6.50
C GLY B 204 -7.97 -6.85 7.02
N GLY B 205 -8.82 -7.49 6.22
CA GLY B 205 -10.12 -7.95 6.68
C GLY B 205 -11.22 -7.10 6.04
N PRO B 206 -12.50 -7.40 6.28
CA PRO B 206 -12.95 -8.40 7.22
C PRO B 206 -12.48 -9.77 6.80
N ALA B 207 -12.07 -10.56 7.78
CA ALA B 207 -11.67 -11.94 7.54
C ALA B 207 -12.10 -12.81 8.72
N THR B 208 -12.41 -14.07 8.45
CA THR B 208 -12.89 -15.00 9.48
C THR B 208 -12.12 -16.31 9.43
N LEU B 209 -11.50 -16.64 10.55
CA LEU B 209 -10.89 -17.94 10.71
C LEU B 209 -11.96 -18.83 11.28
N SER B 210 -12.17 -19.96 10.64
CA SER B 210 -13.16 -20.92 11.08
C SER B 210 -12.39 -22.16 11.50
N VAL B 211 -12.35 -22.47 12.80
CA VAL B 211 -11.66 -23.65 13.32
C VAL B 211 -12.74 -24.69 13.52
N SER B 212 -12.80 -25.64 12.60
CA SER B 212 -13.82 -26.68 12.73
C SER B 212 -13.47 -27.68 13.85
N ASN B 213 -12.17 -27.90 14.13
CA ASN B 213 -11.77 -28.80 15.21
C ASN B 213 -10.35 -28.45 15.67
N TRP B 214 -10.21 -28.23 16.96
CA TRP B 214 -8.90 -28.27 17.58
C TRP B 214 -8.97 -29.18 18.77
N SER B 215 -8.04 -30.12 18.86
CA SER B 215 -7.94 -30.92 20.08
C SER B 215 -6.49 -31.08 20.44
N ALA B 216 -6.26 -31.30 21.71
CA ALA B 216 -4.89 -31.51 22.18
C ALA B 216 -4.88 -32.22 23.53
N SER B 217 -3.75 -32.85 23.86
CA SER B 217 -3.57 -33.36 25.21
C SER B 217 -2.07 -33.44 25.43
N VAL B 218 -1.66 -33.37 26.69
CA VAL B 218 -0.27 -33.43 27.05
C VAL B 218 -0.08 -34.62 28.01
N GLN B 219 0.67 -35.62 27.59
CA GLN B 219 0.96 -36.75 28.49
C GLN B 219 2.45 -36.81 28.74
N ALA C 1 23.69 -8.25 25.88
CA ALA C 1 23.85 -9.73 25.70
C ALA C 1 24.31 -10.11 24.26
N GLN C 2 25.57 -10.45 24.07
CA GLN C 2 26.18 -10.42 22.76
C GLN C 2 25.74 -11.59 21.95
N LEU C 3 25.78 -11.42 20.65
CA LEU C 3 25.35 -12.50 19.79
C LEU C 3 26.59 -13.21 19.23
N CYS C 4 26.92 -14.41 19.72
CA CYS C 4 28.16 -15.10 19.32
C CYS C 4 27.93 -16.38 18.59
N ASP C 5 26.85 -17.08 18.90
CA ASP C 5 26.46 -18.27 18.17
C ASP C 5 26.20 -17.97 16.70
N GLN C 6 26.30 -19.00 15.87
CA GLN C 6 26.20 -18.90 14.41
C GLN C 6 24.99 -18.08 13.99
N TYR C 7 23.84 -18.34 14.60
CA TYR C 7 22.62 -17.57 14.30
C TYR C 7 22.01 -16.95 15.53
N ALA C 8 22.84 -16.41 16.41
CA ALA C 8 22.35 -15.59 17.48
C ALA C 8 21.70 -14.36 16.92
N THR C 9 20.73 -13.82 17.64
CA THR C 9 19.85 -12.80 17.06
C THR C 9 19.13 -12.05 18.16
N TYR C 10 18.76 -10.80 17.89
CA TYR C 10 18.03 -9.95 18.81
C TYR C 10 17.07 -9.09 18.00
N THR C 11 15.83 -9.01 18.46
CA THR C 11 14.85 -8.13 17.86
C THR C 11 14.42 -6.99 18.78
N GLY C 12 14.48 -5.76 18.29
CA GLY C 12 13.87 -4.61 18.98
C GLY C 12 13.07 -3.74 18.04
N GLY C 13 11.81 -3.54 18.35
CA GLY C 13 10.93 -2.85 17.41
C GLY C 13 11.00 -3.53 16.04
N VAL C 14 11.26 -2.73 15.01
CA VAL C 14 11.24 -3.27 13.66
C VAL C 14 12.64 -3.66 13.18
N TYR C 15 13.60 -3.76 14.10
CA TYR C 15 14.95 -4.12 13.71
C TYR C 15 15.38 -5.42 14.35
N THR C 16 15.94 -6.29 13.51
CA THR C 16 16.45 -7.59 13.92
C THR C 16 17.93 -7.61 13.59
N ILE C 17 18.74 -7.86 14.61
CA ILE C 17 20.20 -7.92 14.46
C ILE C 17 20.64 -9.35 14.60
N ASN C 18 21.39 -9.82 13.60
CA ASN C 18 21.73 -11.22 13.42
C ASN C 18 23.24 -11.38 13.28
N ASN C 19 23.82 -12.34 13.99
CA ASN C 19 25.25 -12.65 13.82
C ASN C 19 25.47 -13.31 12.48
N ASN C 20 24.58 -14.23 12.13
CA ASN C 20 24.54 -14.79 10.81
C ASN C 20 25.89 -15.29 10.25
N LEU C 21 26.53 -16.17 11.02
CA LEU C 21 27.81 -16.76 10.62
C LEU C 21 27.62 -17.91 9.68
N TRP C 22 27.05 -17.62 8.52
CA TRP C 22 26.48 -18.64 7.68
C TRP C 22 27.57 -19.45 6.98
N GLY C 23 28.72 -18.83 6.73
CA GLY C 23 29.83 -19.48 6.05
C GLY C 23 30.95 -19.90 6.99
N LYS C 24 30.67 -19.97 8.29
CA LYS C 24 31.73 -20.17 9.29
C LYS C 24 32.50 -21.49 9.11
N ASP C 25 31.92 -22.46 8.43
CA ASP C 25 32.64 -23.73 8.21
C ASP C 25 33.60 -23.67 7.02
N ALA C 26 33.73 -22.51 6.36
CA ALA C 26 34.63 -22.38 5.21
C ALA C 26 36.03 -22.00 5.63
N GLY C 27 36.14 -21.45 6.84
CA GLY C 27 37.43 -21.17 7.45
C GLY C 27 37.44 -21.31 8.97
N SER C 28 38.40 -20.64 9.61
CA SER C 28 38.58 -20.73 11.06
C SER C 28 38.57 -19.34 11.59
N GLY C 29 37.95 -19.17 12.76
CA GLY C 29 38.03 -17.93 13.52
C GLY C 29 36.74 -17.74 14.30
N SER C 30 36.38 -16.50 14.62
CA SER C 30 35.24 -16.19 15.47
C SER C 30 34.62 -14.82 15.18
N GLN C 31 33.36 -14.68 15.57
CA GLN C 31 32.68 -13.39 15.41
C GLN C 31 31.55 -13.22 16.39
N CYS C 32 31.51 -12.07 17.02
CA CYS C 32 30.43 -11.70 17.92
C CYS C 32 29.84 -10.37 17.47
N THR C 33 28.53 -10.23 17.61
CA THR C 33 27.79 -9.02 17.27
C THR C 33 27.08 -8.48 18.51
N THR C 34 27.12 -7.18 18.69
CA THR C 34 26.67 -6.52 19.87
C THR C 34 25.60 -5.51 19.50
N VAL C 35 24.45 -5.59 20.15
CA VAL C 35 23.40 -4.61 19.92
C VAL C 35 23.53 -3.50 20.92
N ASN C 36 23.48 -2.24 20.46
CA ASN C 36 23.54 -1.07 21.35
C ASN C 36 22.20 -0.48 21.61
N SER C 37 21.36 -0.48 20.58
CA SER C 37 20.02 0.05 20.66
C SER C 37 19.22 -0.49 19.47
N ALA C 38 17.91 -0.68 19.64
CA ALA C 38 17.07 -1.08 18.51
C ALA C 38 15.68 -0.71 18.86
N SER C 39 15.11 0.27 18.15
CA SER C 39 13.79 0.80 18.47
C SER C 39 13.04 1.02 17.17
N SER C 40 11.80 1.52 17.28
CA SER C 40 11.04 2.02 16.11
C SER C 40 11.82 2.99 15.20
N ALA C 41 12.77 3.74 15.76
CA ALA C 41 13.48 4.83 15.10
C ALA C 41 14.75 4.41 14.36
N GLY C 42 15.39 3.33 14.79
CA GLY C 42 16.66 2.93 14.23
C GLY C 42 17.42 2.05 15.19
N THR C 43 18.62 1.65 14.79
CA THR C 43 19.41 0.70 15.52
C THR C 43 20.89 1.09 15.47
N SER C 44 21.60 0.73 16.52
CA SER C 44 23.03 0.87 16.59
C SER C 44 23.56 -0.45 17.08
N TRP C 45 24.63 -0.92 16.46
CA TRP C 45 25.22 -2.20 16.76
C TRP C 45 26.66 -2.24 16.25
N SER C 46 27.34 -3.34 16.56
CA SER C 46 28.72 -3.53 16.13
C SER C 46 29.02 -5.00 16.01
N THR C 47 30.04 -5.36 15.24
CA THR C 47 30.38 -6.76 15.09
C THR C 47 31.89 -6.86 14.95
N LYS C 48 32.45 -7.83 15.66
CA LYS C 48 33.92 -7.98 15.80
C LYS C 48 34.30 -9.39 15.35
N TRP C 49 35.16 -9.48 14.33
CA TRP C 49 35.47 -10.79 13.75
C TRP C 49 36.98 -10.99 13.50
N ASN C 50 37.32 -12.26 13.25
CA ASN C 50 38.66 -12.67 12.88
C ASN C 50 38.51 -13.96 12.10
N TRP C 51 38.87 -13.94 10.83
CA TRP C 51 38.71 -15.11 9.98
C TRP C 51 39.99 -15.43 9.19
N SER C 52 40.22 -16.73 8.95
CA SER C 52 41.25 -17.18 8.02
C SER C 52 40.80 -18.42 7.29
N GLY C 53 41.47 -18.72 6.18
CA GLY C 53 41.09 -19.84 5.32
C GLY C 53 39.96 -19.53 4.37
N GLY C 54 39.67 -20.46 3.48
CA GLY C 54 38.59 -20.32 2.50
C GLY C 54 38.57 -18.90 1.97
N GLU C 55 39.73 -18.43 1.52
CA GLU C 55 39.95 -16.99 1.33
C GLU C 55 38.95 -16.34 0.34
N ASN C 56 38.37 -17.15 -0.54
CA ASN C 56 37.43 -16.66 -1.53
C ASN C 56 35.96 -16.97 -1.19
N SER C 57 35.73 -17.20 0.09
CA SER C 57 34.43 -17.61 0.60
C SER C 57 34.08 -16.70 1.75
N VAL C 58 32.87 -16.20 1.69
CA VAL C 58 32.38 -15.29 2.69
C VAL C 58 32.10 -16.16 3.92
N LYS C 59 32.50 -15.69 5.10
CA LYS C 59 32.27 -16.42 6.35
C LYS C 59 30.94 -16.09 7.02
N SER C 60 30.50 -14.82 6.91
CA SER C 60 29.34 -14.33 7.63
C SER C 60 28.68 -13.11 6.97
N TYR C 61 27.47 -12.77 7.37
CA TYR C 61 26.92 -11.47 7.01
C TYR C 61 26.11 -11.05 8.17
N ALA C 62 26.78 -10.66 9.24
CA ALA C 62 26.15 -10.00 10.36
C ALA C 62 25.51 -8.70 9.91
N ASN C 63 24.32 -8.43 10.41
CA ASN C 63 23.46 -7.44 9.79
C ASN C 63 22.30 -7.04 10.68
N SER C 64 21.83 -5.80 10.51
CA SER C 64 20.54 -5.38 11.03
C SER C 64 19.54 -5.40 9.84
N GLY C 65 18.33 -5.89 10.08
CA GLY C 65 17.37 -6.13 9.00
C GLY C 65 16.05 -5.50 9.44
N LEU C 66 15.25 -5.09 8.47
CA LEU C 66 14.08 -4.30 8.78
C LEU C 66 12.87 -5.21 8.65
N THR C 67 11.91 -5.02 9.57
CA THR C 67 10.57 -5.61 9.41
C THR C 67 9.69 -4.58 8.74
N PHE C 68 9.10 -5.00 7.65
CA PHE C 68 8.22 -4.13 6.84
C PHE C 68 7.11 -4.91 6.15
N ASN C 69 6.15 -4.17 5.62
CA ASN C 69 5.06 -4.75 4.83
C ASN C 69 5.55 -5.00 3.44
N LYS C 70 5.68 -6.27 3.12
CA LYS C 70 6.23 -6.65 1.83
C LYS C 70 5.27 -6.35 0.69
N LYS C 71 5.80 -5.91 -0.44
CA LYS C 71 4.97 -5.63 -1.61
C LYS C 71 5.75 -5.61 -2.90
N LEU C 72 5.03 -5.48 -4.01
CA LEU C 72 5.65 -5.49 -5.31
C LEU C 72 6.58 -4.30 -5.42
N VAL C 73 7.73 -4.49 -6.04
CA VAL C 73 8.66 -3.36 -6.18
C VAL C 73 8.03 -2.22 -6.97
N SER C 74 7.18 -2.56 -7.95
CA SER C 74 6.45 -1.57 -8.76
C SER C 74 5.50 -0.73 -7.94
N GLN C 75 5.11 -1.22 -6.78
CA GLN C 75 4.18 -0.49 -5.87
C GLN C 75 4.88 0.35 -4.82
N ILE C 76 6.20 0.24 -4.73
CA ILE C 76 6.94 0.93 -3.68
C ILE C 76 7.15 2.39 -4.14
N SER C 77 6.90 3.36 -3.26
CA SER C 77 7.18 4.78 -3.55
C SER C 77 8.57 5.16 -3.11
N GLN C 78 8.94 4.75 -1.91
CA GLN C 78 10.27 5.11 -1.40
C GLN C 78 10.76 4.09 -0.39
N ILE C 79 12.08 3.93 -0.36
CA ILE C 79 12.77 3.17 0.67
C ILE C 79 13.84 4.08 1.24
N PRO C 80 13.45 5.05 2.07
CA PRO C 80 14.48 5.87 2.71
C PRO C 80 15.33 5.07 3.67
N THR C 81 16.59 5.42 3.77
CA THR C 81 17.51 4.70 4.63
C THR C 81 18.68 5.62 4.96
N THR C 82 19.24 5.41 6.14
CA THR C 82 20.43 6.09 6.60
C THR C 82 21.33 5.05 7.20
N ALA C 83 22.62 5.07 6.85
CA ALA C 83 23.58 4.18 7.40
C ALA C 83 24.82 4.98 7.75
N ARG C 84 25.23 4.90 9.01
CA ARG C 84 26.45 5.57 9.44
C ARG C 84 27.30 4.62 10.24
N TRP C 85 28.50 4.41 9.73
CA TRP C 85 29.31 3.30 10.20
C TRP C 85 30.78 3.66 10.07
N SER C 86 31.60 2.85 10.73
CA SER C 86 33.07 2.88 10.52
C SER C 86 33.71 1.55 10.88
N TYR C 87 34.85 1.26 10.26
CA TYR C 87 35.69 0.12 10.66
C TYR C 87 36.95 0.62 11.33
N ASP C 88 37.41 -0.15 12.30
CA ASP C 88 38.50 0.32 13.15
C ASP C 88 39.82 -0.10 12.51
N ASN C 89 39.76 -1.09 11.64
CA ASN C 89 40.87 -1.68 10.94
C ASN C 89 40.42 -1.90 9.50
N THR C 90 41.01 -1.22 8.52
CA THR C 90 40.71 -1.48 7.11
C THR C 90 41.73 -2.33 6.39
N GLY C 91 42.64 -2.92 7.15
CA GLY C 91 43.48 -3.95 6.58
C GLY C 91 42.82 -5.32 6.51
N ILE C 92 41.77 -5.43 5.69
CA ILE C 92 40.88 -6.61 5.69
C ILE C 92 40.42 -6.89 4.26
N ARG C 93 39.83 -8.06 4.08
CA ARG C 93 39.24 -8.47 2.85
C ARG C 93 37.77 -8.71 3.19
N ALA C 94 36.93 -7.76 2.80
CA ALA C 94 35.55 -7.67 3.29
C ALA C 94 34.82 -6.57 2.53
N ASP C 95 33.51 -6.57 2.70
CA ASP C 95 32.72 -5.46 2.23
C ASP C 95 31.61 -5.06 3.17
N VAL C 96 31.10 -3.83 3.02
CA VAL C 96 30.05 -3.32 3.85
C VAL C 96 28.91 -2.99 2.88
N ALA C 97 27.72 -3.57 3.11
CA ALA C 97 26.69 -3.55 2.08
C ALA C 97 25.27 -3.69 2.61
N TYR C 98 24.36 -3.01 1.91
CA TYR C 98 22.96 -3.34 1.95
C TYR C 98 22.77 -4.59 1.15
N ASP C 99 21.84 -5.43 1.62
CA ASP C 99 21.47 -6.63 0.94
C ASP C 99 19.94 -6.68 0.93
N LEU C 100 19.34 -6.68 -0.25
CA LEU C 100 17.89 -6.78 -0.40
C LEU C 100 17.61 -7.98 -1.32
N PHE C 101 16.59 -8.77 -0.97
CA PHE C 101 16.09 -9.84 -1.84
C PHE C 101 14.67 -9.53 -2.30
N THR C 102 14.40 -9.93 -3.54
CA THR C 102 13.07 -9.99 -4.10
C THR C 102 12.74 -11.38 -4.60
N ALA C 103 11.44 -11.68 -4.65
CA ALA C 103 10.98 -12.95 -5.17
C ALA C 103 9.57 -12.82 -5.73
N ALA C 104 9.27 -13.61 -6.74
CA ALA C 104 7.88 -13.74 -7.23
C ALA C 104 6.89 -14.26 -6.16
N ASP C 105 7.38 -15.07 -5.22
CA ASP C 105 6.56 -15.53 -4.10
C ASP C 105 6.77 -14.69 -2.85
N ILE C 106 5.73 -13.99 -2.42
CA ILE C 106 5.81 -13.10 -1.25
C ILE C 106 6.30 -13.85 0.01
N ASN C 107 6.14 -15.16 0.03
CA ASN C 107 6.52 -15.95 1.22
C ASN C 107 7.85 -16.71 0.99
N HIS C 108 8.59 -16.31 -0.02
CA HIS C 108 9.88 -16.92 -0.31
C HIS C 108 10.77 -16.87 0.94
N VAL C 109 11.63 -17.86 1.11
CA VAL C 109 12.57 -17.81 2.25
C VAL C 109 13.38 -16.54 2.14
N THR C 110 13.63 -15.90 3.28
CA THR C 110 14.14 -14.54 3.33
C THR C 110 15.68 -14.42 3.37
N TRP C 111 16.39 -15.49 3.06
CA TRP C 111 17.85 -15.41 2.95
C TRP C 111 18.38 -15.59 1.54
N SER C 112 17.49 -15.61 0.56
CA SER C 112 17.85 -15.60 -0.86
C SER C 112 16.64 -15.08 -1.61
N GLY C 113 16.76 -14.89 -2.91
CA GLY C 113 15.63 -14.41 -3.70
C GLY C 113 15.77 -14.83 -5.14
N ASP C 114 14.76 -14.50 -5.93
CA ASP C 114 14.92 -14.61 -7.37
C ASP C 114 15.94 -13.54 -7.79
N TYR C 115 15.80 -12.37 -7.23
CA TYR C 115 16.80 -11.33 -7.43
C TYR C 115 17.40 -10.94 -6.11
N GLU C 116 18.55 -10.29 -6.22
CA GLU C 116 19.21 -9.67 -5.10
C GLU C 116 19.75 -8.30 -5.56
N LEU C 117 19.57 -7.30 -4.71
CA LEU C 117 20.11 -5.97 -4.92
C LEU C 117 21.01 -5.64 -3.74
N MET C 118 22.26 -5.37 -4.05
CA MET C 118 23.22 -4.99 -3.01
C MET C 118 23.67 -3.57 -3.27
N ILE C 119 23.98 -2.85 -2.20
CA ILE C 119 24.56 -1.54 -2.30
C ILE C 119 25.85 -1.52 -1.42
N TRP C 120 26.99 -1.70 -2.08
CA TRP C 120 28.26 -1.78 -1.36
C TRP C 120 28.76 -0.39 -1.00
N LEU C 121 28.62 -0.02 0.27
CA LEU C 121 29.20 1.22 0.75
C LEU C 121 30.72 1.15 0.92
N ALA C 122 31.28 -0.04 1.04
CA ALA C 122 32.73 -0.14 1.13
C ALA C 122 33.20 -1.51 0.74
N ARG C 123 34.43 -1.57 0.24
CA ARG C 123 35.04 -2.79 -0.32
C ARG C 123 36.53 -2.66 0.03
N TYR C 124 37.08 -3.67 0.70
CA TYR C 124 38.47 -3.68 1.13
C TYR C 124 39.18 -4.92 0.59
N GLY C 125 40.43 -4.72 0.16
CA GLY C 125 41.26 -5.80 -0.33
C GLY C 125 40.89 -6.40 -1.66
N GLY C 126 40.09 -5.67 -2.44
CA GLY C 126 39.83 -6.07 -3.79
C GLY C 126 38.82 -7.16 -3.93
N VAL C 127 38.07 -7.44 -2.87
CA VAL C 127 36.98 -8.40 -3.00
C VAL C 127 35.86 -7.74 -3.80
N GLN C 128 35.24 -8.50 -4.69
CA GLN C 128 34.36 -7.91 -5.70
C GLN C 128 32.98 -8.60 -5.63
N PRO C 129 31.95 -7.94 -6.17
CA PRO C 129 30.67 -8.62 -6.27
C PRO C 129 30.70 -9.87 -7.11
N ILE C 130 29.64 -10.67 -6.98
CA ILE C 130 29.42 -11.70 -7.97
C ILE C 130 29.23 -11.13 -9.38
N GLY C 131 29.83 -11.82 -10.36
CA GLY C 131 29.60 -11.60 -11.80
C GLY C 131 30.58 -10.60 -12.42
N SER C 132 30.09 -9.60 -13.16
CA SER C 132 31.01 -8.60 -13.70
C SER C 132 30.38 -7.21 -13.77
N GLN C 133 31.20 -6.16 -13.83
CA GLN C 133 30.61 -4.83 -14.04
C GLN C 133 29.94 -4.77 -15.41
N ILE C 134 28.71 -4.27 -15.44
CA ILE C 134 27.98 -4.09 -16.66
C ILE C 134 27.66 -2.63 -17.00
N ALA C 135 27.76 -1.72 -16.03
CA ALA C 135 27.31 -0.35 -16.23
C ALA C 135 27.86 0.53 -15.12
N THR C 136 27.61 1.82 -15.29
CA THR C 136 27.88 2.82 -14.26
C THR C 136 26.62 3.62 -14.12
N ALA C 137 26.17 3.74 -12.87
CA ALA C 137 24.92 4.41 -12.55
C ALA C 137 25.25 5.66 -11.75
N THR C 138 24.45 6.72 -11.93
CA THR C 138 24.54 7.87 -11.05
C THR C 138 23.25 8.03 -10.29
N VAL C 139 23.34 8.13 -8.97
CA VAL C 139 22.16 8.38 -8.12
C VAL C 139 22.49 9.48 -7.12
N ASP C 140 21.69 10.55 -7.06
CA ASP C 140 22.00 11.68 -6.17
C ASP C 140 23.41 12.24 -6.38
N GLY C 141 23.82 12.24 -7.63
CA GLY C 141 25.11 12.79 -8.00
C GLY C 141 26.28 11.87 -7.73
N GLN C 142 26.03 10.70 -7.16
CA GLN C 142 27.13 9.80 -6.77
C GLN C 142 27.19 8.72 -7.82
N THR C 143 28.38 8.38 -8.31
CA THR C 143 28.55 7.31 -9.28
C THR C 143 28.70 5.96 -8.58
N TRP C 144 28.11 4.94 -9.18
CA TRP C 144 28.24 3.56 -8.69
C TRP C 144 28.64 2.67 -9.83
N GLU C 145 29.55 1.71 -9.59
CA GLU C 145 29.76 0.60 -10.53
C GLU C 145 28.60 -0.38 -10.34
N LEU C 146 27.93 -0.71 -11.42
CA LEU C 146 26.89 -1.72 -11.38
C LEU C 146 27.44 -3.06 -11.85
N TRP C 147 27.36 -4.04 -10.97
CA TRP C 147 27.77 -5.40 -11.28
C TRP C 147 26.53 -6.27 -11.39
N TYR C 148 26.63 -7.32 -12.20
CA TYR C 148 25.60 -8.31 -12.30
C TYR C 148 26.27 -9.68 -12.31
N GLY C 149 25.76 -10.59 -11.50
CA GLY C 149 26.16 -12.00 -11.53
C GLY C 149 24.99 -12.90 -11.11
N ALA C 150 25.16 -14.19 -11.26
CA ALA C 150 24.06 -15.12 -11.04
C ALA C 150 24.65 -16.45 -10.63
N ASN C 151 23.98 -17.13 -9.72
CA ASN C 151 24.39 -18.50 -9.36
C ASN C 151 23.34 -19.49 -9.83
N GLY C 152 22.49 -19.09 -10.77
CA GLY C 152 21.61 -20.03 -11.44
C GLY C 152 20.25 -20.25 -10.81
N SER C 153 20.01 -19.70 -9.63
CA SER C 153 18.64 -19.33 -9.24
C SER C 153 18.51 -17.83 -8.95
N GLN C 154 19.52 -17.30 -8.27
CA GLN C 154 19.50 -15.94 -7.75
C GLN C 154 20.35 -15.06 -8.63
N LYS C 155 19.71 -14.00 -9.11
CA LYS C 155 20.36 -13.01 -9.97
C LYS C 155 20.64 -11.75 -9.14
N THR C 156 21.90 -11.36 -9.08
CA THR C 156 22.37 -10.32 -8.15
C THR C 156 22.89 -9.09 -8.89
N TYR C 157 22.30 -7.95 -8.57
CA TYR C 157 22.80 -6.66 -8.97
C TYR C 157 23.48 -6.02 -7.79
N SER C 158 24.75 -5.66 -7.97
CA SER C 158 25.50 -4.98 -6.92
C SER C 158 25.97 -3.62 -7.38
N PHE C 159 25.53 -2.59 -6.66
CA PHE C 159 26.04 -1.24 -6.89
C PHE C 159 27.20 -0.97 -5.96
N VAL C 160 28.36 -0.59 -6.50
CA VAL C 160 29.54 -0.45 -5.69
C VAL C 160 30.06 0.96 -5.68
N ALA C 161 30.23 1.52 -4.48
CA ALA C 161 30.83 2.83 -4.36
C ALA C 161 32.32 2.82 -4.71
N PRO C 162 32.81 3.89 -5.36
CA PRO C 162 34.20 3.90 -5.73
C PRO C 162 35.13 3.93 -4.53
N THR C 163 34.76 4.63 -3.47
CA THR C 163 35.54 4.66 -2.25
C THR C 163 34.52 4.55 -1.14
N PRO C 164 34.97 4.26 0.09
CA PRO C 164 34.03 3.93 1.16
C PRO C 164 33.12 5.09 1.51
N ILE C 165 31.84 4.80 1.67
CA ILE C 165 30.85 5.79 2.03
C ILE C 165 30.44 5.41 3.44
N THR C 166 31.03 6.09 4.43
CA THR C 166 30.76 5.86 5.85
C THR C 166 29.53 6.59 6.37
N SER C 167 29.01 7.56 5.62
CA SER C 167 27.75 8.17 5.96
C SER C 167 26.84 8.18 4.75
N PHE C 168 25.85 7.30 4.73
CA PHE C 168 24.98 7.15 3.60
C PHE C 168 23.57 7.55 4.01
N GLN C 169 22.94 8.37 3.19
CA GLN C 169 21.50 8.58 3.31
C GLN C 169 20.90 8.69 1.91
N GLY C 170 19.89 7.87 1.65
CA GLY C 170 19.34 7.87 0.31
C GLY C 170 18.03 7.12 0.26
N ASP C 171 17.57 6.90 -0.97
CA ASP C 171 16.32 6.19 -1.22
C ASP C 171 16.66 4.98 -2.06
N VAL C 172 16.63 3.80 -1.45
CA VAL C 172 17.02 2.58 -2.13
C VAL C 172 16.10 2.28 -3.31
N ASN C 173 14.90 2.82 -3.33
CA ASN C 173 14.03 2.68 -4.50
C ASN C 173 14.57 3.37 -5.77
N ASP C 174 15.44 4.38 -5.63
CA ASP C 174 16.11 4.95 -6.80
C ASP C 174 16.94 3.92 -7.52
N PHE C 175 17.49 2.96 -6.76
CA PHE C 175 18.25 1.86 -7.38
C PHE C 175 17.36 0.84 -8.12
N PHE C 176 16.23 0.46 -7.51
CA PHE C 176 15.26 -0.38 -8.20
C PHE C 176 14.75 0.30 -9.46
N LYS C 177 14.46 1.59 -9.35
CA LYS C 177 13.96 2.33 -10.51
C LYS C 177 14.98 2.32 -11.64
N TYR C 178 16.26 2.50 -11.31
CA TYR C 178 17.34 2.36 -12.28
C TYR C 178 17.41 0.98 -12.92
N LEU C 179 17.31 -0.09 -12.13
CA LEU C 179 17.25 -1.42 -12.71
C LEU C 179 16.00 -1.68 -13.57
N THR C 180 14.88 -1.10 -13.16
CA THR C 180 13.62 -1.36 -13.86
C THR C 180 13.68 -0.62 -15.21
N GLN C 181 14.26 0.58 -15.20
CA GLN C 181 14.30 1.42 -16.40
C GLN C 181 15.39 0.98 -17.38
N ASN C 182 16.53 0.52 -16.90
CA ASN C 182 17.67 0.24 -17.75
C ASN C 182 18.08 -1.21 -17.91
N HIS C 183 17.59 -2.11 -17.07
CA HIS C 183 18.06 -3.47 -17.08
C HIS C 183 16.89 -4.46 -17.02
N GLY C 184 15.69 -4.04 -17.41
CA GLY C 184 14.57 -4.99 -17.52
C GLY C 184 14.16 -5.65 -16.22
N PHE C 185 14.45 -5.03 -15.09
CA PHE C 185 14.11 -5.66 -13.81
C PHE C 185 12.59 -5.77 -13.69
N PRO C 186 12.07 -6.98 -13.37
CA PRO C 186 10.60 -7.18 -13.44
C PRO C 186 9.88 -6.71 -12.17
N ALA C 187 9.83 -5.38 -11.99
CA ALA C 187 9.34 -4.77 -10.79
C ALA C 187 7.91 -5.16 -10.48
N SER C 188 7.11 -5.39 -11.51
CA SER C 188 5.71 -5.58 -11.28
C SER C 188 5.39 -7.05 -10.93
N SER C 189 6.39 -7.92 -10.93
CA SER C 189 6.14 -9.27 -10.48
C SER C 189 7.07 -9.77 -9.37
N GLN C 190 7.85 -8.88 -8.78
CA GLN C 190 8.78 -9.20 -7.72
C GLN C 190 8.42 -8.45 -6.45
N TYR C 191 8.20 -9.19 -5.36
CA TYR C 191 8.04 -8.62 -4.05
C TYR C 191 9.40 -8.39 -3.43
N LEU C 192 9.52 -7.26 -2.73
CA LEU C 192 10.63 -7.02 -1.84
C LEU C 192 10.38 -7.78 -0.54
N ILE C 193 11.25 -8.74 -0.25
CA ILE C 193 11.08 -9.57 0.92
C ILE C 193 12.10 -9.38 2.02
N THR C 194 13.25 -8.78 1.71
CA THR C 194 14.30 -8.56 2.71
C THR C 194 15.02 -7.24 2.48
N LEU C 195 15.41 -6.60 3.58
CA LEU C 195 16.18 -5.37 3.56
C LEU C 195 17.11 -5.38 4.77
N GLN C 196 18.39 -5.56 4.50
CA GLN C 196 19.41 -5.70 5.54
C GLN C 196 20.64 -4.83 5.21
N PHE C 197 21.45 -4.60 6.25
CA PHE C 197 22.69 -3.85 6.13
C PHE C 197 23.70 -4.48 7.09
N GLY C 198 24.91 -4.71 6.60
CA GLY C 198 25.93 -5.33 7.41
C GLY C 198 27.22 -5.48 6.62
N THR C 199 28.03 -6.45 7.02
CA THR C 199 29.37 -6.63 6.49
C THR C 199 29.60 -8.10 6.17
N ALA C 200 30.21 -8.37 5.03
CA ALA C 200 30.57 -9.72 4.60
C ALA C 200 32.11 -9.92 4.60
N PRO C 201 32.67 -10.58 5.64
CA PRO C 201 34.12 -10.79 5.67
C PRO C 201 34.63 -12.05 4.98
N PHE C 202 35.79 -11.93 4.34
CA PHE C 202 36.42 -13.09 3.75
C PHE C 202 37.52 -13.53 4.69
N THR C 203 38.46 -12.61 4.93
CA THR C 203 39.64 -12.94 5.70
C THR C 203 40.11 -11.67 6.31
N GLY C 204 40.81 -11.82 7.42
CA GLY C 204 41.41 -10.68 8.09
C GLY C 204 41.08 -10.65 9.54
N GLY C 205 41.42 -9.53 10.13
CA GLY C 205 41.05 -9.24 11.46
C GLY C 205 42.28 -9.21 12.37
N PRO C 206 42.10 -8.75 13.60
CA PRO C 206 40.76 -8.58 14.17
C PRO C 206 40.16 -7.27 13.71
N ALA C 207 38.88 -7.25 13.41
CA ALA C 207 38.26 -6.04 12.93
C ALA C 207 36.89 -5.88 13.58
N THR C 208 36.54 -4.65 13.84
CA THR C 208 35.23 -4.27 14.32
C THR C 208 34.53 -3.29 13.41
N LEU C 209 33.37 -3.70 12.91
CA LEU C 209 32.44 -2.73 12.32
C LEU C 209 31.58 -2.12 13.39
N SER C 210 31.55 -0.78 13.44
CA SER C 210 30.68 -0.04 14.34
C SER C 210 29.61 0.68 13.56
N VAL C 211 28.36 0.27 13.75
CA VAL C 211 27.26 0.96 13.09
C VAL C 211 26.63 1.92 14.07
N SER C 212 26.90 3.22 13.94
CA SER C 212 26.41 4.18 14.90
C SER C 212 24.93 4.49 14.70
N ASN C 213 24.45 4.30 13.48
CA ASN C 213 23.03 4.44 13.21
C ASN C 213 22.65 3.79 11.88
N TRP C 214 21.58 3.00 11.92
CA TRP C 214 20.96 2.42 10.73
C TRP C 214 19.47 2.55 10.89
N SER C 215 18.80 3.03 9.85
CA SER C 215 17.34 3.05 9.82
C SER C 215 16.88 2.84 8.39
N ALA C 216 15.70 2.25 8.23
CA ALA C 216 15.09 2.15 6.93
C ALA C 216 13.59 2.08 7.08
N SER C 217 12.90 2.31 5.97
CA SER C 217 11.44 2.15 5.92
C SER C 217 11.09 1.80 4.48
N VAL C 218 9.97 1.11 4.31
CA VAL C 218 9.51 0.72 2.99
C VAL C 218 8.07 1.23 2.87
N GLN C 219 7.90 2.22 1.98
CA GLN C 219 6.61 2.89 1.77
C GLN C 219 6.12 2.63 0.35
N GLN D 2 -7.51 -41.14 -26.64
CA GLN D 2 -7.13 -40.99 -28.08
C GLN D 2 -8.04 -40.06 -28.88
N LEU D 3 -7.43 -39.04 -29.48
CA LEU D 3 -8.20 -37.95 -30.10
C LEU D 3 -8.19 -38.14 -31.61
N CYS D 4 -9.28 -38.67 -32.17
CA CYS D 4 -9.35 -38.96 -33.61
C CYS D 4 -10.28 -38.08 -34.43
N ASP D 5 -11.32 -37.54 -33.80
CA ASP D 5 -12.24 -36.66 -34.50
C ASP D 5 -11.55 -35.38 -34.93
N GLN D 6 -12.19 -34.60 -35.80
CA GLN D 6 -11.55 -33.45 -36.41
C GLN D 6 -11.01 -32.46 -35.39
N TYR D 7 -11.87 -32.09 -34.45
CA TYR D 7 -11.50 -31.20 -33.36
C TYR D 7 -11.51 -31.85 -31.99
N ALA D 8 -11.11 -33.11 -31.94
CA ALA D 8 -10.94 -33.77 -30.65
C ALA D 8 -9.83 -33.17 -29.83
N THR D 9 -10.05 -33.10 -28.52
CA THR D 9 -9.20 -32.29 -27.70
C THR D 9 -9.14 -32.79 -26.26
N TYR D 10 -8.08 -32.46 -25.56
CA TYR D 10 -7.93 -32.81 -24.18
C TYR D 10 -7.13 -31.72 -23.51
N THR D 11 -7.59 -31.32 -22.32
CA THR D 11 -6.88 -30.32 -21.54
C THR D 11 -6.39 -30.88 -20.21
N GLY D 12 -5.11 -30.68 -19.92
CA GLY D 12 -4.53 -31.02 -18.64
C GLY D 12 -3.64 -29.87 -18.19
N GLY D 13 -4.00 -29.26 -17.08
CA GLY D 13 -3.24 -28.13 -16.56
C GLY D 13 -3.33 -26.93 -17.47
N VAL D 14 -2.17 -26.35 -17.78
CA VAL D 14 -2.10 -25.26 -18.77
C VAL D 14 -1.87 -25.71 -20.23
N TYR D 15 -2.07 -27.00 -20.53
CA TYR D 15 -1.81 -27.56 -21.85
C TYR D 15 -3.08 -28.14 -22.47
N THR D 16 -3.44 -27.67 -23.67
CA THR D 16 -4.51 -28.25 -24.44
C THR D 16 -3.94 -28.94 -25.68
N ILE D 17 -4.32 -30.19 -25.87
CA ILE D 17 -3.89 -30.95 -27.05
C ILE D 17 -5.10 -31.08 -27.99
N ASN D 18 -4.94 -30.66 -29.26
CA ASN D 18 -6.03 -30.65 -30.25
C ASN D 18 -5.55 -31.45 -31.45
N ASN D 19 -6.41 -32.32 -31.95
CA ASN D 19 -6.10 -33.08 -33.16
C ASN D 19 -6.09 -32.11 -34.31
N ASN D 20 -7.06 -31.19 -34.32
CA ASN D 20 -7.08 -30.02 -35.22
C ASN D 20 -6.87 -30.41 -36.68
N LEU D 21 -7.71 -31.28 -37.21
CA LEU D 21 -7.68 -31.65 -38.62
C LEU D 21 -8.47 -30.61 -39.46
N TRP D 22 -7.98 -29.39 -39.44
CA TRP D 22 -8.73 -28.27 -39.96
C TRP D 22 -8.83 -28.34 -41.47
N GLY D 23 -7.83 -28.97 -42.10
CA GLY D 23 -7.83 -29.10 -43.55
C GLY D 23 -8.17 -30.48 -44.10
N LYS D 24 -8.92 -31.29 -43.36
CA LYS D 24 -9.10 -32.69 -43.71
C LYS D 24 -9.88 -32.89 -45.01
N ASP D 25 -10.73 -31.93 -45.33
CA ASP D 25 -11.48 -32.02 -46.56
C ASP D 25 -10.65 -31.71 -47.80
N ALA D 26 -9.40 -31.25 -47.65
CA ALA D 26 -8.55 -31.02 -48.82
C ALA D 26 -7.92 -32.29 -49.35
N GLY D 27 -8.13 -33.41 -48.68
CA GLY D 27 -7.52 -34.66 -49.11
C GLY D 27 -8.19 -35.87 -48.52
N SER D 28 -7.46 -36.96 -48.54
CA SER D 28 -8.01 -38.17 -47.99
C SER D 28 -7.04 -38.75 -46.99
N GLY D 29 -7.57 -39.34 -45.92
CA GLY D 29 -6.78 -40.06 -44.93
C GLY D 29 -7.33 -39.84 -43.55
N SER D 30 -6.46 -39.85 -42.55
CA SER D 30 -6.88 -39.78 -41.14
C SER D 30 -5.72 -39.51 -40.19
N GLN D 31 -6.04 -39.20 -38.94
CA GLN D 31 -5.01 -38.80 -38.02
C GLN D 31 -5.61 -38.91 -36.64
N CYS D 32 -4.82 -39.45 -35.71
CA CYS D 32 -5.22 -39.57 -34.32
C CYS D 32 -4.08 -39.07 -33.46
N THR D 33 -4.42 -38.39 -32.38
CA THR D 33 -3.44 -37.79 -31.52
C THR D 33 -3.65 -38.40 -30.13
N THR D 34 -2.54 -38.72 -29.49
CA THR D 34 -2.55 -39.42 -28.21
C THR D 34 -1.84 -38.53 -27.22
N VAL D 35 -2.47 -38.33 -26.06
CA VAL D 35 -1.93 -37.58 -24.96
C VAL D 35 -1.23 -38.53 -23.98
N ASN D 36 0.07 -38.34 -23.73
CA ASN D 36 0.76 -39.16 -22.72
C ASN D 36 0.73 -38.53 -21.35
N SER D 37 0.75 -37.20 -21.29
CA SER D 37 0.86 -36.48 -20.02
C SER D 37 0.73 -34.99 -20.26
N ALA D 38 0.07 -34.31 -19.34
CA ALA D 38 -0.18 -32.87 -19.46
C ALA D 38 -0.38 -32.33 -18.05
N SER D 39 0.60 -31.58 -17.54
CA SER D 39 0.58 -31.07 -16.18
C SER D 39 1.08 -29.64 -16.22
N SER D 40 1.43 -29.07 -15.08
CA SER D 40 1.91 -27.67 -15.03
C SER D 40 3.33 -27.50 -15.56
N ALA D 41 4.10 -28.59 -15.66
CA ALA D 41 5.51 -28.55 -16.05
C ALA D 41 5.74 -28.68 -17.56
N GLY D 42 4.86 -29.43 -18.21
CA GLY D 42 5.01 -29.77 -19.62
C GLY D 42 3.98 -30.79 -20.08
N THR D 43 4.04 -31.14 -21.36
CA THR D 43 3.12 -32.12 -21.93
C THR D 43 3.94 -33.03 -22.84
N SER D 44 3.48 -34.27 -22.94
CA SER D 44 4.04 -35.25 -23.86
C SER D 44 2.88 -35.84 -24.63
N TRP D 45 3.04 -35.95 -25.96
CA TRP D 45 1.96 -36.44 -26.81
C TRP D 45 2.55 -36.92 -28.13
N SER D 46 1.70 -37.60 -28.90
CA SER D 46 2.05 -38.04 -30.25
C SER D 46 0.85 -37.92 -31.18
N THR D 47 1.16 -37.79 -32.45
CA THR D 47 0.12 -37.86 -33.45
C THR D 47 0.56 -38.68 -34.62
N LYS D 48 -0.36 -39.51 -35.09
CA LYS D 48 -0.11 -40.46 -36.18
C LYS D 48 -1.11 -40.18 -37.30
N TRP D 49 -0.59 -40.06 -38.51
CA TRP D 49 -1.36 -39.59 -39.63
C TRP D 49 -0.96 -40.25 -40.93
N ASN D 50 -1.88 -40.23 -41.88
CA ASN D 50 -1.63 -40.53 -43.29
C ASN D 50 -2.56 -39.68 -44.13
N TRP D 51 -1.97 -38.89 -45.02
CA TRP D 51 -2.69 -37.95 -45.87
C TRP D 51 -2.21 -38.07 -47.32
N SER D 52 -3.18 -38.08 -48.23
CA SER D 52 -2.91 -37.91 -49.65
C SER D 52 -3.90 -36.93 -50.28
N GLY D 53 -3.54 -36.49 -51.48
CA GLY D 53 -4.31 -35.51 -52.23
C GLY D 53 -4.11 -34.10 -51.74
N GLY D 54 -4.65 -33.14 -52.47
CA GLY D 54 -4.53 -31.73 -52.12
C GLY D 54 -3.10 -31.45 -51.72
N GLU D 55 -2.17 -31.75 -52.61
CA GLU D 55 -0.79 -31.87 -52.20
C GLU D 55 -0.19 -30.54 -51.76
N ASN D 56 -0.78 -29.42 -52.18
CA ASN D 56 -0.25 -28.15 -51.69
C ASN D 56 -1.04 -27.52 -50.54
N SER D 57 -1.80 -28.33 -49.79
CA SER D 57 -2.77 -27.83 -48.79
C SER D 57 -2.53 -28.58 -47.50
N VAL D 58 -2.29 -27.86 -46.41
CA VAL D 58 -2.09 -28.48 -45.10
C VAL D 58 -3.39 -29.16 -44.66
N LYS D 59 -3.29 -30.40 -44.19
CA LYS D 59 -4.46 -31.15 -43.78
C LYS D 59 -4.87 -30.88 -42.34
N SER D 60 -3.87 -30.51 -41.52
CA SER D 60 -4.01 -30.53 -40.08
C SER D 60 -2.86 -29.75 -39.43
N TYR D 61 -3.08 -29.34 -38.19
CA TYR D 61 -2.00 -28.89 -37.30
C TYR D 61 -2.30 -29.37 -35.89
N ALA D 62 -2.18 -30.69 -35.72
CA ALA D 62 -2.23 -31.28 -34.37
C ALA D 62 -1.16 -30.64 -33.51
N ASN D 63 -1.53 -30.25 -32.29
CA ASN D 63 -0.68 -29.40 -31.50
C ASN D 63 -0.94 -29.49 -30.02
N SER D 64 0.05 -29.08 -29.25
CA SER D 64 -0.15 -28.69 -27.85
C SER D 64 -0.08 -27.18 -27.77
N GLY D 65 -1.09 -26.58 -27.13
CA GLY D 65 -1.10 -25.16 -26.86
C GLY D 65 -1.12 -24.80 -25.39
N LEU D 66 -0.66 -23.60 -25.10
CA LEU D 66 -0.42 -23.15 -23.73
C LEU D 66 -1.55 -22.19 -23.35
N THR D 67 -2.08 -22.33 -22.15
CA THR D 67 -2.96 -21.35 -21.54
C THR D 67 -2.09 -20.39 -20.78
N PHE D 68 -2.10 -19.11 -21.17
CA PHE D 68 -1.26 -18.09 -20.55
C PHE D 68 -2.03 -16.78 -20.48
N ASN D 69 -1.50 -15.89 -19.65
CA ASN D 69 -2.04 -14.54 -19.50
C ASN D 69 -1.61 -13.69 -20.69
N LYS D 70 -2.58 -13.29 -21.49
CA LYS D 70 -2.30 -12.64 -22.74
C LYS D 70 -1.85 -11.24 -22.44
N LYS D 71 -0.87 -10.76 -23.20
CA LYS D 71 -0.41 -9.38 -23.10
C LYS D 71 0.27 -8.85 -24.33
N LEU D 72 0.51 -7.55 -24.34
CA LEU D 72 1.23 -6.94 -25.46
C LEU D 72 2.62 -7.58 -25.58
N VAL D 73 3.06 -7.75 -26.81
CA VAL D 73 4.41 -8.24 -27.08
C VAL D 73 5.49 -7.34 -26.51
N SER D 74 5.25 -6.04 -26.52
CA SER D 74 6.22 -5.11 -25.96
C SER D 74 6.37 -5.26 -24.47
N GLN D 75 5.37 -5.87 -23.83
CA GLN D 75 5.40 -6.06 -22.40
C GLN D 75 5.95 -7.42 -21.99
N ILE D 76 6.19 -8.30 -22.94
CA ILE D 76 6.74 -9.62 -22.62
C ILE D 76 8.24 -9.52 -22.28
N SER D 77 8.63 -10.14 -21.17
CA SER D 77 10.04 -10.28 -20.76
C SER D 77 10.69 -11.50 -21.38
N GLN D 78 10.01 -12.64 -21.28
CA GLN D 78 10.50 -13.88 -21.85
C GLN D 78 9.38 -14.87 -22.12
N ILE D 79 9.63 -15.72 -23.13
CA ILE D 79 8.81 -16.87 -23.44
C ILE D 79 9.71 -18.12 -23.47
N PRO D 80 10.11 -18.61 -22.29
CA PRO D 80 10.99 -19.77 -22.27
C PRO D 80 10.24 -20.97 -22.80
N THR D 81 10.92 -21.83 -23.55
CA THR D 81 10.25 -23.01 -24.09
C THR D 81 11.30 -24.10 -24.31
N THR D 82 10.83 -25.34 -24.22
CA THR D 82 11.60 -26.50 -24.63
C THR D 82 10.70 -27.46 -25.43
N ALA D 83 11.29 -28.08 -26.45
CA ALA D 83 10.61 -29.07 -27.29
C ALA D 83 11.58 -30.21 -27.58
N ARG D 84 11.09 -31.43 -27.45
CA ARG D 84 11.88 -32.64 -27.67
C ARG D 84 10.96 -33.56 -28.46
N TRP D 85 11.33 -33.85 -29.70
CA TRP D 85 10.43 -34.61 -30.54
C TRP D 85 11.25 -35.52 -31.46
N SER D 86 10.58 -36.46 -32.13
CA SER D 86 11.17 -37.17 -33.24
C SER D 86 10.04 -37.69 -34.13
N TYR D 87 10.36 -38.04 -35.37
CA TYR D 87 9.41 -38.70 -36.28
C TYR D 87 9.93 -40.12 -36.54
N ASP D 88 9.00 -41.07 -36.66
CA ASP D 88 9.36 -42.44 -37.05
C ASP D 88 9.57 -42.58 -38.55
N ASN D 89 9.09 -41.59 -39.30
CA ASN D 89 9.16 -41.63 -40.76
C ASN D 89 9.24 -40.19 -41.23
N THR D 90 10.36 -39.80 -41.83
CA THR D 90 10.57 -38.43 -42.34
C THR D 90 10.51 -38.40 -43.87
N GLY D 91 10.07 -39.49 -44.48
CA GLY D 91 9.79 -39.51 -45.89
C GLY D 91 8.40 -38.95 -46.14
N ILE D 92 8.23 -37.70 -45.77
CA ILE D 92 6.92 -37.08 -45.71
C ILE D 92 7.05 -35.67 -46.27
N ARG D 93 5.90 -35.04 -46.46
CA ARG D 93 5.88 -33.63 -46.85
C ARG D 93 5.16 -32.89 -45.73
N ALA D 94 5.94 -32.26 -44.85
CA ALA D 94 5.42 -31.83 -43.55
C ALA D 94 6.44 -30.94 -42.85
N ASP D 95 5.95 -30.13 -41.91
CA ASP D 95 6.86 -29.38 -41.03
C ASP D 95 6.49 -29.59 -39.58
N VAL D 96 7.45 -29.31 -38.70
CA VAL D 96 7.27 -29.38 -37.26
C VAL D 96 7.58 -27.98 -36.75
N ALA D 97 6.62 -27.36 -36.05
CA ALA D 97 6.69 -25.93 -35.86
C ALA D 97 5.93 -25.41 -34.63
N TYR D 98 6.50 -24.39 -34.01
CA TYR D 98 5.78 -23.45 -33.14
C TYR D 98 4.90 -22.58 -34.00
N ASP D 99 3.69 -22.32 -33.52
CA ASP D 99 2.80 -21.35 -34.13
C ASP D 99 2.32 -20.40 -33.04
N LEU D 100 2.57 -19.11 -33.25
CA LEU D 100 2.07 -18.04 -32.39
C LEU D 100 1.27 -17.02 -33.20
N PHE D 101 0.13 -16.60 -32.64
CA PHE D 101 -0.65 -15.52 -33.20
C PHE D 101 -0.64 -14.27 -32.32
N THR D 102 -0.65 -13.11 -32.97
CA THR D 102 -0.86 -11.85 -32.27
C THR D 102 -2.00 -11.09 -32.93
N ALA D 103 -2.64 -10.21 -32.16
CA ALA D 103 -3.68 -9.35 -32.71
C ALA D 103 -3.73 -8.07 -31.90
N ALA D 104 -4.15 -6.99 -32.54
CA ALA D 104 -4.42 -5.72 -31.86
C ALA D 104 -5.59 -5.87 -30.89
N ASP D 105 -6.48 -6.80 -31.20
CA ASP D 105 -7.59 -7.14 -30.32
C ASP D 105 -7.28 -8.38 -29.48
N ILE D 106 -7.27 -8.20 -28.17
CA ILE D 106 -6.98 -9.27 -27.25
C ILE D 106 -7.99 -10.43 -27.27
N ASN D 107 -9.19 -10.19 -27.79
CA ASN D 107 -10.22 -11.22 -27.92
C ASN D 107 -10.35 -11.75 -29.34
N HIS D 108 -9.34 -11.52 -30.16
CA HIS D 108 -9.31 -11.99 -31.53
C HIS D 108 -9.50 -13.53 -31.52
N VAL D 109 -10.14 -14.08 -32.54
CA VAL D 109 -10.19 -15.53 -32.67
C VAL D 109 -8.75 -16.06 -32.55
N THR D 110 -8.57 -17.22 -31.95
CA THR D 110 -7.24 -17.70 -31.56
C THR D 110 -6.60 -18.66 -32.58
N TRP D 111 -7.26 -18.88 -33.71
CA TRP D 111 -6.71 -19.70 -34.77
C TRP D 111 -6.23 -18.91 -35.95
N SER D 112 -6.14 -17.60 -35.75
CA SER D 112 -5.49 -16.70 -36.69
C SER D 112 -5.12 -15.42 -35.95
N GLY D 113 -4.38 -14.56 -36.63
CA GLY D 113 -3.91 -13.32 -36.03
C GLY D 113 -3.85 -12.23 -37.08
N ASP D 114 -3.68 -10.99 -36.61
CA ASP D 114 -3.11 -9.94 -37.45
C ASP D 114 -1.74 -10.43 -37.90
N TYR D 115 -0.96 -10.91 -36.93
CA TYR D 115 0.38 -11.42 -37.18
C TYR D 115 0.51 -12.87 -36.72
N GLU D 116 1.42 -13.58 -37.37
CA GLU D 116 1.76 -14.98 -37.01
C GLU D 116 3.28 -15.12 -37.03
N LEU D 117 3.81 -15.68 -35.95
CA LEU D 117 5.21 -16.01 -35.85
C LEU D 117 5.28 -17.53 -35.83
N MET D 118 6.04 -18.13 -36.72
CA MET D 118 6.28 -19.57 -36.66
C MET D 118 7.78 -19.79 -36.48
N ILE D 119 8.11 -20.91 -35.86
CA ILE D 119 9.49 -21.35 -35.75
C ILE D 119 9.48 -22.82 -36.17
N TRP D 120 10.03 -23.09 -37.35
CA TRP D 120 10.05 -24.41 -37.95
C TRP D 120 11.31 -25.13 -37.46
N LEU D 121 11.13 -26.03 -36.51
CA LEU D 121 12.24 -26.90 -36.08
C LEU D 121 12.62 -27.95 -37.14
N ALA D 122 11.68 -28.26 -38.03
CA ALA D 122 11.95 -29.18 -39.12
C ALA D 122 11.04 -28.98 -40.30
N ARG D 123 11.59 -29.30 -41.45
CA ARG D 123 10.77 -29.51 -42.62
C ARG D 123 11.30 -30.57 -43.54
N TYR D 124 10.36 -31.26 -44.14
CA TYR D 124 10.61 -32.43 -44.96
C TYR D 124 9.86 -32.30 -46.27
N GLY D 125 10.54 -32.68 -47.34
CA GLY D 125 9.92 -32.79 -48.66
C GLY D 125 9.82 -31.47 -49.38
N GLY D 126 10.53 -30.49 -48.85
CA GLY D 126 10.68 -29.21 -49.50
C GLY D 126 9.53 -28.27 -49.28
N VAL D 127 8.61 -28.61 -48.39
CA VAL D 127 7.44 -27.74 -48.19
C VAL D 127 7.95 -26.44 -47.57
N GLN D 128 7.35 -25.33 -47.94
CA GLN D 128 7.90 -24.04 -47.53
C GLN D 128 6.85 -23.16 -46.86
N PRO D 129 7.35 -22.17 -46.13
CA PRO D 129 6.41 -21.31 -45.43
C PRO D 129 5.63 -20.48 -46.44
N ILE D 130 4.67 -19.71 -45.97
CA ILE D 130 4.06 -18.70 -46.81
C ILE D 130 5.06 -17.59 -47.16
N GLY D 131 5.03 -17.12 -48.41
CA GLY D 131 5.77 -15.91 -48.80
C GLY D 131 7.11 -16.26 -49.39
N SER D 132 8.15 -15.57 -48.96
CA SER D 132 9.47 -15.76 -49.52
C SER D 132 10.49 -15.51 -48.44
N GLN D 133 11.69 -16.07 -48.57
CA GLN D 133 12.75 -15.78 -47.64
C GLN D 133 13.17 -14.33 -47.77
N ILE D 134 13.18 -13.61 -46.66
CA ILE D 134 13.60 -12.20 -46.68
C ILE D 134 14.90 -11.88 -45.97
N ALA D 135 15.37 -12.79 -45.11
CA ALA D 135 16.61 -12.59 -44.37
C ALA D 135 17.12 -13.91 -43.83
N THR D 136 18.39 -13.89 -43.41
CA THR D 136 18.95 -14.89 -42.52
C THR D 136 19.25 -14.26 -41.17
N ALA D 137 18.66 -14.82 -40.11
CA ALA D 137 18.82 -14.28 -38.77
C ALA D 137 19.73 -15.23 -38.02
N THR D 138 20.41 -14.72 -37.01
CA THR D 138 20.97 -15.59 -36.00
C THR D 138 20.36 -15.28 -34.65
N VAL D 139 20.02 -16.34 -33.94
CA VAL D 139 19.58 -16.23 -32.56
C VAL D 139 20.40 -17.26 -31.80
N ASP D 140 21.06 -16.79 -30.75
CA ASP D 140 21.75 -17.69 -29.85
C ASP D 140 22.81 -18.49 -30.60
N GLY D 141 23.53 -17.87 -31.54
CA GLY D 141 24.54 -18.57 -32.35
C GLY D 141 24.00 -19.42 -33.49
N GLN D 142 22.67 -19.54 -33.61
CA GLN D 142 22.03 -20.52 -34.50
C GLN D 142 21.37 -19.78 -35.67
N THR D 143 21.55 -20.24 -36.90
CA THR D 143 21.02 -19.48 -38.04
C THR D 143 19.63 -19.98 -38.43
N TRP D 144 18.80 -19.03 -38.80
CA TRP D 144 17.41 -19.28 -39.16
C TRP D 144 17.20 -18.57 -40.48
N GLU D 145 16.65 -19.27 -41.46
CA GLU D 145 16.06 -18.60 -42.63
C GLU D 145 14.77 -17.90 -42.21
N LEU D 146 14.68 -16.60 -42.42
CA LEU D 146 13.44 -15.88 -42.08
C LEU D 146 12.60 -15.68 -43.32
N TRP D 147 11.39 -16.22 -43.29
CA TRP D 147 10.40 -16.01 -44.34
C TRP D 147 9.31 -15.04 -43.90
N TYR D 148 8.73 -14.34 -44.87
CA TYR D 148 7.59 -13.44 -44.66
C TYR D 148 6.61 -13.60 -45.80
N GLY D 149 5.35 -13.77 -45.45
CA GLY D 149 4.28 -13.75 -46.42
C GLY D 149 3.00 -13.31 -45.80
N ALA D 150 2.02 -13.02 -46.65
CA ALA D 150 0.76 -12.57 -46.14
C ALA D 150 -0.31 -13.19 -47.00
N ASN D 151 -1.38 -13.58 -46.33
CA ASN D 151 -2.63 -14.04 -46.89
C ASN D 151 -3.77 -13.28 -46.21
N GLY D 152 -4.55 -12.56 -47.00
CA GLY D 152 -5.63 -11.72 -46.45
C GLY D 152 -5.08 -10.85 -45.34
N SER D 153 -5.71 -10.88 -44.17
CA SER D 153 -5.28 -10.00 -43.08
C SER D 153 -4.26 -10.62 -42.10
N GLN D 154 -3.68 -11.77 -42.44
CA GLN D 154 -2.73 -12.46 -41.55
C GLN D 154 -1.33 -12.43 -42.14
N LYS D 155 -0.44 -11.75 -41.46
CA LYS D 155 0.91 -11.52 -41.94
C LYS D 155 1.79 -12.47 -41.14
N THR D 156 2.48 -13.37 -41.83
CA THR D 156 3.21 -14.47 -41.19
C THR D 156 4.72 -14.39 -41.38
N TYR D 157 5.44 -14.39 -40.27
CA TYR D 157 6.89 -14.51 -40.28
C TYR D 157 7.22 -15.93 -39.88
N SER D 158 8.06 -16.61 -40.65
CA SER D 158 8.43 -17.98 -40.29
C SER D 158 9.97 -18.10 -40.21
N PHE D 159 10.50 -18.50 -39.04
CA PHE D 159 11.93 -18.79 -38.88
C PHE D 159 12.12 -20.29 -39.11
N VAL D 160 12.95 -20.65 -40.10
CA VAL D 160 13.09 -22.05 -40.53
C VAL D 160 14.51 -22.52 -40.28
N ALA D 161 14.62 -23.61 -39.54
CA ALA D 161 15.91 -24.22 -39.23
C ALA D 161 16.45 -24.87 -40.52
N PRO D 162 17.70 -24.56 -40.83
CA PRO D 162 18.30 -25.19 -42.01
C PRO D 162 18.35 -26.70 -41.87
N THR D 163 18.59 -27.21 -40.67
CA THR D 163 18.63 -28.65 -40.40
C THR D 163 17.73 -28.92 -39.17
N PRO D 164 17.11 -30.11 -39.09
CA PRO D 164 16.10 -30.30 -38.10
C PRO D 164 16.65 -30.20 -36.70
N ILE D 165 15.90 -29.54 -35.83
CA ILE D 165 16.20 -29.40 -34.40
C ILE D 165 15.22 -30.19 -33.58
N THR D 166 15.64 -31.37 -33.11
CA THR D 166 14.81 -32.24 -32.30
C THR D 166 14.92 -32.02 -30.78
N SER D 167 15.90 -31.24 -30.33
CA SER D 167 15.93 -30.82 -28.92
C SER D 167 16.16 -29.31 -28.84
N PHE D 168 15.10 -28.56 -28.68
CA PHE D 168 15.18 -27.11 -28.81
C PHE D 168 15.02 -26.59 -27.38
N GLN D 169 15.79 -25.58 -27.03
CA GLN D 169 15.57 -24.86 -25.79
C GLN D 169 15.82 -23.41 -26.13
N GLY D 170 14.86 -22.54 -25.85
CA GLY D 170 15.12 -21.14 -26.13
C GLY D 170 14.08 -20.23 -25.53
N ASP D 171 14.04 -19.01 -26.06
CA ASP D 171 13.17 -17.97 -25.57
C ASP D 171 12.53 -17.41 -26.84
N VAL D 172 11.24 -17.70 -27.03
CA VAL D 172 10.56 -17.25 -28.23
C VAL D 172 10.52 -15.73 -28.34
N ASN D 173 10.63 -15.04 -27.21
CA ASN D 173 10.66 -13.57 -27.22
C ASN D 173 11.87 -13.00 -27.93
N ASP D 174 12.98 -13.76 -27.99
CA ASP D 174 14.09 -13.39 -28.87
C ASP D 174 13.69 -13.21 -30.34
N PHE D 175 12.76 -14.03 -30.81
CA PHE D 175 12.33 -13.94 -32.21
C PHE D 175 11.43 -12.71 -32.41
N PHE D 176 10.54 -12.45 -31.45
CA PHE D 176 9.78 -11.21 -31.47
C PHE D 176 10.70 -10.00 -31.46
N LYS D 177 11.67 -9.96 -30.55
CA LYS D 177 12.62 -8.84 -30.51
C LYS D 177 13.34 -8.62 -31.82
N TYR D 178 13.76 -9.70 -32.46
CA TYR D 178 14.38 -9.63 -33.77
C TYR D 178 13.45 -8.96 -34.77
N LEU D 179 12.17 -9.36 -34.77
CA LEU D 179 11.22 -8.80 -35.70
C LEU D 179 10.94 -7.32 -35.36
N THR D 180 10.78 -7.06 -34.08
CA THR D 180 10.59 -5.71 -33.55
C THR D 180 11.75 -4.77 -33.88
N GLN D 181 12.98 -5.23 -33.72
CA GLN D 181 14.15 -4.43 -34.04
C GLN D 181 14.44 -4.34 -35.56
N ASN D 182 14.20 -5.39 -36.34
CA ASN D 182 14.69 -5.42 -37.74
C ASN D 182 13.62 -5.37 -38.83
N HIS D 183 12.34 -5.49 -38.47
CA HIS D 183 11.29 -5.68 -39.44
C HIS D 183 10.02 -4.93 -39.05
N GLY D 184 10.14 -3.96 -38.15
CA GLY D 184 9.06 -3.01 -37.91
C GLY D 184 7.86 -3.63 -37.24
N PHE D 185 8.05 -4.77 -36.57
CA PHE D 185 6.91 -5.46 -35.94
C PHE D 185 6.33 -4.57 -34.85
N PRO D 186 5.01 -4.33 -34.90
CA PRO D 186 4.38 -3.36 -33.98
C PRO D 186 4.08 -3.99 -32.62
N ALA D 187 5.16 -4.21 -31.88
CA ALA D 187 5.15 -4.92 -30.63
C ALA D 187 4.19 -4.28 -29.63
N SER D 188 4.13 -2.95 -29.64
CA SER D 188 3.42 -2.23 -28.61
C SER D 188 1.93 -2.13 -28.88
N SER D 189 1.44 -2.67 -29.98
CA SER D 189 0.01 -2.75 -30.21
C SER D 189 -0.50 -4.15 -30.53
N GLN D 190 0.36 -5.14 -30.36
CA GLN D 190 0.03 -6.52 -30.73
C GLN D 190 -0.01 -7.38 -29.44
N TYR D 191 -1.16 -7.96 -29.14
CA TYR D 191 -1.30 -8.89 -28.00
C TYR D 191 -0.92 -10.30 -28.47
N LEU D 192 -0.15 -11.01 -27.66
CA LEU D 192 0.12 -12.43 -27.96
C LEU D 192 -1.10 -13.21 -27.53
N ILE D 193 -1.77 -13.93 -28.43
CA ILE D 193 -3.02 -14.59 -28.10
C ILE D 193 -2.97 -16.11 -28.20
N THR D 194 -1.94 -16.66 -28.83
CA THR D 194 -1.83 -18.12 -29.00
C THR D 194 -0.35 -18.53 -29.03
N LEU D 195 -0.05 -19.65 -28.39
CA LEU D 195 1.29 -20.22 -28.45
C LEU D 195 1.15 -21.71 -28.53
N GLN D 196 1.62 -22.32 -29.60
CA GLN D 196 1.32 -23.72 -29.90
C GLN D 196 2.56 -24.39 -30.45
N PHE D 197 2.55 -25.72 -30.46
CA PHE D 197 3.65 -26.47 -31.01
C PHE D 197 3.06 -27.78 -31.53
N GLY D 198 3.47 -28.11 -32.75
CA GLY D 198 2.83 -29.21 -33.46
C GLY D 198 3.45 -29.48 -34.80
N THR D 199 2.72 -30.24 -35.61
CA THR D 199 3.16 -30.60 -36.95
C THR D 199 2.10 -30.30 -37.94
N ALA D 200 2.50 -29.80 -39.11
CA ALA D 200 1.58 -29.59 -40.24
C ALA D 200 1.93 -30.47 -41.43
N PRO D 201 1.15 -31.54 -41.65
CA PRO D 201 1.42 -32.43 -42.78
C PRO D 201 0.68 -31.93 -44.03
N PHE D 202 1.32 -32.11 -45.18
CA PHE D 202 0.67 -32.04 -46.47
C PHE D 202 0.30 -33.43 -47.01
N THR D 203 1.30 -34.28 -47.20
CA THR D 203 1.08 -35.61 -47.74
C THR D 203 2.08 -36.55 -47.12
N GLY D 204 1.77 -37.84 -47.16
CA GLY D 204 2.68 -38.90 -46.72
C GLY D 204 2.07 -39.81 -45.69
N GLY D 205 2.91 -40.65 -45.11
CA GLY D 205 2.54 -41.47 -43.97
C GLY D 205 2.22 -42.91 -44.35
N PRO D 206 1.82 -43.75 -43.39
CA PRO D 206 1.70 -43.40 -41.96
C PRO D 206 2.94 -42.83 -41.30
N ALA D 207 2.79 -41.77 -40.53
CA ALA D 207 3.92 -41.17 -39.84
C ALA D 207 3.50 -40.70 -38.47
N THR D 208 4.37 -40.87 -37.50
CA THR D 208 4.06 -40.57 -36.13
C THR D 208 5.09 -39.60 -35.59
N LEU D 209 4.63 -38.41 -35.21
CA LEU D 209 5.41 -37.45 -34.48
C LEU D 209 5.25 -37.80 -32.99
N SER D 210 6.39 -37.93 -32.31
CA SER D 210 6.39 -38.20 -30.87
C SER D 210 7.01 -37.04 -30.12
N VAL D 211 6.23 -36.31 -29.34
CA VAL D 211 6.71 -35.15 -28.60
C VAL D 211 6.97 -35.64 -27.17
N SER D 212 8.23 -35.89 -26.88
CA SER D 212 8.52 -36.47 -25.57
C SER D 212 8.29 -35.39 -24.50
N ASN D 213 8.57 -34.12 -24.83
CA ASN D 213 8.25 -33.03 -23.93
C ASN D 213 8.06 -31.72 -24.70
N TRP D 214 7.00 -30.98 -24.34
CA TRP D 214 6.88 -29.58 -24.70
C TRP D 214 6.47 -28.75 -23.48
N SER D 215 7.22 -27.67 -23.21
CA SER D 215 6.85 -26.78 -22.12
C SER D 215 7.01 -25.34 -22.64
N ALA D 216 6.16 -24.45 -22.15
CA ALA D 216 6.37 -23.06 -22.42
C ALA D 216 5.75 -22.24 -21.30
N SER D 217 6.14 -20.97 -21.25
CA SER D 217 5.45 -20.03 -20.38
C SER D 217 5.65 -18.66 -20.97
N VAL D 218 4.77 -17.73 -20.58
CA VAL D 218 4.85 -16.38 -21.09
C VAL D 218 4.87 -15.47 -19.86
N GLN D 219 5.90 -14.64 -19.76
CA GLN D 219 6.05 -13.71 -18.64
C GLN D 219 6.39 -12.31 -19.13
N ALA E 1 11.29 16.46 -28.59
CA ALA E 1 10.86 17.84 -28.19
C ALA E 1 10.56 18.01 -26.68
N GLN E 2 11.03 19.12 -26.14
CA GLN E 2 10.74 19.55 -24.78
C GLN E 2 9.86 20.80 -24.79
N LEU E 3 8.61 20.70 -24.35
CA LEU E 3 7.58 21.69 -24.68
C LEU E 3 7.08 22.39 -23.42
N CYS E 4 7.56 23.62 -23.22
CA CYS E 4 7.57 24.24 -21.90
C CYS E 4 6.72 25.51 -21.90
N ASP E 5 6.72 26.23 -23.01
CA ASP E 5 5.95 27.45 -23.13
C ASP E 5 4.45 27.14 -23.12
N GLN E 6 3.66 28.19 -22.93
CA GLN E 6 2.20 28.05 -22.81
C GLN E 6 1.58 27.23 -23.94
N TYR E 7 1.94 27.52 -25.20
CA TYR E 7 1.40 26.79 -26.36
C TYR E 7 2.51 26.13 -27.17
N ALA E 8 3.53 25.66 -26.48
CA ALA E 8 4.58 24.92 -27.14
C ALA E 8 3.98 23.61 -27.65
N THR E 9 4.51 23.19 -28.78
CA THR E 9 3.87 22.12 -29.54
C THR E 9 4.84 21.43 -30.48
N TYR E 10 4.55 20.17 -30.73
CA TYR E 10 5.33 19.37 -31.66
C TYR E 10 4.37 18.53 -32.49
N THR E 11 4.56 18.51 -33.80
CA THR E 11 3.78 17.61 -34.67
C THR E 11 4.72 16.62 -35.32
N GLY E 12 4.41 15.33 -35.14
CA GLY E 12 5.00 14.27 -35.98
C GLY E 12 3.93 13.40 -36.60
N GLY E 13 3.85 13.43 -37.93
CA GLY E 13 2.86 12.65 -38.65
C GLY E 13 1.48 13.22 -38.40
N VAL E 14 0.55 12.35 -38.00
CA VAL E 14 -0.81 12.78 -37.70
C VAL E 14 -1.03 13.09 -36.22
N TYR E 15 0.04 13.20 -35.43
CA TYR E 15 -0.05 13.50 -34.02
C TYR E 15 0.55 14.88 -33.70
N THR E 16 -0.21 15.66 -32.97
CA THR E 16 0.27 16.95 -32.44
C THR E 16 0.18 16.94 -30.93
N ILE E 17 1.34 17.14 -30.30
CA ILE E 17 1.42 17.21 -28.85
C ILE E 17 1.52 18.67 -28.43
N ASN E 18 0.66 19.08 -27.51
CA ASN E 18 0.57 20.47 -27.10
C ASN E 18 0.67 20.57 -25.59
N ASN E 19 1.45 21.51 -25.10
CA ASN E 19 1.57 21.76 -23.69
C ASN E 19 0.27 22.40 -23.21
N ASN E 20 -0.29 23.33 -24.00
CA ASN E 20 -1.65 23.86 -23.81
C ASN E 20 -1.97 24.33 -22.40
N LEU E 21 -1.13 25.23 -21.89
CA LEU E 21 -1.31 25.78 -20.54
C LEU E 21 -2.31 26.91 -20.62
N TRP E 22 -3.48 26.60 -21.17
CA TRP E 22 -4.49 27.63 -21.48
C TRP E 22 -5.03 28.33 -20.24
N GLY E 23 -4.90 27.67 -19.10
CA GLY E 23 -5.50 28.13 -17.85
C GLY E 23 -4.44 28.70 -16.91
N LYS E 24 -3.26 28.95 -17.42
CA LYS E 24 -2.11 29.17 -16.51
C LYS E 24 -2.23 30.42 -15.65
N ASP E 25 -3.00 31.41 -16.09
CA ASP E 25 -3.18 32.62 -15.26
C ASP E 25 -4.19 32.50 -14.15
N ALA E 26 -4.99 31.43 -14.11
CA ALA E 26 -5.83 31.18 -12.93
C ALA E 26 -5.05 30.66 -11.71
N GLY E 27 -3.76 30.42 -11.82
CA GLY E 27 -3.04 29.87 -10.69
C GLY E 27 -1.57 30.13 -10.74
N SER E 28 -0.82 29.39 -9.93
CA SER E 28 0.63 29.54 -9.85
C SER E 28 1.30 28.17 -10.09
N GLY E 29 2.34 28.14 -10.90
CA GLY E 29 2.99 26.86 -11.23
C GLY E 29 3.57 26.84 -12.62
N SER E 30 3.89 25.65 -13.12
CA SER E 30 4.53 25.49 -14.42
C SER E 30 4.38 24.05 -14.88
N GLN E 31 4.67 23.80 -16.14
CA GLN E 31 4.45 22.45 -16.71
C GLN E 31 5.20 22.31 -18.04
N CYS E 32 5.86 21.17 -18.23
CA CYS E 32 6.61 20.88 -19.45
C CYS E 32 6.12 19.55 -19.95
N THR E 33 5.94 19.48 -21.26
CA THR E 33 5.48 18.26 -21.93
C THR E 33 6.61 17.75 -22.81
N THR E 34 6.86 16.45 -22.75
CA THR E 34 7.95 15.82 -23.47
C THR E 34 7.37 14.82 -24.47
N VAL E 35 7.82 14.87 -25.72
CA VAL E 35 7.41 13.94 -26.74
C VAL E 35 8.47 12.86 -26.87
N ASN E 36 8.07 11.63 -26.56
CA ASN E 36 8.94 10.46 -26.74
C ASN E 36 8.93 9.98 -28.19
N SER E 37 7.76 9.90 -28.82
CA SER E 37 7.68 9.43 -30.20
C SER E 37 6.37 9.88 -30.83
N ALA E 38 6.32 9.91 -32.17
CA ALA E 38 5.12 10.34 -32.88
C ALA E 38 5.19 9.98 -34.34
N SER E 39 4.37 9.02 -34.75
CA SER E 39 4.47 8.42 -36.07
C SER E 39 3.06 8.14 -36.55
N SER E 40 2.91 7.53 -37.73
CA SER E 40 1.58 7.09 -38.15
C SER E 40 1.00 5.95 -37.29
N ALA E 41 1.81 5.27 -36.49
CA ALA E 41 1.27 4.24 -35.59
C ALA E 41 0.63 4.79 -34.31
N GLY E 42 1.05 5.97 -33.86
CA GLY E 42 0.83 6.32 -32.46
C GLY E 42 1.84 7.28 -31.90
N THR E 43 1.60 7.72 -30.67
CA THR E 43 2.50 8.66 -30.04
C THR E 43 2.72 8.29 -28.60
N SER E 44 3.88 8.67 -28.10
CA SER E 44 4.18 8.50 -26.70
C SER E 44 4.75 9.80 -26.16
N TRP E 45 4.29 10.18 -24.97
CA TRP E 45 4.61 11.48 -24.39
C TRP E 45 4.30 11.49 -22.91
N SER E 46 4.79 12.50 -22.20
CA SER E 46 4.56 12.69 -20.79
C SER E 46 4.49 14.18 -20.50
N THR E 47 3.82 14.50 -19.43
CA THR E 47 3.80 15.86 -19.00
C THR E 47 3.98 15.91 -17.50
N LYS E 48 4.79 16.89 -17.10
CA LYS E 48 5.09 17.09 -15.68
C LYS E 48 4.63 18.47 -15.24
N TRP E 49 3.88 18.53 -14.16
CA TRP E 49 3.29 19.78 -13.74
C TRP E 49 3.30 20.00 -12.24
N ASN E 50 3.25 21.27 -11.88
CA ASN E 50 2.97 21.66 -10.52
C ASN E 50 2.06 22.87 -10.59
N TRP E 51 0.87 22.76 -10.01
CA TRP E 51 -0.11 23.84 -10.01
C TRP E 51 -0.68 24.04 -8.63
N SER E 52 -0.90 25.30 -8.29
CA SER E 52 -1.73 25.64 -7.15
C SER E 52 -2.48 26.92 -7.37
N GLY E 53 -3.41 27.20 -6.47
CA GLY E 53 -4.28 28.37 -6.56
C GLY E 53 -5.38 28.02 -7.54
N GLY E 54 -6.44 28.83 -7.55
CA GLY E 54 -7.53 28.70 -8.50
C GLY E 54 -8.07 27.29 -8.56
N GLU E 55 -8.54 26.83 -7.42
CA GLU E 55 -8.68 25.39 -7.18
C GLU E 55 -9.85 24.77 -7.97
N ASN E 56 -10.81 25.58 -8.40
CA ASN E 56 -11.87 25.11 -9.27
C ASN E 56 -11.68 25.45 -10.75
N SER E 57 -10.47 25.83 -11.15
CA SER E 57 -10.18 26.18 -12.54
C SER E 57 -9.05 25.32 -13.09
N VAL E 58 -9.30 24.73 -14.25
CA VAL E 58 -8.31 23.92 -14.91
C VAL E 58 -7.17 24.83 -15.33
N LYS E 59 -5.94 24.36 -15.19
CA LYS E 59 -4.76 25.16 -15.58
C LYS E 59 -4.26 24.89 -16.96
N SER E 60 -4.58 23.71 -17.48
CA SER E 60 -4.01 23.30 -18.72
C SER E 60 -4.71 22.05 -19.26
N TYR E 61 -4.52 21.76 -20.54
CA TYR E 61 -4.94 20.48 -21.10
C TYR E 61 -3.89 20.01 -22.07
N ALA E 62 -2.75 19.61 -21.50
CA ALA E 62 -1.67 19.07 -22.28
C ALA E 62 -2.16 17.76 -22.87
N ASN E 63 -1.97 17.59 -24.17
CA ASN E 63 -2.66 16.52 -24.89
C ASN E 63 -1.89 16.09 -26.12
N SER E 64 -2.22 14.89 -26.60
CA SER E 64 -1.94 14.54 -27.97
C SER E 64 -3.27 14.59 -28.79
N GLY E 65 -3.22 15.16 -29.97
CA GLY E 65 -4.38 15.19 -30.83
C GLY E 65 -4.08 14.66 -32.21
N LEU E 66 -5.16 14.25 -32.88
CA LEU E 66 -5.11 13.58 -34.16
C LEU E 66 -5.45 14.53 -35.28
N THR E 67 -4.66 14.51 -36.34
CA THR E 67 -5.05 15.08 -37.62
C THR E 67 -5.83 14.00 -38.41
N PHE E 68 -7.00 14.38 -38.87
CA PHE E 68 -7.90 13.45 -39.55
C PHE E 68 -8.78 14.22 -40.51
N ASN E 69 -9.37 13.51 -41.47
CA ASN E 69 -10.30 14.15 -42.36
C ASN E 69 -11.64 14.34 -41.61
N LYS E 70 -12.05 15.59 -41.52
CA LYS E 70 -13.25 15.99 -40.82
C LYS E 70 -14.47 15.60 -41.63
N LYS E 71 -15.49 15.14 -40.92
CA LYS E 71 -16.76 14.81 -41.56
C LYS E 71 -17.88 14.79 -40.52
N LEU E 72 -19.09 14.76 -41.04
CA LEU E 72 -20.28 14.71 -40.19
C LEU E 72 -20.23 13.47 -39.31
N VAL E 73 -20.69 13.62 -38.09
CA VAL E 73 -20.67 12.50 -37.20
C VAL E 73 -21.53 11.36 -37.78
N SER E 74 -22.62 11.73 -38.44
CA SER E 74 -23.50 10.73 -39.08
C SER E 74 -22.80 9.84 -40.09
N GLN E 75 -21.68 10.31 -40.64
CA GLN E 75 -21.01 9.62 -41.72
C GLN E 75 -19.82 8.85 -41.19
N ILE E 76 -19.60 8.89 -39.89
CA ILE E 76 -18.46 8.22 -39.34
C ILE E 76 -18.80 6.76 -39.08
N SER E 77 -17.88 5.88 -39.46
CA SER E 77 -18.01 4.43 -39.23
C SER E 77 -17.32 3.98 -37.98
N GLN E 78 -16.11 4.46 -37.75
CA GLN E 78 -15.43 4.09 -36.54
C GLN E 78 -14.32 5.07 -36.18
N ILE E 79 -14.06 5.12 -34.88
CA ILE E 79 -12.99 5.94 -34.33
C ILE E 79 -12.23 5.03 -33.41
N PRO E 80 -11.43 4.12 -33.99
CA PRO E 80 -10.74 3.21 -33.11
C PRO E 80 -9.67 3.98 -32.33
N THR E 81 -9.42 3.56 -31.11
CA THR E 81 -8.40 4.23 -30.29
C THR E 81 -7.87 3.35 -29.17
N THR E 82 -6.64 3.64 -28.77
CA THR E 82 -6.01 3.01 -27.64
C THR E 82 -5.29 4.07 -26.85
N ALA E 83 -5.45 4.03 -25.54
CA ALA E 83 -4.70 4.85 -24.61
C ALA E 83 -4.15 4.01 -23.48
N ARG E 84 -2.84 4.12 -23.25
CA ARG E 84 -2.21 3.48 -22.11
C ARG E 84 -1.37 4.50 -21.44
N TRP E 85 -1.58 4.66 -20.13
CA TRP E 85 -0.96 5.77 -19.42
C TRP E 85 -0.86 5.42 -17.96
N SER E 86 -0.14 6.24 -17.19
CA SER E 86 -0.25 6.19 -15.75
C SER E 86 0.22 7.50 -15.17
N TYR E 87 -0.16 7.74 -13.93
CA TYR E 87 0.28 8.90 -13.19
C TYR E 87 1.23 8.41 -12.13
N ASP E 88 2.34 9.11 -11.93
CA ASP E 88 3.31 8.74 -10.88
C ASP E 88 2.81 9.13 -9.49
N ASN E 89 1.84 10.04 -9.43
CA ASN E 89 1.39 10.58 -8.16
C ASN E 89 -0.09 10.89 -8.31
N THR E 90 -0.92 10.21 -7.53
CA THR E 90 -2.35 10.37 -7.63
C THR E 90 -2.93 11.20 -6.49
N GLY E 91 -2.07 11.84 -5.70
CA GLY E 91 -2.54 12.77 -4.67
C GLY E 91 -2.71 14.15 -5.30
N ILE E 92 -3.53 14.21 -6.34
CA ILE E 92 -3.67 15.40 -7.16
C ILE E 92 -5.16 15.71 -7.31
N ARG E 93 -5.47 16.87 -7.88
CA ARG E 93 -6.86 17.20 -8.26
C ARG E 93 -6.91 17.46 -9.77
N ALA E 94 -7.31 16.43 -10.51
CA ALA E 94 -7.07 16.34 -11.95
C ALA E 94 -7.88 15.22 -12.57
N ASP E 95 -8.03 15.29 -13.88
CA ASP E 95 -8.64 14.20 -14.64
C ASP E 95 -7.84 13.86 -15.87
N VAL E 96 -8.10 12.69 -16.39
CA VAL E 96 -7.43 12.19 -17.59
C VAL E 96 -8.56 11.83 -18.54
N ALA E 97 -8.52 12.37 -19.74
CA ALA E 97 -9.70 12.32 -20.60
C ALA E 97 -9.41 12.47 -22.06
N TYR E 98 -10.22 11.79 -22.87
CA TYR E 98 -10.42 12.15 -24.26
C TYR E 98 -11.26 13.41 -24.31
N ASP E 99 -10.96 14.28 -25.26
CA ASP E 99 -11.76 15.46 -25.56
C ASP E 99 -11.98 15.49 -27.08
N LEU E 100 -13.23 15.63 -27.46
CA LEU E 100 -13.62 15.72 -28.83
C LEU E 100 -14.59 16.88 -29.00
N PHE E 101 -14.45 17.65 -30.07
CA PHE E 101 -15.36 18.74 -30.30
C PHE E 101 -16.04 18.47 -31.62
N THR E 102 -17.29 18.91 -31.74
CA THR E 102 -17.98 18.94 -33.02
C THR E 102 -18.56 20.32 -33.23
N ALA E 103 -18.75 20.68 -34.48
CA ALA E 103 -19.37 21.96 -34.82
C ALA E 103 -20.12 21.85 -36.12
N ALA E 104 -21.16 22.68 -36.27
CA ALA E 104 -21.88 22.75 -37.55
C ALA E 104 -21.02 23.43 -38.63
N ASP E 105 -20.00 24.18 -38.24
CA ASP E 105 -19.09 24.78 -39.21
C ASP E 105 -17.83 23.91 -39.24
N ILE E 106 -17.53 23.31 -40.39
CA ILE E 106 -16.40 22.39 -40.50
C ILE E 106 -15.05 23.05 -40.23
N ASN E 107 -15.00 24.36 -40.36
CA ASN E 107 -13.76 25.12 -40.20
C ASN E 107 -13.70 25.79 -38.83
N HIS E 108 -14.65 25.49 -37.93
CA HIS E 108 -14.65 26.00 -36.56
C HIS E 108 -13.27 25.77 -35.91
N VAL E 109 -12.82 26.74 -35.11
CA VAL E 109 -11.55 26.55 -34.39
C VAL E 109 -11.62 25.34 -33.43
N THR E 110 -10.49 24.70 -33.25
CA THR E 110 -10.49 23.33 -32.80
C THR E 110 -10.34 23.16 -31.30
N TRP E 111 -10.49 24.26 -30.56
CA TRP E 111 -10.37 24.22 -29.10
C TRP E 111 -11.68 24.42 -28.39
N SER E 112 -12.78 24.46 -29.15
CA SER E 112 -14.12 24.41 -28.59
C SER E 112 -15.05 23.88 -29.67
N GLY E 113 -16.30 23.67 -29.33
CA GLY E 113 -17.25 23.23 -30.33
C GLY E 113 -18.64 23.70 -29.98
N ASP E 114 -19.60 23.44 -30.87
CA ASP E 114 -21.00 23.51 -30.47
C ASP E 114 -21.29 22.42 -29.43
N TYR E 115 -20.69 21.25 -29.67
CA TYR E 115 -20.73 20.13 -28.74
C TYR E 115 -19.30 19.65 -28.42
N GLU E 116 -19.22 19.03 -27.27
CA GLU E 116 -18.02 18.43 -26.76
C GLU E 116 -18.33 17.04 -26.18
N LEU E 117 -17.49 16.07 -26.51
CA LEU E 117 -17.69 14.74 -25.97
C LEU E 117 -16.39 14.36 -25.27
N MET E 118 -16.48 14.08 -23.99
CA MET E 118 -15.32 13.72 -23.22
C MET E 118 -15.48 12.29 -22.75
N ILE E 119 -14.36 11.58 -22.66
CA ILE E 119 -14.33 10.27 -21.99
C ILE E 119 -13.28 10.31 -20.90
N TRP E 120 -13.73 10.34 -19.65
CA TRP E 120 -12.84 10.51 -18.53
C TRP E 120 -12.33 9.12 -18.06
N LEU E 121 -11.10 8.80 -18.40
CA LEU E 121 -10.51 7.51 -18.00
C LEU E 121 -10.16 7.49 -16.53
N ALA E 122 -9.87 8.66 -15.97
CA ALA E 122 -9.60 8.76 -14.57
C ALA E 122 -9.96 10.13 -14.05
N ARG E 123 -10.20 10.18 -12.75
CA ARG E 123 -10.20 11.44 -12.01
C ARG E 123 -9.81 11.27 -10.57
N TYR E 124 -9.18 12.32 -10.05
CA TYR E 124 -8.58 12.30 -8.74
C TYR E 124 -9.06 13.51 -7.96
N GLY E 125 -9.27 13.32 -6.66
CA GLY E 125 -9.67 14.39 -5.78
C GLY E 125 -11.10 14.86 -5.97
N GLY E 126 -11.91 14.04 -6.63
CA GLY E 126 -13.33 14.30 -6.69
C GLY E 126 -13.70 15.44 -7.64
N VAL E 127 -12.79 15.81 -8.54
CA VAL E 127 -13.16 16.79 -9.59
C VAL E 127 -14.21 16.16 -10.52
N GLN E 128 -15.11 16.96 -11.05
CA GLN E 128 -16.21 16.40 -11.84
C GLN E 128 -16.45 17.19 -13.14
N PRO E 129 -17.13 16.57 -14.10
CA PRO E 129 -17.41 17.26 -15.36
C PRO E 129 -18.29 18.50 -15.17
N ILE E 130 -18.41 19.27 -16.23
CA ILE E 130 -19.43 20.33 -16.25
C ILE E 130 -20.84 19.72 -16.28
N GLY E 131 -21.72 20.30 -15.47
CA GLY E 131 -23.14 19.94 -15.53
C GLY E 131 -23.56 19.03 -14.42
N SER E 132 -24.41 18.06 -14.72
CA SER E 132 -24.83 17.05 -13.75
C SER E 132 -24.93 15.72 -14.44
N GLN E 133 -24.89 14.65 -13.65
CA GLN E 133 -25.16 13.35 -14.13
C GLN E 133 -26.62 13.15 -14.58
N ILE E 134 -26.80 12.60 -15.75
CA ILE E 134 -28.13 12.45 -16.33
C ILE E 134 -28.45 11.00 -16.70
N ALA E 135 -27.47 10.11 -16.59
CA ALA E 135 -27.68 8.72 -17.00
C ALA E 135 -26.48 7.87 -16.63
N THR E 136 -26.74 6.57 -16.61
CA THR E 136 -25.68 5.61 -16.68
C THR E 136 -25.76 4.97 -18.06
N ALA E 137 -24.68 5.03 -18.81
CA ALA E 137 -24.65 4.47 -20.15
C ALA E 137 -23.78 3.22 -20.11
N THR E 138 -24.17 2.21 -20.87
CA THR E 138 -23.29 1.09 -21.08
C THR E 138 -22.88 1.14 -22.53
N VAL E 139 -21.60 0.90 -22.77
CA VAL E 139 -20.97 0.94 -24.06
C VAL E 139 -19.87 -0.10 -24.02
N ASP E 140 -20.03 -1.17 -24.83
CA ASP E 140 -19.06 -2.25 -24.96
C ASP E 140 -18.76 -3.01 -23.67
N GLY E 141 -19.83 -3.25 -22.90
CA GLY E 141 -19.80 -4.04 -21.68
C GLY E 141 -19.18 -3.31 -20.52
N GLN E 142 -19.18 -1.98 -20.63
CA GLN E 142 -18.54 -1.06 -19.68
C GLN E 142 -19.55 0.04 -19.28
N THR E 143 -19.67 0.31 -17.99
CA THR E 143 -20.59 1.34 -17.54
C THR E 143 -19.83 2.63 -17.32
N TRP E 144 -20.54 3.71 -17.60
CA TRP E 144 -20.03 5.07 -17.57
C TRP E 144 -21.13 5.93 -16.95
N GLU E 145 -20.76 6.79 -16.02
CA GLU E 145 -21.66 7.85 -15.57
C GLU E 145 -21.67 8.89 -16.69
N LEU E 146 -22.83 9.23 -17.22
CA LEU E 146 -22.95 10.25 -18.23
C LEU E 146 -23.36 11.55 -17.61
N TRP E 147 -22.56 12.58 -17.86
CA TRP E 147 -22.82 13.90 -17.39
C TRP E 147 -23.15 14.76 -18.60
N TYR E 148 -23.98 15.77 -18.37
CA TYR E 148 -24.25 16.77 -19.39
C TYR E 148 -24.18 18.14 -18.75
N GLY E 149 -23.53 19.07 -19.42
CA GLY E 149 -23.62 20.45 -19.02
C GLY E 149 -23.40 21.38 -20.17
N ALA E 150 -23.73 22.65 -19.94
CA ALA E 150 -23.71 23.63 -21.02
C ALA E 150 -23.30 24.96 -20.43
N ASN E 151 -22.52 25.70 -21.20
CA ASN E 151 -22.15 27.05 -20.77
C ASN E 151 -22.73 28.07 -21.75
N GLY E 152 -23.74 27.71 -22.53
CA GLY E 152 -24.40 28.68 -23.41
C GLY E 152 -23.77 28.92 -24.78
N SER E 153 -22.52 28.55 -24.97
CA SER E 153 -22.02 28.32 -26.33
C SER E 153 -21.85 26.82 -26.65
N GLN E 154 -21.30 26.10 -25.67
CA GLN E 154 -20.76 24.77 -25.86
C GLN E 154 -21.46 23.75 -24.96
N LYS E 155 -22.00 22.68 -25.56
CA LYS E 155 -22.73 21.70 -24.83
C LYS E 155 -21.87 20.45 -24.71
N THR E 156 -21.72 19.95 -23.48
CA THR E 156 -20.66 18.97 -23.18
C THR E 156 -21.25 17.72 -22.56
N TYR E 157 -21.03 16.58 -23.23
CA TYR E 157 -21.32 15.27 -22.65
C TYR E 157 -20.04 14.64 -22.15
N SER E 158 -20.03 14.23 -20.89
CA SER E 158 -18.84 13.64 -20.32
C SER E 158 -19.17 12.22 -19.80
N PHE E 159 -18.48 11.23 -20.34
CA PHE E 159 -18.61 9.85 -19.90
C PHE E 159 -17.49 9.57 -18.88
N VAL E 160 -17.87 9.22 -17.65
CA VAL E 160 -16.90 9.05 -16.57
C VAL E 160 -16.79 7.59 -16.12
N ALA E 161 -15.56 7.09 -16.10
CA ALA E 161 -15.30 5.72 -15.68
C ALA E 161 -15.40 5.69 -14.16
N PRO E 162 -16.07 4.68 -13.59
CA PRO E 162 -16.17 4.54 -12.14
C PRO E 162 -14.84 4.26 -11.42
N THR E 163 -13.86 3.68 -12.10
CA THR E 163 -12.50 3.62 -11.55
C THR E 163 -11.53 3.81 -12.70
N PRO E 164 -10.31 4.26 -12.40
CA PRO E 164 -9.38 4.66 -13.45
C PRO E 164 -9.14 3.55 -14.47
N ILE E 165 -9.15 3.88 -15.75
CA ILE E 165 -8.83 2.92 -16.79
C ILE E 165 -7.49 3.32 -17.36
N THR E 166 -6.44 2.55 -17.05
CA THR E 166 -5.08 2.93 -17.41
C THR E 166 -4.68 2.31 -18.74
N SER E 167 -5.56 1.45 -19.22
CA SER E 167 -5.40 0.83 -20.51
C SER E 167 -6.76 0.70 -21.18
N PHE E 168 -7.01 1.56 -22.15
CA PHE E 168 -8.30 1.65 -22.79
C PHE E 168 -8.11 1.29 -24.24
N GLN E 169 -9.04 0.50 -24.76
CA GLN E 169 -9.09 0.31 -26.18
C GLN E 169 -10.55 0.18 -26.55
N GLY E 170 -10.98 0.91 -27.56
CA GLY E 170 -12.40 1.07 -27.82
C GLY E 170 -12.61 1.78 -29.13
N ASP E 171 -13.89 2.00 -29.44
CA ASP E 171 -14.31 2.77 -30.60
C ASP E 171 -15.17 3.96 -30.13
N VAL E 172 -14.66 5.16 -30.34
CA VAL E 172 -15.30 6.37 -29.80
C VAL E 172 -16.61 6.63 -30.52
N ASN E 173 -16.76 6.13 -31.73
CA ASN E 173 -18.01 6.23 -32.42
C ASN E 173 -19.15 5.50 -31.72
N ASP E 174 -18.84 4.55 -30.86
CA ASP E 174 -19.87 3.93 -30.02
C ASP E 174 -20.47 4.92 -29.03
N PHE E 175 -19.67 5.86 -28.56
CA PHE E 175 -20.18 6.94 -27.73
C PHE E 175 -21.01 7.94 -28.51
N PHE E 176 -20.59 8.33 -29.72
CA PHE E 176 -21.44 9.12 -30.58
C PHE E 176 -22.78 8.45 -30.92
N LYS E 177 -22.76 7.17 -31.26
CA LYS E 177 -23.99 6.45 -31.55
C LYS E 177 -24.91 6.44 -30.33
N TYR E 178 -24.35 6.29 -29.14
CA TYR E 178 -25.11 6.30 -27.89
C TYR E 178 -25.81 7.64 -27.72
N LEU E 179 -25.05 8.72 -27.89
CA LEU E 179 -25.62 10.08 -27.80
C LEU E 179 -26.65 10.34 -28.89
N THR E 180 -26.35 9.87 -30.09
CA THR E 180 -27.26 10.08 -31.22
C THR E 180 -28.60 9.38 -30.96
N GLN E 181 -28.54 8.20 -30.38
CA GLN E 181 -29.73 7.34 -30.30
C GLN E 181 -30.45 7.48 -28.97
N ASN E 182 -29.84 8.15 -28.00
CA ASN E 182 -30.46 8.26 -26.69
C ASN E 182 -30.64 9.69 -26.25
N HIS E 183 -29.92 10.64 -26.86
CA HIS E 183 -29.89 11.99 -26.34
C HIS E 183 -30.08 13.08 -27.37
N GLY E 184 -30.53 12.67 -28.55
CA GLY E 184 -30.85 13.63 -29.58
C GLY E 184 -29.66 14.34 -30.24
N PHE E 185 -28.47 13.76 -30.15
CA PHE E 185 -27.30 14.37 -30.72
C PHE E 185 -27.51 14.58 -32.22
N PRO E 186 -27.33 15.83 -32.71
CA PRO E 186 -27.59 16.12 -34.12
C PRO E 186 -26.45 15.70 -34.99
N ALA E 187 -26.27 14.38 -35.08
CA ALA E 187 -25.19 13.78 -35.85
C ALA E 187 -25.11 14.24 -37.30
N SER E 188 -26.25 14.49 -37.94
CA SER E 188 -26.25 14.75 -39.37
C SER E 188 -25.94 16.21 -39.69
N SER E 189 -25.71 17.03 -38.67
CA SER E 189 -25.38 18.42 -38.87
C SER E 189 -24.11 18.86 -38.11
N GLN E 190 -23.41 17.96 -37.43
CA GLN E 190 -22.24 18.34 -36.63
C GLN E 190 -21.03 17.63 -37.26
N TYR E 191 -20.02 18.40 -37.62
CA TYR E 191 -18.73 17.81 -38.02
C TYR E 191 -17.87 17.49 -36.84
N LEU E 192 -17.25 16.32 -36.80
CA LEU E 192 -16.17 16.12 -35.87
C LEU E 192 -14.94 16.91 -36.28
N ILE E 193 -14.43 17.71 -35.36
CA ILE E 193 -13.33 18.61 -35.67
C ILE E 193 -12.07 18.45 -34.82
N THR E 194 -12.18 17.76 -33.70
CA THR E 194 -11.07 17.60 -32.76
C THR E 194 -11.20 16.25 -32.03
N LEU E 195 -10.05 15.59 -31.89
CA LEU E 195 -9.93 14.33 -31.21
C LEU E 195 -8.59 14.32 -30.47
N GLN E 196 -8.68 14.47 -29.17
CA GLN E 196 -7.51 14.69 -28.32
C GLN E 196 -7.57 13.73 -27.16
N PHE E 197 -6.41 13.47 -26.57
CA PHE E 197 -6.34 12.76 -25.29
C PHE E 197 -5.28 13.43 -24.42
N GLY E 198 -5.62 13.68 -23.16
CA GLY E 198 -4.63 14.27 -22.24
C GLY E 198 -5.13 14.39 -20.83
N THR E 199 -4.62 15.39 -20.10
CA THR E 199 -4.90 15.52 -18.70
C THR E 199 -5.22 16.95 -18.37
N ALA E 200 -6.16 17.13 -17.47
CA ALA E 200 -6.61 18.49 -17.06
C ALA E 200 -6.37 18.65 -15.57
N PRO E 201 -5.24 19.27 -15.20
CA PRO E 201 -5.02 19.47 -13.79
C PRO E 201 -5.70 20.72 -13.24
N PHE E 202 -6.16 20.61 -12.01
CA PHE E 202 -6.55 21.76 -11.20
C PHE E 202 -5.45 22.15 -10.20
N THR E 203 -5.10 21.24 -9.31
CA THR E 203 -4.12 21.52 -8.22
C THR E 203 -3.36 20.26 -7.83
N GLY E 204 -2.10 20.48 -7.42
CA GLY E 204 -1.21 19.43 -6.90
C GLY E 204 0.15 19.44 -7.55
N GLY E 205 0.95 18.40 -7.26
CA GLY E 205 2.20 18.12 -7.98
C GLY E 205 3.42 18.18 -7.07
N PRO E 206 4.63 17.94 -7.58
CA PRO E 206 4.85 17.59 -8.96
C PRO E 206 4.15 16.28 -9.29
N ALA E 207 3.60 16.22 -10.50
CA ALA E 207 2.99 15.00 -10.99
C ALA E 207 3.28 14.84 -12.47
N THR E 208 3.52 13.60 -12.85
CA THR E 208 3.83 13.29 -14.24
C THR E 208 2.86 12.28 -14.81
N LEU E 209 2.20 12.67 -15.90
CA LEU E 209 1.44 11.73 -16.72
C LEU E 209 2.34 11.11 -17.79
N SER E 210 2.44 9.79 -17.76
CA SER E 210 3.20 9.06 -18.77
C SER E 210 2.23 8.37 -19.68
N VAL E 211 2.25 8.76 -20.95
CA VAL E 211 1.39 8.11 -21.94
C VAL E 211 2.29 7.23 -22.77
N SER E 212 2.27 5.93 -22.45
CA SER E 212 3.08 4.95 -23.19
C SER E 212 2.63 4.73 -24.63
N ASN E 213 1.34 4.89 -24.90
CA ASN E 213 0.86 4.87 -26.24
C ASN E 213 -0.52 5.53 -26.30
N TRP E 214 -0.66 6.39 -27.30
CA TRP E 214 -1.97 6.87 -27.77
C TRP E 214 -2.04 6.76 -29.25
N SER E 215 -3.14 6.19 -29.70
CA SER E 215 -3.37 6.15 -31.11
C SER E 215 -4.88 6.26 -31.36
N ALA E 216 -5.22 6.76 -32.54
CA ALA E 216 -6.60 6.92 -32.94
C ALA E 216 -6.66 7.10 -34.43
N SER E 217 -7.81 6.78 -34.99
CA SER E 217 -8.07 7.08 -36.37
C SER E 217 -9.56 7.37 -36.51
N VAL E 218 -9.91 8.10 -37.56
CA VAL E 218 -11.30 8.41 -37.89
C VAL E 218 -11.69 7.98 -39.31
N GLN E 219 -12.64 7.05 -39.38
CA GLN E 219 -13.01 6.46 -40.66
C GLN E 219 -14.51 6.55 -40.82
N GLN F 2 -2.11 10.38 20.88
CA GLN F 2 -2.47 9.71 22.16
C GLN F 2 -1.49 9.94 23.32
N LEU F 3 -1.97 10.57 24.39
CA LEU F 3 -1.10 11.24 25.34
C LEU F 3 -1.11 10.55 26.69
N CYS F 4 -0.04 9.84 27.02
CA CYS F 4 -0.07 8.89 28.11
C CYS F 4 0.89 9.27 29.22
N ASP F 5 1.94 10.00 28.85
CA ASP F 5 2.99 10.41 29.79
C ASP F 5 2.41 11.55 30.63
N GLN F 6 3.13 11.86 31.70
CA GLN F 6 2.67 12.79 32.72
C GLN F 6 2.28 14.15 32.15
N TYR F 7 3.13 14.72 31.30
CA TYR F 7 2.85 16.00 30.65
C TYR F 7 2.83 15.95 29.11
N ALA F 8 2.44 14.82 28.54
CA ALA F 8 2.27 14.69 27.09
C ALA F 8 1.22 15.70 26.61
N THR F 9 1.54 16.46 25.55
CA THR F 9 0.61 17.43 25.00
C THR F 9 0.44 17.30 23.51
N TYR F 10 -0.62 17.93 23.03
CA TYR F 10 -0.80 18.13 21.62
C TYR F 10 -1.37 19.52 21.45
N THR F 11 -0.88 20.20 20.43
CA THR F 11 -1.32 21.56 20.15
C THR F 11 -1.91 21.60 18.75
N GLY F 12 -3.07 22.22 18.64
CA GLY F 12 -3.79 22.38 17.40
C GLY F 12 -4.47 23.72 17.41
N GLY F 13 -4.14 24.59 16.46
CA GLY F 13 -4.72 25.94 16.42
C GLY F 13 -4.39 26.69 17.71
N VAL F 14 -5.43 27.16 18.40
CA VAL F 14 -5.20 27.94 19.62
C VAL F 14 -5.46 27.07 20.86
N TYR F 15 -5.49 25.75 20.68
CA TYR F 15 -5.68 24.80 21.79
C TYR F 15 -4.48 23.89 22.07
N THR F 16 -4.25 23.65 23.36
CA THR F 16 -3.27 22.70 23.81
C THR F 16 -3.98 21.73 24.74
N ILE F 17 -3.82 20.47 24.44
CA ILE F 17 -4.43 19.41 25.25
C ILE F 17 -3.29 18.73 25.96
N ASN F 18 -3.43 18.62 27.27
CA ASN F 18 -2.38 18.18 28.16
C ASN F 18 -2.93 17.06 29.07
N ASN F 19 -2.20 15.95 29.11
CA ASN F 19 -2.56 14.82 29.97
C ASN F 19 -2.47 15.29 31.43
N ASN F 20 -1.43 16.06 31.76
CA ASN F 20 -1.29 16.74 33.06
C ASN F 20 -1.61 15.84 34.26
N LEU F 21 -0.78 14.82 34.44
CA LEU F 21 -0.90 13.92 35.58
C LEU F 21 -0.02 14.47 36.69
N TRP F 22 -0.36 15.68 37.11
CA TRP F 22 0.48 16.43 38.01
C TRP F 22 0.59 15.78 39.37
N GLY F 23 -0.47 15.12 39.82
CA GLY F 23 -0.51 14.51 41.13
C GLY F 23 -0.33 13.00 41.10
N LYS F 24 0.28 12.46 40.04
CA LYS F 24 0.29 11.00 39.86
C LYS F 24 0.99 10.27 40.98
N ASP F 25 1.90 10.95 41.66
CA ASP F 25 2.65 10.33 42.75
C ASP F 25 1.86 10.22 44.05
N ALA F 26 0.69 10.84 44.11
CA ALA F 26 -0.13 10.75 45.32
C ALA F 26 -0.94 9.45 45.34
N GLY F 27 -0.92 8.70 44.25
CA GLY F 27 -1.70 7.48 44.19
C GLY F 27 -1.19 6.49 43.16
N SER F 28 -2.08 5.64 42.72
CA SER F 28 -1.70 4.56 41.85
C SER F 28 -2.72 4.49 40.74
N GLY F 29 -2.22 4.32 39.52
CA GLY F 29 -3.05 4.14 38.36
C GLY F 29 -2.42 4.74 37.11
N SER F 30 -3.28 5.07 36.16
CA SER F 30 -2.82 5.46 34.82
C SER F 30 -3.92 6.20 34.09
N GLN F 31 -3.50 7.03 33.14
CA GLN F 31 -4.43 7.90 32.43
C GLN F 31 -3.85 8.28 31.06
N CYS F 32 -4.69 8.19 30.04
CA CYS F 32 -4.33 8.46 28.65
C CYS F 32 -5.42 9.37 28.06
N THR F 33 -4.99 10.47 27.44
CA THR F 33 -5.85 11.47 26.82
C THR F 33 -5.69 11.38 25.30
N THR F 34 -6.81 11.43 24.58
CA THR F 34 -6.79 11.23 23.13
C THR F 34 -7.37 12.50 22.54
N VAL F 35 -6.71 13.08 21.54
CA VAL F 35 -7.29 14.24 20.88
C VAL F 35 -8.03 13.84 19.61
N ASN F 36 -9.26 14.30 19.45
CA ASN F 36 -10.05 14.01 18.26
C ASN F 36 -9.88 15.12 17.23
N SER F 37 -9.90 16.38 17.67
CA SER F 37 -9.70 17.51 16.79
C SER F 37 -9.31 18.76 17.56
N ALA F 38 -8.63 19.68 16.88
CA ALA F 38 -8.23 20.94 17.48
C ALA F 38 -8.04 21.97 16.38
N SER F 39 -8.90 22.96 16.34
CA SER F 39 -8.85 23.98 15.28
C SER F 39 -9.01 25.40 15.86
N SER F 40 -9.17 26.39 14.99
CA SER F 40 -9.45 27.77 15.43
C SER F 40 -10.77 27.90 16.19
N ALA F 41 -11.70 27.00 15.91
CA ALA F 41 -13.05 27.11 16.39
C ALA F 41 -13.22 26.36 17.71
N GLY F 42 -12.47 25.28 17.93
CA GLY F 42 -12.63 24.48 19.15
C GLY F 42 -11.88 23.16 19.09
N THR F 43 -12.07 22.35 20.13
CA THR F 43 -11.32 21.11 20.26
C THR F 43 -12.25 20.03 20.84
N SER F 44 -12.04 18.80 20.38
CA SER F 44 -12.69 17.64 20.97
C SER F 44 -11.64 16.60 21.32
N TRP F 45 -11.82 15.99 22.47
CA TRP F 45 -10.79 15.17 23.08
C TRP F 45 -11.43 14.37 24.18
N SER F 46 -10.72 13.35 24.64
CA SER F 46 -11.25 12.48 25.67
C SER F 46 -10.09 12.03 26.55
N THR F 47 -10.41 11.62 27.76
CA THR F 47 -9.40 11.13 28.68
C THR F 47 -9.92 9.99 29.54
N LYS F 48 -9.12 8.93 29.62
CA LYS F 48 -9.56 7.72 30.24
C LYS F 48 -8.57 7.45 31.36
N TRP F 49 -9.09 7.18 32.55
CA TRP F 49 -8.23 7.06 33.72
C TRP F 49 -8.76 6.06 34.73
N ASN F 50 -7.83 5.60 35.58
CA ASN F 50 -8.18 4.86 36.78
C ASN F 50 -7.18 5.21 37.82
N TRP F 51 -7.67 5.62 38.99
CA TRP F 51 -6.79 6.05 40.07
C TRP F 51 -7.28 5.47 41.38
N SER F 52 -6.32 5.17 42.25
CA SER F 52 -6.57 4.68 43.61
C SER F 52 -5.61 5.33 44.56
N GLY F 53 -5.97 5.32 45.85
CA GLY F 53 -5.08 5.84 46.89
C GLY F 53 -5.05 7.35 46.92
N GLY F 54 -4.42 7.86 47.97
CA GLY F 54 -4.37 9.29 48.24
C GLY F 54 -5.73 9.91 48.02
N GLU F 55 -6.76 9.34 48.66
CA GLU F 55 -8.18 9.58 48.29
C GLU F 55 -8.66 11.06 48.36
N ASN F 56 -7.96 11.91 49.09
CA ASN F 56 -8.34 13.32 49.21
C ASN F 56 -7.42 14.23 48.40
N SER F 57 -6.58 13.62 47.55
CA SER F 57 -5.64 14.30 46.66
C SER F 57 -5.98 14.10 45.19
N VAL F 58 -5.97 15.22 44.46
CA VAL F 58 -6.15 15.21 43.02
C VAL F 58 -4.94 14.56 42.34
N LYS F 59 -5.23 13.66 41.40
CA LYS F 59 -4.17 12.93 40.67
C LYS F 59 -3.72 13.61 39.36
N SER F 60 -4.61 14.43 38.81
CA SER F 60 -4.43 14.94 37.45
C SER F 60 -5.47 16.01 37.13
N TYR F 61 -5.16 16.81 36.13
CA TYR F 61 -6.15 17.70 35.53
C TYR F 61 -5.87 17.74 34.04
N ALA F 62 -6.24 16.66 33.36
CA ALA F 62 -6.14 16.59 31.92
C ALA F 62 -7.08 17.62 31.39
N ASN F 63 -6.63 18.38 30.42
CA ASN F 63 -7.40 19.56 30.03
C ASN F 63 -7.06 20.02 28.63
N SER F 64 -7.95 20.82 28.05
CA SER F 64 -7.62 21.65 26.91
C SER F 64 -7.50 23.07 27.41
N GLY F 65 -6.44 23.75 27.01
CA GLY F 65 -6.20 25.12 27.39
C GLY F 65 -6.12 26.02 26.15
N LEU F 66 -6.53 27.27 26.32
CA LEU F 66 -6.57 28.27 25.27
C LEU F 66 -5.29 29.08 25.21
N THR F 67 -4.76 29.31 24.00
CA THR F 67 -3.74 30.32 23.80
C THR F 67 -4.47 31.63 23.58
N PHE F 68 -4.06 32.64 24.33
CA PHE F 68 -4.74 33.94 24.25
C PHE F 68 -3.82 35.06 24.70
N ASN F 69 -4.24 36.30 24.40
CA ASN F 69 -3.54 37.50 24.80
C ASN F 69 -3.93 37.84 26.24
N LYS F 70 -2.97 37.66 27.13
CA LYS F 70 -3.22 37.81 28.55
C LYS F 70 -3.40 39.28 28.85
N LYS F 71 -4.31 39.58 29.78
CA LYS F 71 -4.58 40.95 30.16
C LYS F 71 -5.35 41.04 31.46
N LEU F 72 -5.40 42.26 31.97
CA LEU F 72 -6.09 42.58 33.23
C LEU F 72 -7.54 42.14 33.15
N VAL F 73 -8.00 41.52 34.22
CA VAL F 73 -9.38 41.10 34.31
C VAL F 73 -10.32 42.29 34.09
N SER F 74 -9.92 43.47 34.58
CA SER F 74 -10.72 44.71 34.39
C SER F 74 -10.82 45.17 32.91
N GLN F 75 -9.95 44.63 32.07
CA GLN F 75 -9.87 45.06 30.68
C GLN F 75 -10.55 44.06 29.75
N ILE F 76 -11.23 43.08 30.34
CA ILE F 76 -11.81 41.99 29.55
C ILE F 76 -13.21 42.42 29.15
N SER F 77 -13.56 42.17 27.90
CA SER F 77 -14.91 42.47 27.38
C SER F 77 -15.78 41.24 27.52
N GLN F 78 -15.24 40.07 27.19
CA GLN F 78 -15.98 38.83 27.38
C GLN F 78 -15.06 37.63 27.19
N ILE F 79 -15.49 36.52 27.78
CA ILE F 79 -14.81 35.23 27.61
C ILE F 79 -15.87 34.22 27.19
N PRO F 80 -16.29 34.29 25.92
CA PRO F 80 -17.37 33.38 25.53
C PRO F 80 -16.82 31.98 25.44
N THR F 81 -17.62 31.02 25.88
CA THR F 81 -17.17 29.64 25.88
C THR F 81 -18.34 28.69 25.76
N THR F 82 -18.08 27.51 25.19
CA THR F 82 -19.05 26.42 25.20
C THR F 82 -18.30 25.17 25.60
N ALA F 83 -18.97 24.30 26.34
CA ALA F 83 -18.43 23.00 26.68
C ALA F 83 -19.57 22.01 26.61
N ARG F 84 -19.32 20.91 25.92
CA ARG F 84 -20.25 19.80 25.88
C ARG F 84 -19.45 18.53 26.11
N TRP F 85 -19.86 17.74 27.10
CA TRP F 85 -19.03 16.64 27.56
C TRP F 85 -19.94 15.59 28.20
N SER F 86 -19.43 14.39 28.42
CA SER F 86 -20.12 13.38 29.21
C SER F 86 -19.08 12.43 29.78
N TYR F 87 -19.48 11.72 30.84
CA TYR F 87 -18.70 10.66 31.46
C TYR F 87 -19.43 9.35 31.21
N ASP F 88 -18.70 8.31 30.84
CA ASP F 88 -19.34 7.00 30.62
C ASP F 88 -19.65 6.31 31.95
N ASN F 89 -18.85 6.60 32.96
CA ASN F 89 -19.00 5.93 34.24
C ASN F 89 -18.95 7.04 35.28
N THR F 90 -20.03 7.18 36.04
CA THR F 90 -20.07 8.22 37.05
C THR F 90 -19.92 7.63 38.45
N GLY F 91 -19.58 6.32 38.55
CA GLY F 91 -19.10 5.72 39.79
C GLY F 91 -17.66 6.08 40.11
N ILE F 92 -17.47 7.38 40.29
CA ILE F 92 -16.15 8.00 40.45
C ILE F 92 -16.20 9.15 41.48
N ARG F 93 -15.01 9.57 41.89
CA ARG F 93 -14.81 10.71 42.77
C ARG F 93 -13.94 11.70 42.00
N ALA F 94 -14.56 12.75 41.49
CA ALA F 94 -13.95 13.58 40.45
C ALA F 94 -14.82 14.78 40.23
N ASP F 95 -14.22 15.79 39.60
CA ASP F 95 -15.03 16.88 39.07
C ASP F 95 -14.65 17.23 37.64
N VAL F 96 -15.53 17.99 37.01
CA VAL F 96 -15.35 18.50 35.68
C VAL F 96 -15.47 20.03 35.77
N ALA F 97 -14.43 20.73 35.33
CA ALA F 97 -14.27 22.16 35.67
C ALA F 97 -13.48 22.93 34.66
N TYR F 98 -13.88 24.20 34.57
CA TYR F 98 -13.04 25.26 34.10
C TYR F 98 -12.03 25.54 35.19
N ASP F 99 -10.81 25.91 34.78
CA ASP F 99 -9.77 26.40 35.69
C ASP F 99 -9.11 27.60 35.04
N LEU F 100 -9.09 28.70 35.78
CA LEU F 100 -8.45 29.93 35.37
C LEU F 100 -7.51 30.44 36.48
N PHE F 101 -6.38 31.00 36.08
CA PHE F 101 -5.45 31.61 37.01
C PHE F 101 -5.28 33.08 36.68
N THR F 102 -5.15 33.90 37.70
CA THR F 102 -4.77 35.30 37.56
C THR F 102 -3.57 35.59 38.44
N ALA F 103 -2.79 36.56 38.00
CA ALA F 103 -1.63 37.01 38.79
C ALA F 103 -1.31 38.47 38.54
N ALA F 104 -0.75 39.12 39.56
CA ALA F 104 -0.29 40.51 39.47
C ALA F 104 0.81 40.67 38.42
N ASP F 105 1.57 39.59 38.20
CA ASP F 105 2.66 39.52 37.20
C ASP F 105 2.19 38.74 35.99
N ILE F 106 2.14 39.41 34.84
CA ILE F 106 1.58 38.86 33.61
C ILE F 106 2.43 37.70 33.13
N ASN F 107 3.69 37.65 33.55
CA ASN F 107 4.58 36.53 33.22
C ASN F 107 4.63 35.43 34.27
N HIS F 108 3.67 35.38 35.19
CA HIS F 108 3.65 34.38 36.29
C HIS F 108 3.50 33.01 35.60
N VAL F 109 4.02 31.97 36.25
CA VAL F 109 3.86 30.63 35.72
C VAL F 109 2.39 30.32 35.57
N THR F 110 2.04 29.56 34.54
CA THR F 110 0.62 29.48 34.15
C THR F 110 -0.08 28.26 34.73
N TRP F 111 0.62 27.55 35.62
CA TRP F 111 0.03 26.41 36.35
C TRP F 111 -0.43 26.74 37.78
N SER F 112 -0.29 28.01 38.15
CA SER F 112 -0.84 28.54 39.39
C SER F 112 -1.10 30.04 39.26
N GLY F 113 -1.60 30.65 40.32
CA GLY F 113 -1.87 32.08 40.34
C GLY F 113 -1.82 32.69 41.72
N ASP F 114 -1.88 34.02 41.75
CA ASP F 114 -2.39 34.72 42.91
C ASP F 114 -3.83 34.33 43.26
N TYR F 115 -4.67 34.30 42.24
CA TYR F 115 -6.03 33.81 42.38
C TYR F 115 -6.27 32.72 41.38
N GLU F 116 -7.30 31.93 41.66
CA GLU F 116 -7.81 30.91 40.77
C GLU F 116 -9.33 31.00 40.75
N LEU F 117 -9.90 30.86 39.55
CA LEU F 117 -11.36 30.81 39.37
C LEU F 117 -11.68 29.50 38.72
N MET F 118 -12.48 28.66 39.40
CA MET F 118 -12.95 27.42 38.84
C MET F 118 -14.46 27.52 38.68
N ILE F 119 -14.93 26.87 37.63
CA ILE F 119 -16.36 26.65 37.42
C ILE F 119 -16.57 25.16 37.28
N TRP F 120 -17.12 24.56 38.33
CA TRP F 120 -17.32 23.13 38.36
C TRP F 120 -18.68 22.78 37.71
N LEU F 121 -18.61 22.25 36.50
CA LEU F 121 -19.84 21.87 35.80
C LEU F 121 -20.40 20.56 36.34
N ALA F 122 -19.55 19.76 36.99
CA ALA F 122 -20.02 18.51 37.58
C ALA F 122 -19.13 18.11 38.72
N ARG F 123 -19.72 17.46 39.70
CA ARG F 123 -18.94 16.85 40.77
C ARG F 123 -19.57 15.51 41.06
N TYR F 124 -18.72 14.51 41.24
CA TYR F 124 -19.11 13.17 41.58
C TYR F 124 -18.47 12.71 42.88
N GLY F 125 -19.27 12.02 43.67
CA GLY F 125 -18.78 11.33 44.86
C GLY F 125 -18.57 12.29 46.01
N GLY F 126 -19.14 13.47 45.88
CA GLY F 126 -19.15 14.44 46.98
C GLY F 126 -17.82 15.13 47.19
N VAL F 127 -16.90 14.98 46.23
CA VAL F 127 -15.64 15.71 46.35
C VAL F 127 -15.91 17.22 46.38
N GLN F 128 -15.12 17.95 47.14
CA GLN F 128 -15.38 19.39 47.28
C GLN F 128 -14.18 20.27 46.90
N PRO F 129 -14.46 21.54 46.55
CA PRO F 129 -13.46 22.57 46.32
C PRO F 129 -12.62 22.79 47.56
N ILE F 130 -11.55 23.55 47.41
CA ILE F 130 -10.83 24.01 48.58
C ILE F 130 -11.64 25.05 49.34
N GLY F 131 -11.60 24.94 50.67
CA GLY F 131 -12.16 25.96 51.57
C GLY F 131 -13.56 25.62 52.01
N SER F 132 -14.45 26.59 51.87
CA SER F 132 -15.82 26.48 52.31
C SER F 132 -16.74 27.17 51.35
N GLN F 133 -18.03 26.83 51.50
CA GLN F 133 -19.07 27.53 50.80
C GLN F 133 -19.35 28.85 51.50
N ILE F 134 -19.27 29.95 50.76
CA ILE F 134 -19.42 31.29 51.30
C ILE F 134 -20.63 32.02 50.74
N ALA F 135 -21.31 31.41 49.78
CA ALA F 135 -22.39 32.10 49.10
C ALA F 135 -23.10 31.18 48.13
N THR F 136 -24.30 31.61 47.75
CA THR F 136 -24.98 31.07 46.59
C THR F 136 -25.01 32.24 45.61
N ALA F 137 -24.35 32.07 44.47
CA ALA F 137 -24.24 33.14 43.48
C ALA F 137 -25.18 32.84 42.32
N THR F 138 -25.85 33.88 41.83
CA THR F 138 -26.60 33.80 40.58
C THR F 138 -25.77 34.52 39.51
N VAL F 139 -25.42 33.75 38.47
CA VAL F 139 -24.71 34.27 37.31
C VAL F 139 -25.44 33.83 36.06
N ASP F 140 -25.83 34.80 35.24
CA ASP F 140 -26.56 34.50 33.99
C ASP F 140 -27.80 33.66 34.27
N GLY F 141 -28.53 34.07 35.31
CA GLY F 141 -29.82 33.46 35.63
C GLY F 141 -29.72 32.03 36.13
N GLN F 142 -28.54 31.61 36.58
CA GLN F 142 -28.37 30.26 37.11
C GLN F 142 -27.56 30.26 38.41
N THR F 143 -27.95 29.42 39.37
CA THR F 143 -27.31 29.42 40.69
C THR F 143 -26.11 28.45 40.80
N TRP F 144 -25.17 28.88 41.61
CA TRP F 144 -23.92 28.17 41.82
C TRP F 144 -23.65 28.25 43.29
N GLU F 145 -23.15 27.18 43.88
CA GLU F 145 -22.52 27.29 45.20
C GLU F 145 -21.17 27.98 45.01
N LEU F 146 -20.93 29.11 45.68
CA LEU F 146 -19.61 29.76 45.63
C LEU F 146 -18.79 29.38 46.83
N TRP F 147 -17.66 28.72 46.54
CA TRP F 147 -16.73 28.35 47.56
C TRP F 147 -15.47 29.23 47.51
N TYR F 148 -14.77 29.31 48.62
CA TYR F 148 -13.52 30.07 48.68
C TYR F 148 -12.54 29.44 49.65
N GLY F 149 -11.32 29.28 49.20
CA GLY F 149 -10.28 28.69 50.04
C GLY F 149 -8.92 29.11 49.54
N ALA F 150 -7.91 28.98 50.38
CA ALA F 150 -6.59 29.42 49.98
C ALA F 150 -5.57 28.39 50.41
N ASN F 151 -4.57 28.18 49.56
CA ASN F 151 -3.41 27.34 49.84
C ASN F 151 -2.17 28.17 49.55
N GLY F 152 -1.57 28.70 50.61
CA GLY F 152 -0.40 29.56 50.47
C GLY F 152 -0.80 30.85 49.77
N SER F 153 -0.02 31.22 48.76
CA SER F 153 -0.29 32.40 48.00
C SER F 153 -1.48 32.28 47.01
N GLN F 154 -2.06 31.08 46.82
CA GLN F 154 -3.11 30.87 45.78
C GLN F 154 -4.49 30.83 46.40
N LYS F 155 -5.29 31.83 46.05
CA LYS F 155 -6.59 32.05 46.63
C LYS F 155 -7.63 31.64 45.60
N THR F 156 -8.43 30.60 45.92
CA THR F 156 -9.32 29.99 44.92
C THR F 156 -10.82 30.20 45.13
N TYR F 157 -11.51 30.77 44.15
CA TYR F 157 -12.97 30.75 44.15
C TYR F 157 -13.45 29.60 43.26
N SER F 158 -14.37 28.76 43.75
CA SER F 158 -14.93 27.69 42.94
C SER F 158 -16.45 27.83 42.89
N PHE F 159 -17.03 28.07 41.71
CA PHE F 159 -18.46 28.05 41.51
C PHE F 159 -18.87 26.65 41.13
N VAL F 160 -19.81 26.06 41.89
CA VAL F 160 -20.11 24.64 41.75
C VAL F 160 -21.58 24.44 41.32
N ALA F 161 -21.79 23.69 40.24
CA ALA F 161 -23.16 23.41 39.80
C ALA F 161 -23.81 22.41 40.77
N PRO F 162 -25.05 22.70 41.22
CA PRO F 162 -25.78 21.73 42.07
C PRO F 162 -25.97 20.36 41.43
N THR F 163 -26.25 20.33 40.12
CA THR F 163 -26.31 19.06 39.36
C THR F 163 -25.50 19.23 38.06
N PRO F 164 -25.06 18.12 37.45
CA PRO F 164 -24.11 18.19 36.33
C PRO F 164 -24.65 18.93 35.11
N ILE F 165 -23.84 19.83 34.57
CA ILE F 165 -24.17 20.54 33.35
C ILE F 165 -23.29 20.01 32.22
N THR F 166 -23.86 19.13 31.42
CA THR F 166 -23.11 18.46 30.37
C THR F 166 -23.07 19.24 29.07
N SER F 167 -23.88 20.29 28.97
CA SER F 167 -23.82 21.23 27.85
C SER F 167 -23.83 22.69 28.36
N PHE F 168 -22.66 23.33 28.34
CA PHE F 168 -22.56 24.64 28.94
C PHE F 168 -22.23 25.65 27.84
N GLN F 169 -22.89 26.79 27.92
CA GLN F 169 -22.64 27.91 27.06
C GLN F 169 -22.78 29.16 27.93
N GLY F 170 -21.70 29.93 27.99
CA GLY F 170 -21.72 31.14 28.79
C GLY F 170 -20.49 32.00 28.54
N ASP F 171 -20.39 33.03 29.35
CA ASP F 171 -19.32 34.03 29.30
C ASP F 171 -18.62 33.99 30.65
N VAL F 172 -17.44 33.37 30.70
CA VAL F 172 -16.74 33.25 31.97
C VAL F 172 -16.51 34.62 32.60
N ASN F 173 -16.47 35.68 31.79
CA ASN F 173 -16.27 36.99 32.39
C ASN F 173 -17.41 37.37 33.31
N ASP F 174 -18.60 36.80 33.12
CA ASP F 174 -19.67 37.06 34.10
C ASP F 174 -19.30 36.59 35.52
N PHE F 175 -18.44 35.56 35.62
CA PHE F 175 -18.02 35.07 36.96
C PHE F 175 -16.95 35.99 37.52
N PHE F 176 -16.04 36.51 36.69
CA PHE F 176 -15.11 37.52 37.20
C PHE F 176 -15.88 38.75 37.70
N LYS F 177 -16.88 39.17 36.93
CA LYS F 177 -17.62 40.39 37.25
C LYS F 177 -18.36 40.20 38.56
N TYR F 178 -18.94 39.01 38.76
CA TYR F 178 -19.54 38.67 40.06
C TYR F 178 -18.53 38.77 41.22
N LEU F 179 -17.34 38.22 41.04
CA LEU F 179 -16.32 38.33 42.10
C LEU F 179 -15.83 39.77 42.34
N THR F 180 -15.64 40.51 41.26
CA THR F 180 -15.20 41.92 41.34
C THR F 180 -16.27 42.75 42.10
N GLN F 181 -17.53 42.56 41.70
CA GLN F 181 -18.66 43.33 42.23
C GLN F 181 -19.01 42.89 43.65
N ASN F 182 -19.04 41.58 43.90
CA ASN F 182 -19.55 41.03 45.14
C ASN F 182 -18.50 40.61 46.18
N HIS F 183 -17.22 40.44 45.81
CA HIS F 183 -16.21 39.95 46.76
C HIS F 183 -14.84 40.62 46.72
N GLY F 184 -14.77 41.88 46.30
CA GLY F 184 -13.53 42.62 46.43
C GLY F 184 -12.43 42.19 45.47
N PHE F 185 -12.77 41.39 44.46
CA PHE F 185 -11.75 40.82 43.61
C PHE F 185 -10.99 41.96 42.92
N PRO F 186 -9.65 41.94 43.02
CA PRO F 186 -8.88 43.07 42.52
C PRO F 186 -8.67 43.04 40.98
N ALA F 187 -9.71 43.32 40.21
CA ALA F 187 -9.65 43.04 38.77
C ALA F 187 -8.65 43.93 38.06
N SER F 188 -8.49 45.16 38.55
CA SER F 188 -7.62 46.13 37.91
C SER F 188 -6.15 45.86 38.18
N SER F 189 -5.80 44.82 38.93
CA SER F 189 -4.39 44.49 39.14
C SER F 189 -4.07 43.00 39.03
N GLN F 190 -4.98 42.24 38.44
CA GLN F 190 -4.76 40.83 38.23
C GLN F 190 -4.92 40.57 36.73
N TYR F 191 -3.89 39.93 36.18
CA TYR F 191 -3.90 39.49 34.81
C TYR F 191 -4.48 38.10 34.76
N LEU F 192 -5.30 37.88 33.76
CA LEU F 192 -5.77 36.53 33.46
C LEU F 192 -4.68 35.85 32.62
N ILE F 193 -4.17 34.74 33.13
CA ILE F 193 -3.02 34.09 32.53
C ILE F 193 -3.26 32.66 32.05
N THR F 194 -4.35 32.02 32.49
CA THR F 194 -4.65 30.64 32.08
C THR F 194 -6.15 30.45 31.96
N LEU F 195 -6.58 29.64 30.98
CA LEU F 195 -8.01 29.31 30.79
C LEU F 195 -8.03 27.91 30.21
N GLN F 196 -8.45 26.96 31.06
CA GLN F 196 -8.50 25.55 30.79
C GLN F 196 -9.85 24.97 31.14
N PHE F 197 -10.13 23.84 30.50
CA PHE F 197 -11.31 23.01 30.80
C PHE F 197 -10.87 21.57 30.86
N GLY F 198 -11.27 20.87 31.93
CA GLY F 198 -10.92 19.46 32.02
C GLY F 198 -11.56 18.79 33.23
N THR F 199 -10.91 17.73 33.70
CA THR F 199 -11.43 16.92 34.81
C THR F 199 -10.33 16.60 35.82
N ALA F 200 -10.65 16.76 37.10
CA ALA F 200 -9.76 16.47 38.22
C ALA F 200 -10.29 15.22 38.95
N PRO F 201 -9.68 14.05 38.69
CA PRO F 201 -10.02 12.83 39.42
C PRO F 201 -9.27 12.72 40.74
N PHE F 202 -9.96 12.20 41.74
CA PHE F 202 -9.32 11.81 43.00
C PHE F 202 -9.12 10.29 42.93
N THR F 203 -10.23 9.56 42.83
CA THR F 203 -10.23 8.08 42.80
C THR F 203 -11.35 7.57 41.93
N GLY F 204 -11.18 6.35 41.43
CA GLY F 204 -12.24 5.72 40.63
C GLY F 204 -11.77 5.15 39.31
N GLY F 205 -12.72 4.78 38.47
CA GLY F 205 -12.42 4.43 37.07
C GLY F 205 -12.13 2.94 37.02
N PRO F 206 -11.98 2.34 35.84
CA PRO F 206 -11.80 3.09 34.59
C PRO F 206 -12.99 3.92 34.19
N ALA F 207 -12.71 5.13 33.74
CA ALA F 207 -13.75 6.08 33.37
C ALA F 207 -13.18 7.00 32.30
N THR F 208 -14.07 7.46 31.42
CA THR F 208 -13.67 8.27 30.28
C THR F 208 -14.56 9.50 30.25
N LEU F 209 -13.91 10.67 30.26
CA LEU F 209 -14.58 11.93 29.96
C LEU F 209 -14.42 12.17 28.46
N SER F 210 -15.54 12.37 27.78
CA SER F 210 -15.51 12.64 26.34
C SER F 210 -15.95 14.05 26.22
N VAL F 211 -15.11 14.90 25.65
CA VAL F 211 -15.45 16.30 25.45
C VAL F 211 -15.79 16.40 23.94
N SER F 212 -17.05 16.47 23.58
CA SER F 212 -17.36 16.54 22.15
C SER F 212 -16.98 17.91 21.60
N ASN F 213 -17.12 18.97 22.39
CA ASN F 213 -16.50 20.25 22.05
C ASN F 213 -16.20 21.18 23.23
N TRP F 214 -15.08 21.89 23.12
CA TRP F 214 -14.75 22.97 24.02
C TRP F 214 -14.28 24.08 23.14
N SER F 215 -14.89 25.24 23.28
CA SER F 215 -14.48 26.43 22.57
C SER F 215 -14.36 27.51 23.60
N ALA F 216 -13.42 28.41 23.37
CA ALA F 216 -13.27 29.61 24.22
C ALA F 216 -12.52 30.70 23.47
N SER F 217 -12.75 31.93 23.88
CA SER F 217 -11.86 33.04 23.55
C SER F 217 -11.86 34.09 24.63
N VAL F 218 -10.75 34.80 24.73
CA VAL F 218 -10.66 35.93 25.64
C VAL F 218 -10.49 37.20 24.85
N GLN F 219 -11.46 38.10 24.99
CA GLN F 219 -11.52 39.36 24.25
C GLN F 219 -11.53 40.56 25.19
N GLN G 2 20.57 49.23 6.08
CA GLN G 2 19.30 49.07 6.86
C GLN G 2 18.35 48.17 6.11
N LEU G 3 17.74 47.22 6.81
CA LEU G 3 17.03 46.14 6.17
C LEU G 3 15.56 46.27 6.52
N CYS G 4 14.73 46.73 5.58
CA CYS G 4 13.30 46.98 5.84
C CYS G 4 12.31 46.06 5.13
N ASP G 5 12.67 45.53 3.96
CA ASP G 5 11.83 44.55 3.26
C ASP G 5 11.78 43.21 4.00
N GLN G 6 10.81 42.39 3.60
CA GLN G 6 10.44 41.18 4.33
C GLN G 6 11.64 40.33 4.67
N TYR G 7 12.44 39.99 3.64
CA TYR G 7 13.60 39.12 3.82
C TYR G 7 14.86 39.85 3.33
N ALA G 8 14.89 41.15 3.61
CA ALA G 8 16.09 41.92 3.45
C ALA G 8 17.14 41.33 4.37
N THR G 9 18.38 41.32 3.89
CA THR G 9 19.41 40.56 4.58
C THR G 9 20.78 41.19 4.33
N TYR G 10 21.72 40.95 5.23
CA TYR G 10 23.10 41.35 5.02
C TYR G 10 24.03 40.35 5.68
N THR G 11 25.14 40.06 4.99
CA THR G 11 26.06 39.05 5.42
C THR G 11 27.42 39.71 5.64
N GLY G 12 27.99 39.45 6.81
CA GLY G 12 29.31 39.91 7.16
C GLY G 12 29.99 38.80 7.89
N GLY G 13 31.00 38.23 7.22
CA GLY G 13 31.77 37.14 7.78
C GLY G 13 30.90 35.91 7.85
N VAL G 14 30.83 35.33 9.04
CA VAL G 14 29.99 34.15 9.24
C VAL G 14 28.61 34.51 9.82
N TYR G 15 28.23 35.78 9.75
CA TYR G 15 26.97 36.19 10.35
C TYR G 15 26.07 36.72 9.25
N THR G 16 24.84 36.24 9.23
CA THR G 16 23.84 36.77 8.33
C THR G 16 22.74 37.37 9.16
N ILE G 17 22.41 38.65 8.92
CA ILE G 17 21.36 39.34 9.67
C ILE G 17 20.16 39.40 8.75
N ASN G 18 19.00 39.00 9.25
CA ASN G 18 17.79 38.94 8.42
C ASN G 18 16.64 39.69 9.12
N ASN G 19 15.95 40.57 8.40
CA ASN G 19 14.80 41.26 8.98
C ASN G 19 13.71 40.21 9.23
N ASN G 20 13.62 39.25 8.31
CA ASN G 20 12.77 38.06 8.45
C ASN G 20 11.33 38.36 8.93
N LEU G 21 10.58 39.15 8.19
CA LEU G 21 9.19 39.46 8.58
C LEU G 21 8.22 38.42 8.06
N TRP G 22 8.41 37.19 8.51
CA TRP G 22 7.78 36.05 7.91
C TRP G 22 6.28 36.03 8.18
N GLY G 23 5.88 36.67 9.27
CA GLY G 23 4.48 36.72 9.69
C GLY G 23 3.79 38.04 9.42
N LYS G 24 4.36 38.85 8.54
CA LYS G 24 3.85 40.21 8.33
C LYS G 24 2.41 40.27 7.83
N ASP G 25 1.96 39.27 7.05
CA ASP G 25 0.57 39.28 6.61
C ASP G 25 -0.40 39.03 7.76
N ALA G 26 0.07 38.64 8.96
CA ALA G 26 -0.87 38.30 10.05
C ALA G 26 -1.35 39.54 10.81
N GLY G 27 -0.74 40.69 10.58
CA GLY G 27 -1.38 41.93 10.99
C GLY G 27 -0.79 43.14 10.31
N SER G 28 -0.54 44.18 11.10
CA SER G 28 -0.30 45.49 10.55
C SER G 28 0.90 46.12 11.25
N GLY G 29 1.78 46.77 10.50
CA GLY G 29 2.94 47.41 11.12
C GLY G 29 4.13 47.39 10.18
N SER G 30 5.31 47.63 10.73
CA SER G 30 6.53 47.57 9.94
C SER G 30 7.70 47.35 10.87
N GLN G 31 8.86 47.07 10.30
CA GLN G 31 10.02 46.71 11.07
C GLN G 31 11.25 46.80 10.19
N CYS G 32 12.28 47.44 10.74
CA CYS G 32 13.53 47.68 10.05
C CYS G 32 14.68 47.20 10.93
N THR G 33 15.63 46.54 10.31
CA THR G 33 16.74 45.95 11.04
C THR G 33 18.04 46.61 10.59
N THR G 34 18.85 47.01 11.57
CA THR G 34 20.05 47.80 11.32
C THR G 34 21.24 47.02 11.79
N VAL G 35 22.20 46.84 10.89
CA VAL G 35 23.46 46.18 11.21
C VAL G 35 24.54 47.18 11.62
N ASN G 36 25.13 47.00 12.79
CA ASN G 36 26.20 47.87 13.27
C ASN G 36 27.53 47.26 12.89
N SER G 37 27.68 45.97 13.10
CA SER G 37 28.89 45.26 12.68
C SER G 37 28.61 43.76 12.43
N ALA G 38 29.50 43.14 11.67
CA ALA G 38 29.46 41.69 11.40
C ALA G 38 30.83 41.17 10.91
N SER G 39 31.55 40.50 11.79
CA SER G 39 32.91 40.04 11.52
C SER G 39 33.04 38.58 11.95
N SER G 40 34.24 38.03 11.89
CA SER G 40 34.42 36.63 12.24
C SER G 40 34.30 36.39 13.75
N ALA G 41 34.38 37.44 14.56
CA ALA G 41 34.28 37.34 16.00
C ALA G 41 32.84 37.49 16.53
N GLY G 42 31.98 38.20 15.82
CA GLY G 42 30.68 38.52 16.39
C GLY G 42 29.96 39.56 15.58
N THR G 43 28.75 39.89 16.01
CA THR G 43 27.91 40.81 15.27
C THR G 43 27.12 41.65 16.24
N SER G 44 26.81 42.86 15.79
CA SER G 44 26.02 43.80 16.56
C SER G 44 25.03 44.44 15.60
N TRP G 45 23.79 44.56 16.07
CA TRP G 45 22.69 44.93 15.22
C TRP G 45 21.51 45.32 16.10
N SER G 46 20.52 45.98 15.50
CA SER G 46 19.30 46.29 16.26
C SER G 46 18.12 46.13 15.31
N THR G 47 16.93 46.03 15.89
CA THR G 47 15.73 45.98 15.08
C THR G 47 14.60 46.77 15.78
N LYS G 48 13.86 47.50 14.98
CA LYS G 48 12.83 48.37 15.53
C LYS G 48 11.56 48.08 14.77
N TRP G 49 10.46 47.93 15.51
CA TRP G 49 9.23 47.40 14.94
C TRP G 49 8.06 47.96 15.70
N ASN G 50 6.90 47.96 15.03
CA ASN G 50 5.59 48.11 15.65
C ASN G 50 4.62 47.19 14.93
N TRP G 51 3.89 46.39 15.71
CA TRP G 51 2.98 45.40 15.15
C TRP G 51 1.66 45.46 15.91
N SER G 52 0.57 45.29 15.18
CA SER G 52 -0.74 45.08 15.76
C SER G 52 -1.55 44.08 14.95
N GLY G 53 -2.57 43.47 15.56
CA GLY G 53 -3.41 42.51 14.83
C GLY G 53 -2.79 41.12 14.80
N GLY G 54 -3.62 40.07 14.77
CA GLY G 54 -3.13 38.68 14.79
C GLY G 54 -2.30 38.62 16.04
N GLU G 55 -2.98 38.81 17.17
CA GLU G 55 -2.30 38.95 18.46
C GLU G 55 -1.67 37.67 19.00
N ASN G 56 -2.11 36.52 18.53
CA ASN G 56 -1.47 35.26 18.92
C ASN G 56 -0.55 34.71 17.83
N SER G 57 -0.22 35.55 16.84
CA SER G 57 0.62 35.17 15.70
C SER G 57 1.92 35.98 15.67
N VAL G 58 3.06 35.29 15.53
CA VAL G 58 4.34 36.00 15.46
C VAL G 58 4.41 36.72 14.11
N LYS G 59 4.83 37.98 14.13
CA LYS G 59 4.96 38.77 12.92
C LYS G 59 6.28 38.56 12.20
N SER G 60 7.32 38.26 12.97
CA SER G 60 8.69 38.30 12.47
C SER G 60 9.63 37.59 13.44
N TYR G 61 10.83 37.25 12.97
CA TYR G 61 11.95 36.87 13.83
C TYR G 61 13.23 37.41 13.17
N ALA G 62 13.41 38.73 13.24
CA ALA G 62 14.66 39.37 12.86
C ALA G 62 15.74 38.80 13.76
N ASN G 63 16.87 38.44 13.14
CA ASN G 63 17.83 37.61 13.77
C ASN G 63 19.20 37.75 13.12
N SER G 64 20.21 37.41 13.90
CA SER G 64 21.49 37.05 13.39
C SER G 64 21.65 35.52 13.44
N GLY G 65 22.10 34.97 12.31
CA GLY G 65 22.36 33.51 12.20
C GLY G 65 23.81 33.21 11.88
N LEU G 66 24.32 32.12 12.45
CA LEU G 66 25.68 31.71 12.21
C LEU G 66 25.75 30.83 10.94
N THR G 67 26.72 31.11 10.07
CA THR G 67 27.29 30.09 9.18
C THR G 67 28.30 29.17 9.85
N PHE G 68 28.05 27.89 9.74
CA PHE G 68 28.89 26.90 10.39
C PHE G 68 28.82 25.57 9.66
N ASN G 69 29.72 24.66 10.02
CA ASN G 69 29.77 23.36 9.42
C ASN G 69 28.77 22.50 10.19
N LYS G 70 27.75 22.03 9.48
CA LYS G 70 26.67 21.28 10.08
C LYS G 70 27.13 19.89 10.44
N LYS G 71 26.65 19.39 11.56
CA LYS G 71 26.97 18.03 11.94
C LYS G 71 25.92 17.45 12.87
N LEU G 72 25.99 16.13 13.00
CA LEU G 72 25.13 15.38 13.91
C LEU G 72 25.29 15.95 15.30
N VAL G 73 24.17 16.09 16.00
CA VAL G 73 24.21 16.58 17.36
C VAL G 73 25.08 15.70 18.27
N SER G 74 25.09 14.39 18.01
CA SER G 74 25.89 13.46 18.76
C SER G 74 27.39 13.66 18.53
N GLN G 75 27.76 14.30 17.43
CA GLN G 75 29.15 14.54 17.10
C GLN G 75 29.64 15.90 17.62
N ILE G 76 28.74 16.69 18.18
CA ILE G 76 29.09 18.05 18.58
C ILE G 76 29.71 18.05 19.95
N SER G 77 30.77 18.85 20.09
CA SER G 77 31.61 18.96 21.32
C SER G 77 31.15 20.16 22.12
N GLN G 78 31.05 21.31 21.44
CA GLN G 78 30.53 22.51 22.06
C GLN G 78 29.94 23.47 21.09
N ILE G 79 29.09 24.33 21.63
CA ILE G 79 28.47 25.42 20.91
C ILE G 79 28.58 26.67 21.76
N PRO G 80 29.82 27.18 21.90
CA PRO G 80 29.98 28.38 22.71
C PRO G 80 29.20 29.54 22.14
N THR G 81 28.56 30.31 23.00
CA THR G 81 27.81 31.45 22.50
C THR G 81 27.80 32.58 23.51
N THR G 82 27.75 33.82 23.03
CA THR G 82 27.47 34.97 23.91
C THR G 82 26.40 35.86 23.33
N ALA G 83 25.59 36.46 24.20
CA ALA G 83 24.58 37.39 23.76
C ALA G 83 24.41 38.52 24.76
N ARG G 84 24.43 39.75 24.28
CA ARG G 84 24.20 40.87 25.16
C ARG G 84 23.29 41.81 24.42
N TRP G 85 22.18 42.14 25.08
CA TRP G 85 21.13 42.87 24.39
C TRP G 85 20.30 43.62 25.42
N SER G 86 19.52 44.57 24.95
CA SER G 86 18.54 45.24 25.78
C SER G 86 17.37 45.69 24.91
N TYR G 87 16.16 45.71 25.47
CA TYR G 87 15.02 46.35 24.82
C TYR G 87 14.87 47.75 25.39
N ASP G 88 14.67 48.77 24.54
CA ASP G 88 14.39 50.13 25.04
C ASP G 88 13.08 50.22 25.82
N ASN G 89 12.05 49.58 25.27
CA ASN G 89 10.71 49.75 25.73
C ASN G 89 10.19 48.32 25.88
N THR G 90 9.89 47.92 27.10
CA THR G 90 9.50 46.55 27.41
C THR G 90 7.99 46.40 27.56
N GLY G 91 7.22 47.41 27.18
CA GLY G 91 5.75 47.31 27.23
C GLY G 91 5.21 46.68 25.95
N ILE G 92 5.62 45.44 25.69
CA ILE G 92 5.43 44.78 24.40
C ILE G 92 4.99 43.35 24.65
N ARG G 93 4.50 42.69 23.61
CA ARG G 93 4.29 41.26 23.65
C ARG G 93 5.27 40.56 22.69
N ALA G 94 6.28 39.90 23.25
CA ALA G 94 7.45 39.48 22.46
C ALA G 94 8.38 38.63 23.29
N ASP G 95 9.27 37.89 22.64
CA ASP G 95 10.30 37.21 23.36
C ASP G 95 11.67 37.41 22.70
N VAL G 96 12.69 37.02 23.44
CA VAL G 96 14.08 37.10 22.96
C VAL G 96 14.68 35.75 23.16
N ALA G 97 15.17 35.18 22.05
CA ALA G 97 15.50 33.77 22.06
C ALA G 97 16.55 33.40 21.04
N TYR G 98 17.31 32.37 21.40
CA TYR G 98 18.02 31.56 20.44
C TYR G 98 17.03 30.63 19.76
N ASP G 99 17.25 30.38 18.48
CA ASP G 99 16.45 29.43 17.70
C ASP G 99 17.37 28.51 16.91
N LEU G 100 17.30 27.22 17.23
CA LEU G 100 18.11 26.20 16.57
C LEU G 100 17.17 25.20 15.91
N PHE G 101 17.48 24.79 14.69
CA PHE G 101 16.75 23.69 14.05
C PHE G 101 17.69 22.54 13.82
N THR G 102 17.15 21.33 13.97
CA THR G 102 17.83 20.12 13.56
C THR G 102 16.93 19.37 12.58
N ALA G 103 17.59 18.59 11.75
CA ALA G 103 16.89 17.73 10.80
C ALA G 103 17.68 16.48 10.52
N ALA G 104 16.98 15.40 10.20
CA ALA G 104 17.67 14.16 9.80
C ALA G 104 18.38 14.33 8.44
N ASP G 105 17.92 15.29 7.66
CA ASP G 105 18.48 15.59 6.35
C ASP G 105 19.36 16.84 6.50
N ILE G 106 20.66 16.71 6.22
CA ILE G 106 21.65 17.77 6.48
C ILE G 106 21.39 18.93 5.54
N ASN G 107 20.66 18.66 4.44
CA ASN G 107 20.28 19.67 3.46
C ASN G 107 18.84 20.19 3.64
N HIS G 108 18.26 19.96 4.81
CA HIS G 108 16.93 20.46 5.10
C HIS G 108 16.87 21.99 4.99
N VAL G 109 15.73 22.51 4.58
CA VAL G 109 15.58 23.98 4.57
C VAL G 109 15.88 24.55 5.98
N THR G 110 16.48 25.72 6.07
CA THR G 110 17.08 26.17 7.33
C THR G 110 16.16 27.06 8.18
N TRP G 111 14.91 27.14 7.78
CA TRP G 111 13.91 27.91 8.51
C TRP G 111 12.89 27.03 9.23
N SER G 112 13.09 25.72 9.16
CA SER G 112 12.32 24.78 9.99
C SER G 112 13.13 23.51 10.21
N GLY G 113 12.65 22.62 11.07
CA GLY G 113 13.39 21.40 11.34
C GLY G 113 12.48 20.25 11.66
N ASP G 114 13.06 19.06 11.78
CA ASP G 114 12.42 17.98 12.50
C ASP G 114 12.28 18.34 13.97
N TYR G 115 13.31 18.97 14.52
CA TYR G 115 13.26 19.49 15.88
C TYR G 115 13.70 20.93 15.91
N GLU G 116 13.18 21.64 16.89
CA GLU G 116 13.61 23.00 17.20
C GLU G 116 13.99 23.06 18.68
N LEU G 117 15.11 23.70 18.96
CA LEU G 117 15.51 24.02 20.32
C LEU G 117 15.56 25.54 20.46
N MET G 118 14.76 26.08 21.39
CA MET G 118 14.80 27.50 21.71
C MET G 118 15.29 27.71 23.16
N ILE G 119 16.05 28.78 23.30
CA ILE G 119 16.55 29.16 24.61
C ILE G 119 16.06 30.57 24.75
N TRP G 120 14.97 30.73 25.50
CA TRP G 120 14.29 32.01 25.68
C TRP G 120 14.98 32.77 26.83
N LEU G 121 15.71 33.82 26.45
CA LEU G 121 16.38 34.65 27.44
C LEU G 121 15.43 35.68 28.07
N ALA G 122 14.37 36.05 27.35
CA ALA G 122 13.32 36.89 27.94
C ALA G 122 11.94 36.69 27.29
N ARG G 123 10.90 37.02 28.06
CA ARG G 123 9.53 37.12 27.54
C ARG G 123 8.82 38.34 28.13
N TYR G 124 8.09 39.05 27.28
CA TYR G 124 7.27 40.18 27.66
C TYR G 124 5.80 39.97 27.31
N GLY G 125 4.90 40.42 28.21
CA GLY G 125 3.46 40.45 27.95
C GLY G 125 2.81 39.08 28.10
N GLY G 126 3.54 38.17 28.75
CA GLY G 126 3.05 36.84 29.07
C GLY G 126 3.04 35.82 27.93
N VAL G 127 3.73 36.10 26.83
CA VAL G 127 3.76 35.16 25.70
C VAL G 127 4.53 33.91 26.14
N GLN G 128 4.11 32.74 25.63
CA GLN G 128 4.75 31.50 26.05
C GLN G 128 5.18 30.67 24.84
N PRO G 129 6.06 29.70 25.06
CA PRO G 129 6.44 28.82 23.95
C PRO G 129 5.22 28.01 23.45
N ILE G 130 5.41 27.29 22.36
CA ILE G 130 4.47 26.25 21.96
C ILE G 130 4.44 25.09 22.98
N GLY G 131 3.23 24.58 23.23
CA GLY G 131 3.04 23.38 24.05
C GLY G 131 2.80 23.64 25.53
N SER G 132 3.48 22.90 26.40
CA SER G 132 3.48 23.26 27.82
C SER G 132 4.72 22.72 28.54
N GLN G 133 4.89 23.12 29.80
CA GLN G 133 6.10 22.74 30.52
C GLN G 133 6.07 21.26 30.85
N ILE G 134 7.16 20.56 30.55
CA ILE G 134 7.28 19.14 30.80
C ILE G 134 8.26 18.83 31.93
N ALA G 135 9.10 19.81 32.28
CA ALA G 135 10.18 19.54 33.21
C ALA G 135 10.73 20.84 33.75
N THR G 136 11.48 20.71 34.84
CA THR G 136 12.42 21.74 35.28
C THR G 136 13.82 21.17 35.10
N ALA G 137 14.59 21.86 34.27
CA ALA G 137 15.84 21.31 33.77
C ALA G 137 17.00 22.05 34.44
N THR G 138 17.91 21.28 35.04
CA THR G 138 19.20 21.83 35.41
C THR G 138 20.19 21.68 34.26
N VAL G 139 20.64 22.81 33.73
CA VAL G 139 21.61 22.80 32.63
C VAL G 139 22.83 23.63 33.03
N ASP G 140 23.99 22.98 33.19
CA ASP G 140 25.22 23.71 33.58
C ASP G 140 25.01 24.39 34.94
N GLY G 141 24.32 23.68 35.85
CA GLY G 141 24.10 24.10 37.23
C GLY G 141 23.10 25.24 37.41
N GLN G 142 22.43 25.63 36.31
CA GLN G 142 21.28 26.56 36.31
C GLN G 142 19.93 25.91 35.89
N THR G 143 18.83 26.49 36.38
CA THR G 143 17.47 25.92 36.23
C THR G 143 16.74 26.59 35.06
N TRP G 144 16.05 25.77 34.27
CA TRP G 144 15.19 26.26 33.18
C TRP G 144 13.85 25.52 33.24
N GLU G 145 12.79 26.24 32.89
CA GLU G 145 11.55 25.62 32.44
C GLU G 145 11.80 24.95 31.11
N LEU G 146 11.49 23.67 31.02
CA LEU G 146 11.56 23.03 29.71
C LEU G 146 10.15 22.79 29.19
N TRP G 147 9.81 23.51 28.13
CA TRP G 147 8.58 23.29 27.38
C TRP G 147 8.77 22.41 26.17
N TYR G 148 7.67 21.76 25.80
CA TYR G 148 7.64 20.97 24.61
C TYR G 148 6.31 21.10 23.93
N GLY G 149 6.34 21.41 22.64
CA GLY G 149 5.16 21.24 21.80
C GLY G 149 5.50 21.00 20.35
N ALA G 150 4.49 20.71 19.54
CA ALA G 150 4.73 20.31 18.16
C ALA G 150 3.69 20.90 17.25
N ASN G 151 4.13 21.30 16.07
CA ASN G 151 3.24 21.80 15.04
C ASN G 151 3.57 21.01 13.79
N GLY G 152 2.70 20.07 13.41
CA GLY G 152 2.99 19.21 12.26
C GLY G 152 4.26 18.43 12.54
N SER G 153 5.22 18.46 11.61
CA SER G 153 6.41 17.63 11.74
C SER G 153 7.47 18.29 12.64
N GLN G 154 7.26 19.55 13.00
CA GLN G 154 8.24 20.30 13.77
C GLN G 154 7.97 20.25 15.27
N LYS G 155 8.93 19.63 15.96
CA LYS G 155 8.85 19.33 17.36
C LYS G 155 9.81 20.24 18.11
N THR G 156 9.26 21.07 18.99
CA THR G 156 9.97 22.20 19.62
C THR G 156 10.17 22.07 21.13
N TYR G 157 11.42 22.06 21.55
CA TYR G 157 11.77 22.23 22.94
C TYR G 157 12.20 23.65 23.18
N SER G 158 11.58 24.28 24.18
CA SER G 158 11.92 25.64 24.54
C SER G 158 12.38 25.67 25.99
N PHE G 159 13.64 26.02 26.21
CA PHE G 159 14.13 26.27 27.56
C PHE G 159 13.87 27.72 27.85
N VAL G 160 13.18 28.02 28.95
CA VAL G 160 12.80 29.41 29.26
C VAL G 160 13.41 29.88 30.61
N ALA G 161 14.10 31.02 30.57
CA ALA G 161 14.71 31.58 31.79
C ALA G 161 13.60 32.06 32.74
N PRO G 162 13.69 31.76 34.04
CA PRO G 162 12.56 32.19 34.87
C PRO G 162 12.51 33.70 35.05
N THR G 163 13.64 34.41 34.97
CA THR G 163 13.66 35.87 34.78
C THR G 163 14.63 36.21 33.64
N PRO G 164 14.49 37.42 33.03
CA PRO G 164 15.25 37.83 31.84
C PRO G 164 16.77 37.82 32.03
N ILE G 165 17.46 37.28 31.03
CA ILE G 165 18.91 37.25 30.96
C ILE G 165 19.35 38.15 29.82
N THR G 166 19.80 39.37 30.13
CA THR G 166 20.26 40.32 29.13
C THR G 166 21.74 40.21 28.83
N SER G 167 22.43 39.34 29.55
CA SER G 167 23.82 39.08 29.27
C SER G 167 24.06 37.61 29.51
N PHE G 168 24.14 36.87 28.41
CA PHE G 168 24.22 35.41 28.46
C PHE G 168 25.57 34.97 27.89
N GLN G 169 26.11 33.91 28.44
CA GLN G 169 27.23 33.21 27.83
C GLN G 169 26.93 31.79 28.21
N GLY G 170 26.99 30.86 27.27
CA GLY G 170 26.91 29.45 27.62
C GLY G 170 27.36 28.58 26.47
N ASP G 171 27.06 27.30 26.60
CA ASP G 171 27.35 26.27 25.62
C ASP G 171 26.03 25.57 25.31
N VAL G 172 25.54 25.82 24.10
CA VAL G 172 24.23 25.39 23.70
C VAL G 172 24.23 23.87 23.62
N ASN G 173 25.39 23.26 23.47
CA ASN G 173 25.45 21.81 23.47
C ASN G 173 25.07 21.15 24.80
N ASP G 174 25.16 21.91 25.89
CA ASP G 174 24.65 21.45 27.18
C ASP G 174 23.13 21.20 27.15
N PHE G 175 22.42 22.03 26.38
CA PHE G 175 20.99 21.84 26.22
C PHE G 175 20.69 20.63 25.38
N PHE G 176 21.46 20.39 24.32
CA PHE G 176 21.25 19.17 23.52
C PHE G 176 21.50 17.93 24.37
N LYS G 177 22.62 17.92 25.10
CA LYS G 177 23.00 16.81 25.95
C LYS G 177 21.94 16.53 27.00
N TYR G 178 21.38 17.60 27.55
CA TYR G 178 20.23 17.47 28.40
C TYR G 178 19.10 16.68 27.73
N LEU G 179 18.66 17.12 26.55
CA LEU G 179 17.57 16.45 25.85
C LEU G 179 17.92 15.05 25.45
N THR G 180 19.18 14.84 25.10
CA THR G 180 19.65 13.52 24.73
C THR G 180 19.55 12.56 25.93
N GLN G 181 20.01 12.99 27.10
CA GLN G 181 20.07 12.09 28.26
C GLN G 181 18.71 11.90 28.94
N ASN G 182 17.86 12.92 28.91
CA ASN G 182 16.63 12.90 29.68
C ASN G 182 15.35 12.76 28.85
N HIS G 183 15.37 13.13 27.57
CA HIS G 183 14.14 13.15 26.76
C HIS G 183 14.28 12.47 25.39
N GLY G 184 15.21 11.53 25.29
CA GLY G 184 15.29 10.62 24.14
C GLY G 184 15.55 11.32 22.81
N PHE G 185 16.17 12.50 22.88
CA PHE G 185 16.44 13.27 21.68
C PHE G 185 17.40 12.47 20.84
N PRO G 186 17.05 12.28 19.54
CA PRO G 186 17.75 11.32 18.67
C PRO G 186 19.00 11.95 18.07
N ALA G 187 19.99 12.13 18.93
CA ALA G 187 21.15 12.94 18.62
C ALA G 187 22.05 12.30 17.58
N SER G 188 21.96 10.99 17.44
CA SER G 188 22.78 10.28 16.49
C SER G 188 22.20 10.30 15.09
N SER G 189 21.01 10.86 14.92
CA SER G 189 20.39 10.94 13.60
C SER G 189 19.88 12.35 13.25
N GLN G 190 20.17 13.34 14.09
CA GLN G 190 19.72 14.71 13.80
C GLN G 190 20.95 15.61 13.57
N TYR G 191 20.99 16.28 12.41
CA TYR G 191 21.99 17.32 12.12
C TYR G 191 21.60 18.68 12.66
N LEU G 192 22.49 19.39 13.35
CA LEU G 192 22.26 20.81 13.62
C LEU G 192 22.38 21.61 12.33
N ILE G 193 21.32 22.31 11.94
CA ILE G 193 21.29 22.98 10.65
C ILE G 193 21.12 24.48 10.75
N THR G 194 20.70 24.99 11.90
CA THR G 194 20.44 26.43 12.09
C THR G 194 20.74 26.87 13.52
N LEU G 195 21.44 27.99 13.64
CA LEU G 195 21.68 28.61 14.95
C LEU G 195 21.53 30.12 14.81
N GLN G 196 20.50 30.65 15.44
CA GLN G 196 20.09 32.04 15.29
C GLN G 196 19.74 32.66 16.61
N PHE G 197 19.74 33.99 16.62
CA PHE G 197 19.45 34.75 17.83
C PHE G 197 18.71 36.00 17.43
N GLY G 198 17.59 36.24 18.12
CA GLY G 198 16.78 37.38 17.75
C GLY G 198 15.58 37.55 18.64
N THR G 199 14.55 38.19 18.08
CA THR G 199 13.33 38.50 18.82
C THR G 199 12.07 38.21 17.98
N ALA G 200 11.05 37.65 18.63
CA ALA G 200 9.78 37.34 17.96
C ALA G 200 8.68 38.18 18.60
N PRO G 201 8.28 39.26 17.91
CA PRO G 201 7.19 40.12 18.37
C PRO G 201 5.85 39.57 17.94
N PHE G 202 4.87 39.75 18.82
CA PHE G 202 3.48 39.54 18.47
C PHE G 202 2.85 40.91 18.20
N THR G 203 2.81 41.76 19.21
CA THR G 203 2.22 43.10 19.08
C THR G 203 2.92 44.10 19.99
N GLY G 204 2.79 45.38 19.66
CA GLY G 204 3.34 46.44 20.51
C GLY G 204 4.19 47.40 19.71
N GLY G 205 4.95 48.24 20.41
CA GLY G 205 5.87 49.20 19.77
C GLY G 205 5.33 50.59 19.47
N PRO G 206 6.17 51.48 18.96
CA PRO G 206 7.52 51.16 18.49
C PRO G 206 8.41 50.65 19.59
N ALA G 207 9.28 49.69 19.27
CA ALA G 207 10.21 49.16 20.24
C ALA G 207 11.46 48.70 19.51
N THR G 208 12.61 48.80 20.18
CA THR G 208 13.87 48.53 19.54
C THR G 208 14.67 47.60 20.41
N LEU G 209 14.97 46.43 19.86
CA LEU G 209 15.93 45.53 20.46
C LEU G 209 17.30 45.92 19.95
N SER G 210 18.25 46.08 20.87
CA SER G 210 19.63 46.36 20.51
C SER G 210 20.50 45.21 20.96
N VAL G 211 21.08 44.51 19.98
CA VAL G 211 22.03 43.45 20.31
C VAL G 211 23.43 44.03 20.22
N SER G 212 24.06 44.27 21.37
CA SER G 212 25.36 44.91 21.37
C SER G 212 26.40 43.87 21.00
N ASN G 213 26.10 42.60 21.28
CA ASN G 213 26.94 41.53 20.80
C ASN G 213 26.19 40.21 20.70
N TRP G 214 26.37 39.55 19.57
CA TRP G 214 26.13 38.10 19.45
C TRP G 214 27.31 37.44 18.79
N SER G 215 27.74 36.34 19.38
CA SER G 215 28.77 35.45 18.85
C SER G 215 28.28 34.05 19.07
N ALA G 216 28.67 33.14 18.17
CA ALA G 216 28.54 31.70 18.39
C ALA G 216 29.55 30.97 17.52
N SER G 217 29.86 29.75 17.92
CA SER G 217 30.54 28.80 17.06
C SER G 217 30.04 27.38 17.38
N VAL G 218 30.24 26.50 16.40
CA VAL G 218 29.86 25.11 16.52
C VAL G 218 31.07 24.26 16.25
N GLN G 219 31.46 23.45 17.22
CA GLN G 219 32.66 22.60 17.12
C GLN G 219 32.24 21.20 17.53
#